data_1TUK
# 
_entry.id   1TUK 
# 
_audit_conform.dict_name       mmcif_pdbx.dic 
_audit_conform.dict_version    5.397 
_audit_conform.dict_location   http://mmcif.pdb.org/dictionaries/ascii/mmcif_pdbx.dic 
# 
loop_
_database_2.database_id 
_database_2.database_code 
_database_2.pdbx_database_accession 
_database_2.pdbx_DOI 
PDB   1TUK         pdb_00001tuk 10.2210/pdb1tuk/pdb 
RCSB  RCSB022916   ?            ?                   
WWPDB D_1000022916 ?            ?                   
# 
loop_
_pdbx_audit_revision_history.ordinal 
_pdbx_audit_revision_history.data_content_type 
_pdbx_audit_revision_history.major_revision 
_pdbx_audit_revision_history.minor_revision 
_pdbx_audit_revision_history.revision_date 
1 'Structure model' 1 0 2005-04-05 
2 'Structure model' 1 1 2008-04-30 
3 'Structure model' 1 2 2011-07-13 
4 'Structure model' 1 3 2016-12-28 
5 'Structure model' 1 4 2017-10-11 
6 'Structure model' 1 5 2024-10-30 
# 
_pdbx_audit_revision_details.ordinal             1 
_pdbx_audit_revision_details.revision_ordinal    1 
_pdbx_audit_revision_details.data_content_type   'Structure model' 
_pdbx_audit_revision_details.provider            repository 
_pdbx_audit_revision_details.type                'Initial release' 
_pdbx_audit_revision_details.description         ? 
_pdbx_audit_revision_details.details             ? 
# 
loop_
_pdbx_audit_revision_group.ordinal 
_pdbx_audit_revision_group.revision_ordinal 
_pdbx_audit_revision_group.data_content_type 
_pdbx_audit_revision_group.group 
1 2 'Structure model' 'Version format compliance' 
2 3 'Structure model' 'Version format compliance' 
3 4 'Structure model' 'Structure summary'         
4 5 'Structure model' 'Refinement description'    
5 6 'Structure model' 'Data collection'           
6 6 'Structure model' 'Database references'       
7 6 'Structure model' 'Derived calculations'      
8 6 'Structure model' 'Structure summary'         
# 
loop_
_pdbx_audit_revision_category.ordinal 
_pdbx_audit_revision_category.revision_ordinal 
_pdbx_audit_revision_category.data_content_type 
_pdbx_audit_revision_category.category 
1 5 'Structure model' software                  
2 6 'Structure model' chem_comp_atom            
3 6 'Structure model' chem_comp_bond            
4 6 'Structure model' database_2                
5 6 'Structure model' pdbx_entry_details        
6 6 'Structure model' pdbx_modification_feature 
7 6 'Structure model' struct_site               
# 
loop_
_pdbx_audit_revision_item.ordinal 
_pdbx_audit_revision_item.revision_ordinal 
_pdbx_audit_revision_item.data_content_type 
_pdbx_audit_revision_item.item 
1 5 'Structure model' '_software.name'                      
2 6 'Structure model' '_database_2.pdbx_DOI'                
3 6 'Structure model' '_database_2.pdbx_database_accession' 
4 6 'Structure model' '_struct_site.pdbx_auth_asym_id'      
5 6 'Structure model' '_struct_site.pdbx_auth_comp_id'      
6 6 'Structure model' '_struct_site.pdbx_auth_seq_id'       
# 
_pdbx_database_status.status_code                     REL 
_pdbx_database_status.entry_id                        1TUK 
_pdbx_database_status.recvd_initial_deposition_date   2004-06-25 
_pdbx_database_status.deposit_site                    RCSB 
_pdbx_database_status.process_site                    PDBJ 
_pdbx_database_status.status_code_sf                  REL 
_pdbx_database_status.status_code_mr                  ? 
_pdbx_database_status.SG_entry                        ? 
_pdbx_database_status.status_code_cs                  ? 
_pdbx_database_status.methods_development_category    ? 
_pdbx_database_status.pdb_format_compatible           Y 
_pdbx_database_status.status_code_nmr_data            ? 
# 
_pdbx_database_related.db_name        PDB 
_pdbx_database_related.db_id          1N89 
_pdbx_database_related.details        'NMR structure' 
_pdbx_database_related.content_type   unspecified 
# 
loop_
_audit_author.name 
_audit_author.pdbx_ordinal 
'Hoh, F.'        1 
'Pons, J.L.'     2 
'Gautier, M.F.'  3 
'De Lamotte, F.' 4 
'Dumas, C.'      5 
# 
loop_
_citation.id 
_citation.title 
_citation.journal_abbrev 
_citation.journal_volume 
_citation.page_first 
_citation.page_last 
_citation.year 
_citation.journal_id_ASTM 
_citation.country 
_citation.journal_id_ISSN 
_citation.journal_id_CSD 
_citation.book_publisher 
_citation.pdbx_database_id_PubMed 
_citation.pdbx_database_id_DOI 
primary 'Structure of a liganded type 2 non-specific lipid-transfer protein from wheat and the molecular basis of lipid binding.' 
'Acta Crystallogr.,Sect.D' 61  397   406   2005 ABCRE6 DK 0907-4449 0766 ? 15805594 10.1107/S0907444905000417 
1       'Refined solution structure of a liganded type 2 wheat nonspecific lipid transfer protein'                                
J.BIOL.CHEM.               278 14249 14256 2003 JBCHA3 US 0021-9258 0071 ? 12525478 10.1074/jbc.M211683200    
# 
loop_
_citation_author.citation_id 
_citation_author.name 
_citation_author.ordinal 
_citation_author.identifier_ORCID 
primary 'Hoh, F.'        1 ? 
primary 'Pons, J.L.'     2 ? 
primary 'Gautier, M.F.'  3 ? 
primary 'de Lamotte, F.' 4 ? 
primary 'Dumas, C.'      5 ? 
1       'Pons, J.L.'     6 ? 
1       'de Lamotte, F.' 7 ? 
1       'Gautier, M.F.'  8 ? 
1       'Delsuc, M.A.'   9 ? 
# 
loop_
_entity.id 
_entity.type 
_entity.src_method 
_entity.pdbx_description 
_entity.formula_weight 
_entity.pdbx_number_of_molecules 
_entity.pdbx_ec 
_entity.pdbx_mutation 
_entity.pdbx_fragment 
_entity.details 
1 polymer     nat 'Nonspecific lipid-transfer protein 2G'                         6985.943 1  ? ? ? ? 
2 non-polymer syn 'IODIDE ION'                                                    126.904  2  ? ? ? ? 
3 non-polymer syn '1-MYRISTOYL-2-HYDROXY-SN-GLYCERO-3-[PHOSPHO-RAC-(1-GLYCEROL)]' 483.553  2  ? ? ? ? 
4 water       nat water                                                           18.015   75 ? ? ? ? 
# 
_entity_name_com.entity_id   1 
_entity_name_com.name        'ns-LTP2, LTP2G, Lipid transfer protein 2 isoform 1, LTP2-1, 7 kDa lipid transfer protein 1' 
# 
_entity_poly.entity_id                      1 
_entity_poly.type                           'polypeptide(L)' 
_entity_poly.nstd_linkage                   no 
_entity_poly.nstd_monomer                   no 
_entity_poly.pdbx_seq_one_letter_code       ACQASQLAVCASAILSGAKPSGECCGNLRAQQGCFCQYAKDPTYGQYIRSPHARDTLTSCGLAVPHC 
_entity_poly.pdbx_seq_one_letter_code_can   ACQASQLAVCASAILSGAKPSGECCGNLRAQQGCFCQYAKDPTYGQYIRSPHARDTLTSCGLAVPHC 
_entity_poly.pdbx_strand_id                 A 
_entity_poly.pdbx_target_identifier         ? 
# 
loop_
_pdbx_entity_nonpoly.entity_id 
_pdbx_entity_nonpoly.name 
_pdbx_entity_nonpoly.comp_id 
2 'IODIDE ION'                                                    IOD 
3 '1-MYRISTOYL-2-HYDROXY-SN-GLYCERO-3-[PHOSPHO-RAC-(1-GLYCEROL)]' PGM 
4 water                                                           HOH 
# 
loop_
_entity_poly_seq.entity_id 
_entity_poly_seq.num 
_entity_poly_seq.mon_id 
_entity_poly_seq.hetero 
1 1  ALA n 
1 2  CYS n 
1 3  GLN n 
1 4  ALA n 
1 5  SER n 
1 6  GLN n 
1 7  LEU n 
1 8  ALA n 
1 9  VAL n 
1 10 CYS n 
1 11 ALA n 
1 12 SER n 
1 13 ALA n 
1 14 ILE n 
1 15 LEU n 
1 16 SER n 
1 17 GLY n 
1 18 ALA n 
1 19 LYS n 
1 20 PRO n 
1 21 SER n 
1 22 GLY n 
1 23 GLU n 
1 24 CYS n 
1 25 CYS n 
1 26 GLY n 
1 27 ASN n 
1 28 LEU n 
1 29 ARG n 
1 30 ALA n 
1 31 GLN n 
1 32 GLN n 
1 33 GLY n 
1 34 CYS n 
1 35 PHE n 
1 36 CYS n 
1 37 GLN n 
1 38 TYR n 
1 39 ALA n 
1 40 LYS n 
1 41 ASP n 
1 42 PRO n 
1 43 THR n 
1 44 TYR n 
1 45 GLY n 
1 46 GLN n 
1 47 TYR n 
1 48 ILE n 
1 49 ARG n 
1 50 SER n 
1 51 PRO n 
1 52 HIS n 
1 53 ALA n 
1 54 ARG n 
1 55 ASP n 
1 56 THR n 
1 57 LEU n 
1 58 THR n 
1 59 SER n 
1 60 CYS n 
1 61 GLY n 
1 62 LEU n 
1 63 ALA n 
1 64 VAL n 
1 65 PRO n 
1 66 HIS n 
1 67 CYS n 
# 
_entity_src_nat.entity_id                  1 
_entity_src_nat.pdbx_src_id                1 
_entity_src_nat.pdbx_alt_source_flag       sample 
_entity_src_nat.pdbx_beg_seq_num           ? 
_entity_src_nat.pdbx_end_seq_num           ? 
_entity_src_nat.common_name                'bread wheat' 
_entity_src_nat.pdbx_organism_scientific   'Triticum aestivum' 
_entity_src_nat.pdbx_ncbi_taxonomy_id      4565 
_entity_src_nat.genus                      Triticum 
_entity_src_nat.species                    ? 
_entity_src_nat.strain                     ? 
_entity_src_nat.tissue                     ? 
_entity_src_nat.tissue_fraction            ? 
_entity_src_nat.pdbx_secretion             ? 
_entity_src_nat.pdbx_fragment              ? 
_entity_src_nat.pdbx_variant               ? 
_entity_src_nat.pdbx_cell_line             ? 
_entity_src_nat.pdbx_atcc                  ? 
_entity_src_nat.pdbx_cellular_location     ? 
_entity_src_nat.pdbx_organ                 ? 
_entity_src_nat.pdbx_organelle             ? 
_entity_src_nat.pdbx_cell                  ? 
_entity_src_nat.pdbx_plasmid_name          ? 
_entity_src_nat.pdbx_plasmid_details       ? 
_entity_src_nat.details                    ? 
# 
loop_
_chem_comp.id 
_chem_comp.type 
_chem_comp.mon_nstd_flag 
_chem_comp.name 
_chem_comp.pdbx_synonyms 
_chem_comp.formula 
_chem_comp.formula_weight 
ALA 'L-peptide linking' y ALANINE                                                         ?                        'C3 H7 N O2' 
89.093  
ARG 'L-peptide linking' y ARGININE                                                        ?                        
'C6 H15 N4 O2 1'  175.209 
ASN 'L-peptide linking' y ASPARAGINE                                                      ?                        'C4 H8 N2 O3' 
132.118 
ASP 'L-peptide linking' y 'ASPARTIC ACID'                                                 ?                        'C4 H7 N O4' 
133.103 
CYS 'L-peptide linking' y CYSTEINE                                                        ?                        'C3 H7 N O2 S' 
121.158 
GLN 'L-peptide linking' y GLUTAMINE                                                       ?                        'C5 H10 N2 O3' 
146.144 
GLU 'L-peptide linking' y 'GLUTAMIC ACID'                                                 ?                        'C5 H9 N O4' 
147.129 
GLY 'peptide linking'   y GLYCINE                                                         ?                        'C2 H5 N O2' 
75.067  
HIS 'L-peptide linking' y HISTIDINE                                                       ?                        
'C6 H10 N3 O2 1'  156.162 
HOH non-polymer         . WATER                                                           ?                        'H2 O' 18.015  
ILE 'L-peptide linking' y ISOLEUCINE                                                      ?                        'C6 H13 N O2' 
131.173 
IOD non-polymer         . 'IODIDE ION'                                                    ?                        'I -1' 126.904 
LEU 'L-peptide linking' y LEUCINE                                                         ?                        'C6 H13 N O2' 
131.173 
LYS 'L-peptide linking' y LYSINE                                                          ?                        
'C6 H15 N2 O2 1'  147.195 
PGM non-polymer         . '1-MYRISTOYL-2-HYDROXY-SN-GLYCERO-3-[PHOSPHO-RAC-(1-GLYCEROL)]' LYSOPHOSPHATIDYLGLYCEROL 
'C22 H44 O9 P -1' 483.553 
PHE 'L-peptide linking' y PHENYLALANINE                                                   ?                        'C9 H11 N O2' 
165.189 
PRO 'L-peptide linking' y PROLINE                                                         ?                        'C5 H9 N O2' 
115.130 
SER 'L-peptide linking' y SERINE                                                          ?                        'C3 H7 N O3' 
105.093 
THR 'L-peptide linking' y THREONINE                                                       ?                        'C4 H9 N O3' 
119.119 
TYR 'L-peptide linking' y TYROSINE                                                        ?                        'C9 H11 N O3' 
181.189 
VAL 'L-peptide linking' y VALINE                                                          ?                        'C5 H11 N O2' 
117.146 
# 
loop_
_pdbx_poly_seq_scheme.asym_id 
_pdbx_poly_seq_scheme.entity_id 
_pdbx_poly_seq_scheme.seq_id 
_pdbx_poly_seq_scheme.mon_id 
_pdbx_poly_seq_scheme.ndb_seq_num 
_pdbx_poly_seq_scheme.pdb_seq_num 
_pdbx_poly_seq_scheme.auth_seq_num 
_pdbx_poly_seq_scheme.pdb_mon_id 
_pdbx_poly_seq_scheme.auth_mon_id 
_pdbx_poly_seq_scheme.pdb_strand_id 
_pdbx_poly_seq_scheme.pdb_ins_code 
_pdbx_poly_seq_scheme.hetero 
A 1 1  ALA 1  1  1  ALA ALA A . n 
A 1 2  CYS 2  2  2  CYS CYS A . n 
A 1 3  GLN 3  3  3  GLN GLN A . n 
A 1 4  ALA 4  4  4  ALA ALA A . n 
A 1 5  SER 5  5  5  SER SER A . n 
A 1 6  GLN 6  6  6  GLN GLN A . n 
A 1 7  LEU 7  7  7  LEU LEU A . n 
A 1 8  ALA 8  8  8  ALA ALA A . n 
A 1 9  VAL 9  9  9  VAL VAL A . n 
A 1 10 CYS 10 10 10 CYS CYS A . n 
A 1 11 ALA 11 11 11 ALA ALA A . n 
A 1 12 SER 12 12 12 SER SER A . n 
A 1 13 ALA 13 13 13 ALA ALA A . n 
A 1 14 ILE 14 14 14 ILE ILE A . n 
A 1 15 LEU 15 15 15 LEU LEU A . n 
A 1 16 SER 16 16 16 SER SER A . n 
A 1 17 GLY 17 17 17 GLY GLY A . n 
A 1 18 ALA 18 18 18 ALA ALA A . n 
A 1 19 LYS 19 19 19 LYS LYS A . n 
A 1 20 PRO 20 20 20 PRO PRO A . n 
A 1 21 SER 21 21 21 SER SER A . n 
A 1 22 GLY 22 22 22 GLY GLY A . n 
A 1 23 GLU 23 23 23 GLU GLU A . n 
A 1 24 CYS 24 24 24 CYS CYS A . n 
A 1 25 CYS 25 25 25 CYS CYS A . n 
A 1 26 GLY 26 26 26 GLY GLY A . n 
A 1 27 ASN 27 27 27 ASN ASN A . n 
A 1 28 LEU 28 28 28 LEU LEU A . n 
A 1 29 ARG 29 29 29 ARG ARG A . n 
A 1 30 ALA 30 30 30 ALA ALA A . n 
A 1 31 GLN 31 31 31 GLN GLN A . n 
A 1 32 GLN 32 32 32 GLN GLN A . n 
A 1 33 GLY 33 33 33 GLY GLY A . n 
A 1 34 CYS 34 34 34 CYS CYS A . n 
A 1 35 PHE 35 35 35 PHE PHE A . n 
A 1 36 CYS 36 36 36 CYS CYS A . n 
A 1 37 GLN 37 37 37 GLN GLN A . n 
A 1 38 TYR 38 38 38 TYR TYR A . n 
A 1 39 ALA 39 39 39 ALA ALA A . n 
A 1 40 LYS 40 40 40 LYS LYS A . n 
A 1 41 ASP 41 41 41 ASP ASP A . n 
A 1 42 PRO 42 42 42 PRO PRO A . n 
A 1 43 THR 43 43 43 THR THR A . n 
A 1 44 TYR 44 44 44 TYR TYR A . n 
A 1 45 GLY 45 45 45 GLY GLY A . n 
A 1 46 GLN 46 46 46 GLN GLN A . n 
A 1 47 TYR 47 47 47 TYR TYR A . n 
A 1 48 ILE 48 48 48 ILE ILE A . n 
A 1 49 ARG 49 49 49 ARG ARG A . n 
A 1 50 SER 50 50 50 SER SER A . n 
A 1 51 PRO 51 51 51 PRO PRO A . n 
A 1 52 HIS 52 52 52 HIS HIS A . n 
A 1 53 ALA 53 53 53 ALA ALA A . n 
A 1 54 ARG 54 54 54 ARG ARG A . n 
A 1 55 ASP 55 55 55 ASP ASP A . n 
A 1 56 THR 56 56 56 THR THR A . n 
A 1 57 LEU 57 57 57 LEU LEU A . n 
A 1 58 THR 58 58 58 THR THR A . n 
A 1 59 SER 59 59 59 SER SER A . n 
A 1 60 CYS 60 60 60 CYS CYS A . n 
A 1 61 GLY 61 61 61 GLY GLY A . n 
A 1 62 LEU 62 62 62 LEU LEU A . n 
A 1 63 ALA 63 63 63 ALA ALA A . n 
A 1 64 VAL 64 64 64 VAL VAL A . n 
A 1 65 PRO 65 65 65 PRO PRO A . n 
A 1 66 HIS 66 66 66 HIS HIS A . n 
A 1 67 CYS 67 67 67 CYS CYS A . n 
# 
loop_
_pdbx_nonpoly_scheme.asym_id 
_pdbx_nonpoly_scheme.entity_id 
_pdbx_nonpoly_scheme.mon_id 
_pdbx_nonpoly_scheme.ndb_seq_num 
_pdbx_nonpoly_scheme.pdb_seq_num 
_pdbx_nonpoly_scheme.auth_seq_num 
_pdbx_nonpoly_scheme.pdb_mon_id 
_pdbx_nonpoly_scheme.auth_mon_id 
_pdbx_nonpoly_scheme.pdb_strand_id 
_pdbx_nonpoly_scheme.pdb_ins_code 
B 2 IOD 1  101 101 IOD IDO A . 
C 2 IOD 1  102 102 IOD IDO A . 
D 3 PGM 1  103 103 PGM PGM A . 
E 3 PGM 1  104 104 PGM PGM A . 
F 4 HOH 1  105 1   HOH HOH A . 
F 4 HOH 2  106 2   HOH HOH A . 
F 4 HOH 3  107 3   HOH HOH A . 
F 4 HOH 4  108 4   HOH HOH A . 
F 4 HOH 5  109 5   HOH HOH A . 
F 4 HOH 6  110 6   HOH HOH A . 
F 4 HOH 7  111 7   HOH HOH A . 
F 4 HOH 8  112 8   HOH HOH A . 
F 4 HOH 9  113 9   HOH HOH A . 
F 4 HOH 10 114 10  HOH HOH A . 
F 4 HOH 11 115 11  HOH HOH A . 
F 4 HOH 12 116 12  HOH HOH A . 
F 4 HOH 13 117 13  HOH HOH A . 
F 4 HOH 14 118 14  HOH HOH A . 
F 4 HOH 15 119 15  HOH HOH A . 
F 4 HOH 16 120 16  HOH HOH A . 
F 4 HOH 17 121 17  HOH HOH A . 
F 4 HOH 18 122 18  HOH HOH A . 
F 4 HOH 19 123 19  HOH HOH A . 
F 4 HOH 20 124 20  HOH HOH A . 
F 4 HOH 21 125 22  HOH HOH A . 
F 4 HOH 22 126 23  HOH HOH A . 
F 4 HOH 23 127 24  HOH HOH A . 
F 4 HOH 24 128 25  HOH HOH A . 
F 4 HOH 25 129 26  HOH HOH A . 
F 4 HOH 26 130 27  HOH HOH A . 
F 4 HOH 27 131 28  HOH HOH A . 
F 4 HOH 28 132 29  HOH HOH A . 
F 4 HOH 29 133 30  HOH HOH A . 
F 4 HOH 30 134 31  HOH HOH A . 
F 4 HOH 31 135 32  HOH HOH A . 
F 4 HOH 32 136 33  HOH HOH A . 
F 4 HOH 33 137 34  HOH HOH A . 
F 4 HOH 34 138 35  HOH HOH A . 
F 4 HOH 35 139 36  HOH HOH A . 
F 4 HOH 36 140 37  HOH HOH A . 
F 4 HOH 37 141 38  HOH HOH A . 
F 4 HOH 38 142 39  HOH HOH A . 
F 4 HOH 39 143 40  HOH HOH A . 
F 4 HOH 40 144 41  HOH HOH A . 
F 4 HOH 41 145 42  HOH HOH A . 
F 4 HOH 42 146 43  HOH HOH A . 
F 4 HOH 43 147 44  HOH HOH A . 
F 4 HOH 44 148 45  HOH HOH A . 
F 4 HOH 45 149 46  HOH HOH A . 
F 4 HOH 46 150 47  HOH HOH A . 
F 4 HOH 47 151 48  HOH HOH A . 
F 4 HOH 48 152 49  HOH HOH A . 
F 4 HOH 49 153 50  HOH HOH A . 
F 4 HOH 50 154 51  HOH HOH A . 
F 4 HOH 51 155 52  HOH HOH A . 
F 4 HOH 52 156 53  HOH HOH A . 
F 4 HOH 53 157 54  HOH HOH A . 
F 4 HOH 54 158 55  HOH HOH A . 
F 4 HOH 55 159 57  HOH HOH A . 
F 4 HOH 56 160 58  HOH HOH A . 
F 4 HOH 57 161 59  HOH HOH A . 
F 4 HOH 58 162 60  HOH HOH A . 
F 4 HOH 59 163 61  HOH HOH A . 
F 4 HOH 60 164 62  HOH HOH A . 
F 4 HOH 61 165 63  HOH HOH A . 
F 4 HOH 62 166 64  HOH HOH A . 
F 4 HOH 63 167 65  HOH HOH A . 
F 4 HOH 64 168 66  HOH HOH A . 
F 4 HOH 65 169 67  HOH HOH A . 
F 4 HOH 66 170 68  HOH HOH A . 
F 4 HOH 67 171 69  HOH HOH A . 
F 4 HOH 68 172 70  HOH HOH A . 
F 4 HOH 69 173 71  HOH HOH A . 
F 4 HOH 70 174 72  HOH HOH A . 
F 4 HOH 71 175 73  HOH HOH A . 
F 4 HOH 72 176 75  HOH HOH A . 
F 4 HOH 73 177 76  HOH HOH A . 
F 4 HOH 74 178 78  HOH HOH A . 
F 4 HOH 75 179 79  HOH HOH A . 
# 
loop_
_pdbx_unobs_or_zero_occ_atoms.id 
_pdbx_unobs_or_zero_occ_atoms.PDB_model_num 
_pdbx_unobs_or_zero_occ_atoms.polymer_flag 
_pdbx_unobs_or_zero_occ_atoms.occupancy_flag 
_pdbx_unobs_or_zero_occ_atoms.auth_asym_id 
_pdbx_unobs_or_zero_occ_atoms.auth_comp_id 
_pdbx_unobs_or_zero_occ_atoms.auth_seq_id 
_pdbx_unobs_or_zero_occ_atoms.PDB_ins_code 
_pdbx_unobs_or_zero_occ_atoms.auth_atom_id 
_pdbx_unobs_or_zero_occ_atoms.label_alt_id 
_pdbx_unobs_or_zero_occ_atoms.label_asym_id 
_pdbx_unobs_or_zero_occ_atoms.label_comp_id 
_pdbx_unobs_or_zero_occ_atoms.label_seq_id 
_pdbx_unobs_or_zero_occ_atoms.label_atom_id 
1  1 N 1 A PGM 104 ? C1  ? E PGM 1 C1  
2  1 N 1 A PGM 104 ? O1  ? E PGM 1 O1  
3  1 N 1 A PGM 104 ? C2  ? E PGM 1 C2  
4  1 N 1 A PGM 104 ? O2  ? E PGM 1 O2  
5  1 N 1 A PGM 104 ? C3  ? E PGM 1 C3  
6  1 N 1 A PGM 104 ? O4  ? E PGM 1 O4  
7  1 N 1 A PGM 104 ? P5  ? E PGM 1 P5  
8  1 N 1 A PGM 104 ? O5A ? E PGM 1 O5A 
9  1 N 1 A PGM 104 ? O5B ? E PGM 1 O5B 
10 1 N 1 A PGM 104 ? O6  ? E PGM 1 O6  
11 1 N 1 A PGM 104 ? C7  ? E PGM 1 C7  
12 1 N 1 A PGM 104 ? C8  ? E PGM 1 C8  
13 1 N 1 A PGM 104 ? O8  ? E PGM 1 O8  
14 1 N 1 A PGM 104 ? C9  ? E PGM 1 C9  
15 1 N 1 A PGM 104 ? OQ1 ? E PGM 1 OQ1 
16 1 N 1 A PGM 104 ? OQ2 ? E PGM 1 OQ2 
17 1 N 1 A PGM 104 ? CA  ? E PGM 1 CA  
18 1 N 1 A PGM 104 ? CB  ? E PGM 1 CB  
19 1 N 1 A PGM 104 ? CC  ? E PGM 1 CC  
20 1 N 1 A PGM 104 ? CD  ? E PGM 1 CD  
21 1 N 1 A PGM 104 ? CE  ? E PGM 1 CE  
22 1 N 1 A PGM 104 ? CF  ? E PGM 1 CF  
# 
loop_
_software.name 
_software.classification 
_software.version 
_software.citation_id 
_software.pdbx_ordinal 
REFMAC refinement       5.2.0003  ? 1 
MOSFLM 'data reduction' .         ? 2 
CCP4   'data scaling'   '(SCALA)' ? 3 
SnB    phasing          .         ? 4 
# 
_cell.entry_id           1TUK 
_cell.length_a           61.465 
_cell.length_b           29.320 
_cell.length_c           41.550 
_cell.angle_alpha        90.00 
_cell.angle_beta         127.65 
_cell.angle_gamma        90.00 
_cell.Z_PDB              4 
_cell.pdbx_unique_axis   ? 
_cell.length_a_esd       ? 
_cell.length_b_esd       ? 
_cell.length_c_esd       ? 
_cell.angle_alpha_esd    ? 
_cell.angle_beta_esd     ? 
_cell.angle_gamma_esd    ? 
# 
_symmetry.entry_id                         1TUK 
_symmetry.space_group_name_H-M             'C 1 2 1' 
_symmetry.pdbx_full_space_group_name_H-M   ? 
_symmetry.cell_setting                     ? 
_symmetry.Int_Tables_number                5 
_symmetry.space_group_name_Hall            ? 
# 
_exptl.entry_id          1TUK 
_exptl.method            'X-RAY DIFFRACTION' 
_exptl.crystals_number   1 
# 
_exptl_crystal.id                    1 
_exptl_crystal.density_meas          ? 
_exptl_crystal.density_Matthews      1.91 
_exptl_crystal.density_percent_sol   35.5 
_exptl_crystal.description           ? 
_exptl_crystal.F_000                 ? 
_exptl_crystal.preparation           ? 
# 
_exptl_crystal_grow.crystal_id      1 
_exptl_crystal_grow.method          'VAPOR DIFFUSION, HANGING DROP' 
_exptl_crystal_grow.temp            298 
_exptl_crystal_grow.temp_details    ? 
_exptl_crystal_grow.pH              6 
_exptl_crystal_grow.pdbx_details    'PEG 6000, VAPOR DIFFUSION, HANGING DROP, temperature 298K' 
_exptl_crystal_grow.pdbx_pH_range   . 
# 
_diffrn.id                     1 
_diffrn.ambient_temp           100 
_diffrn.ambient_temp_details   ? 
_diffrn.crystal_id             1 
# 
_diffrn_detector.diffrn_id              1 
_diffrn_detector.detector               CCD 
_diffrn_detector.type                   MARRESEARCH 
_diffrn_detector.pdbx_collection_date   2002-09-16 
_diffrn_detector.details                ? 
# 
_diffrn_radiation.diffrn_id                        1 
_diffrn_radiation.wavelength_id                    1 
_diffrn_radiation.pdbx_monochromatic_or_laue_m_l   M 
_diffrn_radiation.monochromator                    Mirror 
_diffrn_radiation.pdbx_diffrn_protocol             'SINGLE WAVELENGTH' 
_diffrn_radiation.pdbx_scattering_type             x-ray 
# 
_diffrn_radiation_wavelength.id           1 
_diffrn_radiation_wavelength.wavelength   0.80 
_diffrn_radiation_wavelength.wt           1.0 
# 
_diffrn_source.diffrn_id                   1 
_diffrn_source.source                      SYNCHROTRON 
_diffrn_source.type                        'ESRF BEAMLINE BM14' 
_diffrn_source.pdbx_synchrotron_site       ESRF 
_diffrn_source.pdbx_synchrotron_beamline   BM14 
_diffrn_source.pdbx_wavelength             ? 
_diffrn_source.pdbx_wavelength_list        0.80 
# 
_reflns.entry_id                     1TUK 
_reflns.observed_criterion_sigma_F   0. 
_reflns.observed_criterion_sigma_I   0. 
_reflns.d_resolution_high            1.12 
_reflns.d_resolution_low             32.97 
_reflns.number_all                   22535 
_reflns.number_obs                   22535 
_reflns.percent_possible_obs         94.8 
_reflns.pdbx_Rmerge_I_obs            ? 
_reflns.pdbx_Rsym_value              ? 
_reflns.pdbx_netI_over_sigmaI        ? 
_reflns.B_iso_Wilson_estimate        ? 
_reflns.pdbx_redundancy              ? 
_reflns.R_free_details               ? 
_reflns.limit_h_max                  ? 
_reflns.limit_h_min                  ? 
_reflns.limit_k_max                  ? 
_reflns.limit_k_min                  ? 
_reflns.limit_l_max                  ? 
_reflns.limit_l_min                  ? 
_reflns.observed_criterion_F_max     ? 
_reflns.observed_criterion_F_min     ? 
_reflns.pdbx_chi_squared             ? 
_reflns.pdbx_scaling_rejects         ? 
_reflns.pdbx_ordinal                 1 
_reflns.pdbx_diffrn_id               1 
# 
_reflns_shell.d_res_high             1.123 
_reflns_shell.d_res_low              1.153 
_reflns_shell.percent_possible_all   79.71 
_reflns_shell.Rmerge_I_obs           ? 
_reflns_shell.pdbx_Rsym_value        ? 
_reflns_shell.meanI_over_sigI_obs    ? 
_reflns_shell.pdbx_redundancy        ? 
_reflns_shell.percent_possible_obs   ? 
_reflns_shell.number_unique_all      ? 
_reflns_shell.number_measured_all    ? 
_reflns_shell.number_measured_obs    ? 
_reflns_shell.number_unique_obs      ? 
_reflns_shell.pdbx_chi_squared       ? 
_reflns_shell.pdbx_ordinal           1 
_reflns_shell.pdbx_diffrn_id         1 
# 
_refine.entry_id                                 1TUK 
_refine.ls_number_reflns_obs                     22496 
_refine.ls_number_reflns_all                     21350 
_refine.pdbx_ls_sigma_I                          ? 
_refine.pdbx_ls_sigma_F                          0.0 
_refine.pdbx_data_cutoff_high_absF               ? 
_refine.pdbx_data_cutoff_low_absF                ? 
_refine.pdbx_data_cutoff_high_rms_absF           ? 
_refine.ls_d_res_low                             32.9 
_refine.ls_d_res_high                            1.12 
_refine.ls_percent_reflns_obs                    94.8 
_refine.ls_R_factor_obs                          0.138 
_refine.ls_R_factor_all                          0.138 
_refine.ls_R_factor_R_work                       0.137 
_refine.ls_R_factor_R_free                       0.162 
_refine.ls_R_factor_R_free_error                 ? 
_refine.ls_R_factor_R_free_error_details         ? 
_refine.ls_percent_reflns_R_free                 5.1 
_refine.ls_number_reflns_R_free                  1097 
_refine.ls_number_parameters                     ? 
_refine.ls_number_restraints                     ? 
_refine.occupancy_min                            ? 
_refine.occupancy_max                            ? 
_refine.correlation_coeff_Fo_to_Fc               0.969 
_refine.correlation_coeff_Fo_to_Fc_free          0.970 
_refine.B_iso_mean                               12.01 
_refine.aniso_B[1][1]                            0.23000 
_refine.aniso_B[2][2]                            -0.58000 
_refine.aniso_B[3][3]                            0.80000 
_refine.aniso_B[1][2]                            0.00000 
_refine.aniso_B[1][3]                            0.37000 
_refine.aniso_B[2][3]                            0.00000 
_refine.solvent_model_details                    'BABINET MODEL WITH MASK' 
_refine.solvent_model_param_ksol                 ? 
_refine.solvent_model_param_bsol                 ? 
_refine.pdbx_solvent_vdw_probe_radii             1.20 
_refine.pdbx_solvent_ion_probe_radii             0.80 
_refine.pdbx_solvent_shrinkage_radii             0.80 
_refine.pdbx_ls_cross_valid_method               THROUGHOUT 
_refine.details                                  ? 
_refine.pdbx_starting_model                      ? 
_refine.pdbx_method_to_determine_struct          'AB INITIO PHASING' 
_refine.pdbx_isotropic_thermal_model             ? 
_refine.pdbx_stereochemistry_target_values       'MAXIMUM LIKELIHOOD' 
_refine.pdbx_stereochem_target_val_spec_case     ? 
_refine.pdbx_R_Free_selection_details            RANDOM 
_refine.pdbx_overall_ESU_R                       0.032 
_refine.pdbx_overall_ESU_R_Free                  0.029 
_refine.overall_SU_ML                            0.018 
_refine.overall_SU_B                             0.855 
_refine.ls_redundancy_reflns_obs                 ? 
_refine.B_iso_min                                ? 
_refine.B_iso_max                                ? 
_refine.overall_SU_R_Cruickshank_DPI             ? 
_refine.overall_SU_R_free                        ? 
_refine.ls_wR_factor_R_free                      ? 
_refine.ls_wR_factor_R_work                      ? 
_refine.overall_FOM_free_R_set                   ? 
_refine.overall_FOM_work_R_set                   ? 
_refine.pdbx_refine_id                           'X-RAY DIFFRACTION' 
_refine.pdbx_overall_phase_error                 ? 
_refine.pdbx_diffrn_id                           1 
_refine.pdbx_TLS_residual_ADP_flag               ? 
_refine.pdbx_overall_SU_R_free_Cruickshank_DPI   ? 
_refine.pdbx_overall_SU_R_Blow_DPI               ? 
_refine.pdbx_overall_SU_R_free_Blow_DPI          ? 
# 
_refine_hist.pdbx_refine_id                   'X-RAY DIFFRACTION' 
_refine_hist.cycle_id                         LAST 
_refine_hist.pdbx_number_atoms_protein        483 
_refine_hist.pdbx_number_atoms_nucleic_acid   0 
_refine_hist.pdbx_number_atoms_ligand         44 
_refine_hist.number_atoms_solvent             75 
_refine_hist.number_atoms_total               602 
_refine_hist.d_res_high                       1.12 
_refine_hist.d_res_low                        32.9 
# 
loop_
_refine_ls_restr.type 
_refine_ls_restr.dev_ideal 
_refine_ls_restr.dev_ideal_target 
_refine_ls_restr.weight 
_refine_ls_restr.number 
_refine_ls_restr.pdbx_refine_id 
_refine_ls_restr.pdbx_restraint_function 
r_bond_refined_d             0.020  0.021  ? 551  'X-RAY DIFFRACTION' ? 
r_bond_other_d               0.003  0.020  ? 500  'X-RAY DIFFRACTION' ? 
r_angle_refined_deg          1.937  2.017  ? 738  'X-RAY DIFFRACTION' ? 
r_angle_other_deg            3.493  3.000  ? 1181 'X-RAY DIFFRACTION' ? 
r_dihedral_angle_1_deg       5.336  5.000  ? 66   'X-RAY DIFFRACTION' ? 
r_dihedral_angle_2_deg       46.855 23.636 ? 22   'X-RAY DIFFRACTION' ? 
r_dihedral_angle_3_deg       12.830 15.000 ? 80   'X-RAY DIFFRACTION' ? 
r_dihedral_angle_4_deg       27.839 15.000 ? 4    'X-RAY DIFFRACTION' ? 
r_chiral_restr               0.128  0.200  ? 75   'X-RAY DIFFRACTION' ? 
r_gen_planes_refined         0.010  0.020  ? 590  'X-RAY DIFFRACTION' ? 
r_gen_planes_other           0.007  0.020  ? 100  'X-RAY DIFFRACTION' ? 
r_nbd_refined                0.303  0.200  ? 144  'X-RAY DIFFRACTION' ? 
r_nbd_other                  0.247  0.200  ? 491  'X-RAY DIFFRACTION' ? 
r_nbtor_refined              0.187  0.200  ? 262  'X-RAY DIFFRACTION' ? 
r_nbtor_other                0.093  0.200  ? 303  'X-RAY DIFFRACTION' ? 
r_xyhbond_nbd_refined        0.401  0.200  ? 77   'X-RAY DIFFRACTION' ? 
r_xyhbond_nbd_other          ?      ?      ? ?    'X-RAY DIFFRACTION' ? 
r_metal_ion_refined          ?      ?      ? ?    'X-RAY DIFFRACTION' ? 
r_metal_ion_other            ?      ?      ? ?    'X-RAY DIFFRACTION' ? 
r_symmetry_vdw_refined       0.660  0.200  ? 28   'X-RAY DIFFRACTION' ? 
r_symmetry_vdw_other         0.388  0.200  ? 46   'X-RAY DIFFRACTION' ? 
r_symmetry_hbond_refined     0.456  0.200  ? 29   'X-RAY DIFFRACTION' ? 
r_symmetry_hbond_other       ?      ?      ? ?    'X-RAY DIFFRACTION' ? 
r_symmetry_metal_ion_refined ?      ?      ? ?    'X-RAY DIFFRACTION' ? 
r_symmetry_metal_ion_other   ?      ?      ? ?    'X-RAY DIFFRACTION' ? 
r_mcbond_it                  2.313  1.500  ? 339  'X-RAY DIFFRACTION' ? 
r_mcbond_other               1.325  1.500  ? 138  'X-RAY DIFFRACTION' ? 
r_mcangle_it                 3.190  2.000  ? 533  'X-RAY DIFFRACTION' ? 
r_scbond_it                  4.442  3.000  ? 225  'X-RAY DIFFRACTION' ? 
r_scangle_it                 6.124  4.500  ? 205  'X-RAY DIFFRACTION' ? 
r_rigid_bond_restr           ?      ?      ? ?    'X-RAY DIFFRACTION' ? 
r_sphericity_free            ?      ?      ? ?    'X-RAY DIFFRACTION' ? 
r_sphericity_bonded          ?      ?      ? ?    'X-RAY DIFFRACTION' ? 
# 
_refine_ls_shell.pdbx_total_number_of_bins_used   20 
_refine_ls_shell.d_res_high                       1.123 
_refine_ls_shell.d_res_low                        1.153 
_refine_ls_shell.number_reflns_R_work             1269 
_refine_ls_shell.R_factor_R_work                  0.253 
_refine_ls_shell.percent_reflns_obs               79.71 
_refine_ls_shell.R_factor_R_free                  0.227 
_refine_ls_shell.R_factor_R_free_error            ? 
_refine_ls_shell.percent_reflns_R_free            ? 
_refine_ls_shell.number_reflns_R_free             55 
_refine_ls_shell.number_reflns_obs                ? 
_refine_ls_shell.redundancy_reflns_obs            ? 
_refine_ls_shell.number_reflns_all                ? 
_refine_ls_shell.pdbx_refine_id                   'X-RAY DIFFRACTION' 
_refine_ls_shell.R_factor_all                     ? 
# 
_struct.entry_id                  1TUK 
_struct.title                     'Crystal structure of liganded type 2 non specific lipid transfer protein from wheat' 
_struct.pdbx_model_details        ? 
_struct.pdbx_CASP_flag            ? 
_struct.pdbx_model_type_details   ? 
# 
_struct_keywords.entry_id        1TUK 
_struct_keywords.pdbx_keywords   'LIPID TRANSPORT' 
_struct_keywords.text            'ns-LTP2, lipid transfer protein, LIPID TRANSPORT' 
# 
loop_
_struct_asym.id 
_struct_asym.pdbx_blank_PDB_chainid_flag 
_struct_asym.pdbx_modified 
_struct_asym.entity_id 
_struct_asym.details 
A N N 1 ? 
B N N 2 ? 
C N N 2 ? 
D N N 3 ? 
E N N 3 ? 
F N N 4 ? 
# 
_struct_ref.id                         1 
_struct_ref.db_name                    UNP 
_struct_ref.db_code                    NLT2G_WHEAT 
_struct_ref.pdbx_db_accession          P82900 
_struct_ref.entity_id                  1 
_struct_ref.pdbx_seq_one_letter_code   ACQASQLAVCASAILSGAKPSGECCGNLRAQQGCFCQYAKDPTYGQYIRSPHARDTLTSCGLAVPHC 
_struct_ref.pdbx_align_begin           1 
_struct_ref.pdbx_db_isoform            ? 
# 
_struct_ref_seq.align_id                      1 
_struct_ref_seq.ref_id                        1 
_struct_ref_seq.pdbx_PDB_id_code              1TUK 
_struct_ref_seq.pdbx_strand_id                A 
_struct_ref_seq.seq_align_beg                 1 
_struct_ref_seq.pdbx_seq_align_beg_ins_code   ? 
_struct_ref_seq.seq_align_end                 67 
_struct_ref_seq.pdbx_seq_align_end_ins_code   ? 
_struct_ref_seq.pdbx_db_accession             P82900 
_struct_ref_seq.db_align_beg                  1 
_struct_ref_seq.pdbx_db_align_beg_ins_code    ? 
_struct_ref_seq.db_align_end                  67 
_struct_ref_seq.pdbx_db_align_end_ins_code    ? 
_struct_ref_seq.pdbx_auth_seq_align_beg       1 
_struct_ref_seq.pdbx_auth_seq_align_end       67 
# 
_pdbx_struct_assembly.id                   1 
_pdbx_struct_assembly.details              author_defined_assembly 
_pdbx_struct_assembly.method_details       ? 
_pdbx_struct_assembly.oligomeric_details   monomeric 
_pdbx_struct_assembly.oligomeric_count     1 
# 
_pdbx_struct_assembly_gen.assembly_id       1 
_pdbx_struct_assembly_gen.oper_expression   1 
_pdbx_struct_assembly_gen.asym_id_list      A,B,C,D,E,F 
# 
_pdbx_struct_oper_list.id                   1 
_pdbx_struct_oper_list.type                 'identity operation' 
_pdbx_struct_oper_list.name                 1_555 
_pdbx_struct_oper_list.symmetry_operation   x,y,z 
_pdbx_struct_oper_list.matrix[1][1]         1.0000000000 
_pdbx_struct_oper_list.matrix[1][2]         0.0000000000 
_pdbx_struct_oper_list.matrix[1][3]         0.0000000000 
_pdbx_struct_oper_list.vector[1]            0.0000000000 
_pdbx_struct_oper_list.matrix[2][1]         0.0000000000 
_pdbx_struct_oper_list.matrix[2][2]         1.0000000000 
_pdbx_struct_oper_list.matrix[2][3]         0.0000000000 
_pdbx_struct_oper_list.vector[2]            0.0000000000 
_pdbx_struct_oper_list.matrix[3][1]         0.0000000000 
_pdbx_struct_oper_list.matrix[3][2]         0.0000000000 
_pdbx_struct_oper_list.matrix[3][3]         1.0000000000 
_pdbx_struct_oper_list.vector[3]            0.0000000000 
# 
_struct_biol.id                    1 
_struct_biol.pdbx_parent_biol_id   ? 
_struct_biol.details               ? 
# 
loop_
_struct_conf.conf_type_id 
_struct_conf.id 
_struct_conf.pdbx_PDB_helix_id 
_struct_conf.beg_label_comp_id 
_struct_conf.beg_label_asym_id 
_struct_conf.beg_label_seq_id 
_struct_conf.pdbx_beg_PDB_ins_code 
_struct_conf.end_label_comp_id 
_struct_conf.end_label_asym_id 
_struct_conf.end_label_seq_id 
_struct_conf.pdbx_end_PDB_ins_code 
_struct_conf.beg_auth_comp_id 
_struct_conf.beg_auth_asym_id 
_struct_conf.beg_auth_seq_id 
_struct_conf.end_auth_comp_id 
_struct_conf.end_auth_asym_id 
_struct_conf.end_auth_seq_id 
_struct_conf.pdbx_PDB_helix_class 
_struct_conf.details 
_struct_conf.pdbx_PDB_helix_length 
HELX_P HELX_P1 1 GLN A 3  ? VAL A 9  ? GLN A 3  VAL A 9  5 ? 7  
HELX_P HELX_P2 2 CYS A 10 ? GLY A 17 ? CYS A 10 GLY A 17 1 ? 8  
HELX_P HELX_P3 3 SER A 21 ? GLN A 32 ? SER A 21 GLN A 32 1 ? 12 
HELX_P HELX_P4 4 CYS A 34 ? ALA A 39 ? CYS A 34 ALA A 39 1 ? 6  
HELX_P HELX_P5 5 TYR A 44 ? ARG A 49 ? TYR A 44 ARG A 49 1 ? 6  
HELX_P HELX_P6 6 SER A 50 ? CYS A 60 ? SER A 50 CYS A 60 1 ? 11 
# 
_struct_conf_type.id          HELX_P 
_struct_conf_type.criteria    ? 
_struct_conf_type.reference   ? 
# 
loop_
_struct_conn.id 
_struct_conn.conn_type_id 
_struct_conn.pdbx_leaving_atom_flag 
_struct_conn.pdbx_PDB_id 
_struct_conn.ptnr1_label_asym_id 
_struct_conn.ptnr1_label_comp_id 
_struct_conn.ptnr1_label_seq_id 
_struct_conn.ptnr1_label_atom_id 
_struct_conn.pdbx_ptnr1_label_alt_id 
_struct_conn.pdbx_ptnr1_PDB_ins_code 
_struct_conn.pdbx_ptnr1_standard_comp_id 
_struct_conn.ptnr1_symmetry 
_struct_conn.ptnr2_label_asym_id 
_struct_conn.ptnr2_label_comp_id 
_struct_conn.ptnr2_label_seq_id 
_struct_conn.ptnr2_label_atom_id 
_struct_conn.pdbx_ptnr2_label_alt_id 
_struct_conn.pdbx_ptnr2_PDB_ins_code 
_struct_conn.ptnr1_auth_asym_id 
_struct_conn.ptnr1_auth_comp_id 
_struct_conn.ptnr1_auth_seq_id 
_struct_conn.ptnr2_auth_asym_id 
_struct_conn.ptnr2_auth_comp_id 
_struct_conn.ptnr2_auth_seq_id 
_struct_conn.ptnr2_symmetry 
_struct_conn.pdbx_ptnr3_label_atom_id 
_struct_conn.pdbx_ptnr3_label_seq_id 
_struct_conn.pdbx_ptnr3_label_comp_id 
_struct_conn.pdbx_ptnr3_label_asym_id 
_struct_conn.pdbx_ptnr3_label_alt_id 
_struct_conn.pdbx_ptnr3_PDB_ins_code 
_struct_conn.details 
_struct_conn.pdbx_dist_value 
_struct_conn.pdbx_value_order 
_struct_conn.pdbx_role 
disulf1 disulf ? ? A CYS 2  SG ? ? ? 1_555 A CYS 34 SG ? ? A CYS 2  A CYS 34 1_555 ? ? ? ? ? ? ? 2.047 ? ? 
disulf2 disulf ? ? A CYS 10 SG ? ? ? 1_555 A CYS 24 SG ? ? A CYS 10 A CYS 24 1_555 ? ? ? ? ? ? ? 2.057 ? ? 
disulf3 disulf ? ? A CYS 25 SG ? ? ? 1_555 A CYS 60 SG ? ? A CYS 25 A CYS 60 1_555 ? ? ? ? ? ? ? 2.028 ? ? 
disulf4 disulf ? ? A CYS 36 SG ? ? ? 1_555 A CYS 67 SG ? ? A CYS 36 A CYS 67 1_555 ? ? ? ? ? ? ? 2.036 ? ? 
# 
_struct_conn_type.id          disulf 
_struct_conn_type.criteria    ? 
_struct_conn_type.reference   ? 
# 
loop_
_pdbx_modification_feature.ordinal 
_pdbx_modification_feature.label_comp_id 
_pdbx_modification_feature.label_asym_id 
_pdbx_modification_feature.label_seq_id 
_pdbx_modification_feature.label_alt_id 
_pdbx_modification_feature.modified_residue_label_comp_id 
_pdbx_modification_feature.modified_residue_label_asym_id 
_pdbx_modification_feature.modified_residue_label_seq_id 
_pdbx_modification_feature.modified_residue_label_alt_id 
_pdbx_modification_feature.auth_comp_id 
_pdbx_modification_feature.auth_asym_id 
_pdbx_modification_feature.auth_seq_id 
_pdbx_modification_feature.PDB_ins_code 
_pdbx_modification_feature.symmetry 
_pdbx_modification_feature.modified_residue_auth_comp_id 
_pdbx_modification_feature.modified_residue_auth_asym_id 
_pdbx_modification_feature.modified_residue_auth_seq_id 
_pdbx_modification_feature.modified_residue_PDB_ins_code 
_pdbx_modification_feature.modified_residue_symmetry 
_pdbx_modification_feature.comp_id_linking_atom 
_pdbx_modification_feature.modified_residue_id_linking_atom 
_pdbx_modification_feature.modified_residue_id 
_pdbx_modification_feature.ref_pcm_id 
_pdbx_modification_feature.ref_comp_id 
_pdbx_modification_feature.type 
_pdbx_modification_feature.category 
1 CYS A 2  ? CYS A 34 ? CYS A 2  ? 1_555 CYS A 34 ? 1_555 SG SG . . . None 'Disulfide bridge' 
2 CYS A 10 ? CYS A 24 ? CYS A 10 ? 1_555 CYS A 24 ? 1_555 SG SG . . . None 'Disulfide bridge' 
3 CYS A 25 ? CYS A 60 ? CYS A 25 ? 1_555 CYS A 60 ? 1_555 SG SG . . . None 'Disulfide bridge' 
4 CYS A 36 ? CYS A 67 ? CYS A 36 ? 1_555 CYS A 67 ? 1_555 SG SG . . . None 'Disulfide bridge' 
# 
loop_
_struct_site.id 
_struct_site.pdbx_evidence_code 
_struct_site.pdbx_auth_asym_id 
_struct_site.pdbx_auth_comp_id 
_struct_site.pdbx_auth_seq_id 
_struct_site.pdbx_auth_ins_code 
_struct_site.pdbx_num_residues 
_struct_site.details 
AC1 Software A IOD 101 ? 4  'BINDING SITE FOR RESIDUE IOD A 101' 
AC2 Software A IOD 102 ? 1  'BINDING SITE FOR RESIDUE IOD A 102' 
AC3 Software A PGM 103 ? 23 'BINDING SITE FOR RESIDUE PGM A 103' 
AC4 Software A PGM 104 ? 3  'BINDING SITE FOR RESIDUE PGM A 104' 
# 
loop_
_struct_site_gen.id 
_struct_site_gen.site_id 
_struct_site_gen.pdbx_num_res 
_struct_site_gen.label_comp_id 
_struct_site_gen.label_asym_id 
_struct_site_gen.label_seq_id 
_struct_site_gen.pdbx_auth_ins_code 
_struct_site_gen.auth_comp_id 
_struct_site_gen.auth_asym_id 
_struct_site_gen.auth_seq_id 
_struct_site_gen.label_atom_id 
_struct_site_gen.label_alt_id 
_struct_site_gen.symmetry 
_struct_site_gen.details 
1  AC1 4  ARG A 29 ? ARG A 29  . ? 1_555 ? 
2  AC1 4  ARG A 29 ? ARG A 29  . ? 2_655 ? 
3  AC1 4  GLN A 32 ? GLN A 32  . ? 2_655 ? 
4  AC1 4  GLN A 32 ? GLN A 32  . ? 1_555 ? 
5  AC2 1  SER A 12 ? SER A 12  . ? 2_656 ? 
6  AC3 23 ILE A 14 ? ILE A 14  . ? 1_555 ? 
7  AC3 23 LYS A 19 ? LYS A 19  . ? 1_565 ? 
8  AC3 23 ALA A 39 ? ALA A 39  . ? 1_555 ? 
9  AC3 23 LYS A 40 ? LYS A 40  . ? 1_555 ? 
10 AC3 23 PRO A 42 ? PRO A 42  . ? 1_555 ? 
11 AC3 23 ILE A 48 ? ILE A 48  . ? 1_555 ? 
12 AC3 23 ARG A 49 ? ARG A 49  . ? 1_555 ? 
13 AC3 23 PRO A 51 ? PRO A 51  . ? 4_656 ? 
14 AC3 23 ARG A 54 ? ARG A 54  . ? 4_656 ? 
15 AC3 23 THR A 58 ? THR A 58  . ? 1_565 ? 
16 AC3 23 SER A 59 ? SER A 59  . ? 1_565 ? 
17 AC3 23 CYS A 60 ? CYS A 60  . ? 1_565 ? 
18 AC3 23 GLY A 61 ? GLY A 61  . ? 1_565 ? 
19 AC3 23 PRO A 65 ? PRO A 65  . ? 1_555 ? 
20 AC3 23 CYS A 67 ? CYS A 67  . ? 1_555 ? 
21 AC3 23 HOH F .  ? HOH A 106 . ? 1_555 ? 
22 AC3 23 HOH F .  ? HOH A 107 . ? 1_555 ? 
23 AC3 23 HOH F .  ? HOH A 108 . ? 1_555 ? 
24 AC3 23 HOH F .  ? HOH A 137 . ? 1_555 ? 
25 AC3 23 HOH F .  ? HOH A 151 . ? 4_656 ? 
26 AC3 23 HOH F .  ? HOH A 154 . ? 1_555 ? 
27 AC3 23 HOH F .  ? HOH A 171 . ? 1_555 ? 
28 AC3 23 HOH F .  ? HOH A 172 . ? 1_555 ? 
29 AC4 3  TYR A 47 ? TYR A 47  . ? 2_656 ? 
30 AC4 3  HOH F .  ? HOH A 136 . ? 2_656 ? 
31 AC4 3  HOH F .  ? HOH A 162 . ? 1_555 ? 
# 
_pdbx_entry_details.entry_id                   1TUK 
_pdbx_entry_details.compound_details           ? 
_pdbx_entry_details.source_details             ? 
_pdbx_entry_details.nonpolymer_details         ? 
_pdbx_entry_details.sequence_details           ? 
_pdbx_entry_details.has_ligand_of_interest     ? 
_pdbx_entry_details.has_protein_modification   Y 
# 
loop_
_pdbx_validate_close_contact.id 
_pdbx_validate_close_contact.PDB_model_num 
_pdbx_validate_close_contact.auth_atom_id_1 
_pdbx_validate_close_contact.auth_asym_id_1 
_pdbx_validate_close_contact.auth_comp_id_1 
_pdbx_validate_close_contact.auth_seq_id_1 
_pdbx_validate_close_contact.PDB_ins_code_1 
_pdbx_validate_close_contact.label_alt_id_1 
_pdbx_validate_close_contact.auth_atom_id_2 
_pdbx_validate_close_contact.auth_asym_id_2 
_pdbx_validate_close_contact.auth_comp_id_2 
_pdbx_validate_close_contact.auth_seq_id_2 
_pdbx_validate_close_contact.PDB_ins_code_2 
_pdbx_validate_close_contact.label_alt_id_2 
_pdbx_validate_close_contact.dist 
1 1 O5B A PGM 103 ? ? O   A HOH 171 ? ? 2.05 
2 1 NE2 A GLN 31  ? A O   A HOH 110 ? ? 2.07 
3 1 O   A HOH 136 ? ? O   A HOH 141 ? ? 2.16 
4 1 O   A ARG 49  ? ? NH1 A ARG 54  ? A 2.19 
5 1 O5B A PGM 103 ? ? O   A HOH 108 ? ? 2.19 
# 
loop_
_pdbx_validate_symm_contact.id 
_pdbx_validate_symm_contact.PDB_model_num 
_pdbx_validate_symm_contact.auth_atom_id_1 
_pdbx_validate_symm_contact.auth_asym_id_1 
_pdbx_validate_symm_contact.auth_comp_id_1 
_pdbx_validate_symm_contact.auth_seq_id_1 
_pdbx_validate_symm_contact.PDB_ins_code_1 
_pdbx_validate_symm_contact.label_alt_id_1 
_pdbx_validate_symm_contact.site_symmetry_1 
_pdbx_validate_symm_contact.auth_atom_id_2 
_pdbx_validate_symm_contact.auth_asym_id_2 
_pdbx_validate_symm_contact.auth_comp_id_2 
_pdbx_validate_symm_contact.auth_seq_id_2 
_pdbx_validate_symm_contact.PDB_ins_code_2 
_pdbx_validate_symm_contact.label_alt_id_2 
_pdbx_validate_symm_contact.site_symmetry_2 
_pdbx_validate_symm_contact.dist 
1 1 CD A GLN 37  ? ? 1_555 NE2 A GLN 37  ? ? 2_655 1.55 
2 1 O  A HOH 152 ? ? 1_555 O   A HOH 153 ? ? 4_656 2.03 
3 1 O  A SER 59  ? ? 1_555 O4  A PGM 103 ? ? 1_545 2.08 
4 1 O  A HOH 170 ? ? 1_555 O   A HOH 178 ? ? 1_545 2.16 
# 
_pdbx_validate_rmsd_angle.id                         1 
_pdbx_validate_rmsd_angle.PDB_model_num              1 
_pdbx_validate_rmsd_angle.auth_atom_id_1             NE 
_pdbx_validate_rmsd_angle.auth_asym_id_1             A 
_pdbx_validate_rmsd_angle.auth_comp_id_1             ARG 
_pdbx_validate_rmsd_angle.auth_seq_id_1              54 
_pdbx_validate_rmsd_angle.PDB_ins_code_1             ? 
_pdbx_validate_rmsd_angle.label_alt_id_1             B 
_pdbx_validate_rmsd_angle.auth_atom_id_2             CZ 
_pdbx_validate_rmsd_angle.auth_asym_id_2             A 
_pdbx_validate_rmsd_angle.auth_comp_id_2             ARG 
_pdbx_validate_rmsd_angle.auth_seq_id_2              54 
_pdbx_validate_rmsd_angle.PDB_ins_code_2             ? 
_pdbx_validate_rmsd_angle.label_alt_id_2             B 
_pdbx_validate_rmsd_angle.auth_atom_id_3             NH1 
_pdbx_validate_rmsd_angle.auth_asym_id_3             A 
_pdbx_validate_rmsd_angle.auth_comp_id_3             ARG 
_pdbx_validate_rmsd_angle.auth_seq_id_3              54 
_pdbx_validate_rmsd_angle.PDB_ins_code_3             ? 
_pdbx_validate_rmsd_angle.label_alt_id_3             B 
_pdbx_validate_rmsd_angle.angle_value                123.95 
_pdbx_validate_rmsd_angle.angle_target_value         120.30 
_pdbx_validate_rmsd_angle.angle_deviation            3.65 
_pdbx_validate_rmsd_angle.angle_standard_deviation   0.50 
_pdbx_validate_rmsd_angle.linker_flag                N 
# 
_pdbx_validate_chiral.id              1 
_pdbx_validate_chiral.PDB_model_num   1 
_pdbx_validate_chiral.auth_atom_id    C8 
_pdbx_validate_chiral.label_alt_id    ? 
_pdbx_validate_chiral.auth_asym_id    A 
_pdbx_validate_chiral.auth_comp_id    PGM 
_pdbx_validate_chiral.auth_seq_id     103 
_pdbx_validate_chiral.PDB_ins_code    ? 
_pdbx_validate_chiral.details         PLANAR 
_pdbx_validate_chiral.omega           . 
# 
loop_
_chem_comp_atom.comp_id 
_chem_comp_atom.atom_id 
_chem_comp_atom.type_symbol 
_chem_comp_atom.pdbx_aromatic_flag 
_chem_comp_atom.pdbx_stereo_config 
_chem_comp_atom.pdbx_ordinal 
ALA N    N N N 1   
ALA CA   C N S 2   
ALA C    C N N 3   
ALA O    O N N 4   
ALA CB   C N N 5   
ALA OXT  O N N 6   
ALA H    H N N 7   
ALA H2   H N N 8   
ALA HA   H N N 9   
ALA HB1  H N N 10  
ALA HB2  H N N 11  
ALA HB3  H N N 12  
ALA HXT  H N N 13  
ARG N    N N N 14  
ARG CA   C N S 15  
ARG C    C N N 16  
ARG O    O N N 17  
ARG CB   C N N 18  
ARG CG   C N N 19  
ARG CD   C N N 20  
ARG NE   N N N 21  
ARG CZ   C N N 22  
ARG NH1  N N N 23  
ARG NH2  N N N 24  
ARG OXT  O N N 25  
ARG H    H N N 26  
ARG H2   H N N 27  
ARG HA   H N N 28  
ARG HB2  H N N 29  
ARG HB3  H N N 30  
ARG HG2  H N N 31  
ARG HG3  H N N 32  
ARG HD2  H N N 33  
ARG HD3  H N N 34  
ARG HE   H N N 35  
ARG HH11 H N N 36  
ARG HH12 H N N 37  
ARG HH21 H N N 38  
ARG HH22 H N N 39  
ARG HXT  H N N 40  
ASN N    N N N 41  
ASN CA   C N S 42  
ASN C    C N N 43  
ASN O    O N N 44  
ASN CB   C N N 45  
ASN CG   C N N 46  
ASN OD1  O N N 47  
ASN ND2  N N N 48  
ASN OXT  O N N 49  
ASN H    H N N 50  
ASN H2   H N N 51  
ASN HA   H N N 52  
ASN HB2  H N N 53  
ASN HB3  H N N 54  
ASN HD21 H N N 55  
ASN HD22 H N N 56  
ASN HXT  H N N 57  
ASP N    N N N 58  
ASP CA   C N S 59  
ASP C    C N N 60  
ASP O    O N N 61  
ASP CB   C N N 62  
ASP CG   C N N 63  
ASP OD1  O N N 64  
ASP OD2  O N N 65  
ASP OXT  O N N 66  
ASP H    H N N 67  
ASP H2   H N N 68  
ASP HA   H N N 69  
ASP HB2  H N N 70  
ASP HB3  H N N 71  
ASP HD2  H N N 72  
ASP HXT  H N N 73  
CYS N    N N N 74  
CYS CA   C N R 75  
CYS C    C N N 76  
CYS O    O N N 77  
CYS CB   C N N 78  
CYS SG   S N N 79  
CYS OXT  O N N 80  
CYS H    H N N 81  
CYS H2   H N N 82  
CYS HA   H N N 83  
CYS HB2  H N N 84  
CYS HB3  H N N 85  
CYS HG   H N N 86  
CYS HXT  H N N 87  
GLN N    N N N 88  
GLN CA   C N S 89  
GLN C    C N N 90  
GLN O    O N N 91  
GLN CB   C N N 92  
GLN CG   C N N 93  
GLN CD   C N N 94  
GLN OE1  O N N 95  
GLN NE2  N N N 96  
GLN OXT  O N N 97  
GLN H    H N N 98  
GLN H2   H N N 99  
GLN HA   H N N 100 
GLN HB2  H N N 101 
GLN HB3  H N N 102 
GLN HG2  H N N 103 
GLN HG3  H N N 104 
GLN HE21 H N N 105 
GLN HE22 H N N 106 
GLN HXT  H N N 107 
GLU N    N N N 108 
GLU CA   C N S 109 
GLU C    C N N 110 
GLU O    O N N 111 
GLU CB   C N N 112 
GLU CG   C N N 113 
GLU CD   C N N 114 
GLU OE1  O N N 115 
GLU OE2  O N N 116 
GLU OXT  O N N 117 
GLU H    H N N 118 
GLU H2   H N N 119 
GLU HA   H N N 120 
GLU HB2  H N N 121 
GLU HB3  H N N 122 
GLU HG2  H N N 123 
GLU HG3  H N N 124 
GLU HE2  H N N 125 
GLU HXT  H N N 126 
GLY N    N N N 127 
GLY CA   C N N 128 
GLY C    C N N 129 
GLY O    O N N 130 
GLY OXT  O N N 131 
GLY H    H N N 132 
GLY H2   H N N 133 
GLY HA2  H N N 134 
GLY HA3  H N N 135 
GLY HXT  H N N 136 
HIS N    N N N 137 
HIS CA   C N S 138 
HIS C    C N N 139 
HIS O    O N N 140 
HIS CB   C N N 141 
HIS CG   C Y N 142 
HIS ND1  N Y N 143 
HIS CD2  C Y N 144 
HIS CE1  C Y N 145 
HIS NE2  N Y N 146 
HIS OXT  O N N 147 
HIS H    H N N 148 
HIS H2   H N N 149 
HIS HA   H N N 150 
HIS HB2  H N N 151 
HIS HB3  H N N 152 
HIS HD1  H N N 153 
HIS HD2  H N N 154 
HIS HE1  H N N 155 
HIS HE2  H N N 156 
HIS HXT  H N N 157 
HOH O    O N N 158 
HOH H1   H N N 159 
HOH H2   H N N 160 
ILE N    N N N 161 
ILE CA   C N S 162 
ILE C    C N N 163 
ILE O    O N N 164 
ILE CB   C N S 165 
ILE CG1  C N N 166 
ILE CG2  C N N 167 
ILE CD1  C N N 168 
ILE OXT  O N N 169 
ILE H    H N N 170 
ILE H2   H N N 171 
ILE HA   H N N 172 
ILE HB   H N N 173 
ILE HG12 H N N 174 
ILE HG13 H N N 175 
ILE HG21 H N N 176 
ILE HG22 H N N 177 
ILE HG23 H N N 178 
ILE HD11 H N N 179 
ILE HD12 H N N 180 
ILE HD13 H N N 181 
ILE HXT  H N N 182 
IOD I    I N N 183 
LEU N    N N N 184 
LEU CA   C N S 185 
LEU C    C N N 186 
LEU O    O N N 187 
LEU CB   C N N 188 
LEU CG   C N N 189 
LEU CD1  C N N 190 
LEU CD2  C N N 191 
LEU OXT  O N N 192 
LEU H    H N N 193 
LEU H2   H N N 194 
LEU HA   H N N 195 
LEU HB2  H N N 196 
LEU HB3  H N N 197 
LEU HG   H N N 198 
LEU HD11 H N N 199 
LEU HD12 H N N 200 
LEU HD13 H N N 201 
LEU HD21 H N N 202 
LEU HD22 H N N 203 
LEU HD23 H N N 204 
LEU HXT  H N N 205 
LYS N    N N N 206 
LYS CA   C N S 207 
LYS C    C N N 208 
LYS O    O N N 209 
LYS CB   C N N 210 
LYS CG   C N N 211 
LYS CD   C N N 212 
LYS CE   C N N 213 
LYS NZ   N N N 214 
LYS OXT  O N N 215 
LYS H    H N N 216 
LYS H2   H N N 217 
LYS HA   H N N 218 
LYS HB2  H N N 219 
LYS HB3  H N N 220 
LYS HG2  H N N 221 
LYS HG3  H N N 222 
LYS HD2  H N N 223 
LYS HD3  H N N 224 
LYS HE2  H N N 225 
LYS HE3  H N N 226 
LYS HZ1  H N N 227 
LYS HZ2  H N N 228 
LYS HZ3  H N N 229 
LYS HXT  H N N 230 
PGM C1   C N N 231 
PGM O1   O N N 232 
PGM C2   C N S 233 
PGM O2   O N N 234 
PGM C3   C N N 235 
PGM O4   O N N 236 
PGM P5   P N N 237 
PGM O5A  O N N 238 
PGM O5B  O N N 239 
PGM O6   O N N 240 
PGM C7   C N N 241 
PGM C8   C N S 242 
PGM O8   O N N 243 
PGM C9   C N N 244 
PGM OQ1  O N N 245 
PGM OQ2  O N N 246 
PGM CA   C N N 247 
PGM CB   C N N 248 
PGM CC   C N N 249 
PGM CD   C N N 250 
PGM CE   C N N 251 
PGM CF   C N N 252 
PGM CG   C N N 253 
PGM CH   C N N 254 
PGM CI   C N N 255 
PGM CJ   C N N 256 
PGM CK   C N N 257 
PGM CL   C N N 258 
PGM CM   C N N 259 
PGM CN   C N N 260 
PGM CO   C N N 261 
PGM CP   C N N 262 
PGM HC11 H N N 263 
PGM HC12 H N N 264 
PGM HO1  H N N 265 
PGM HC2  H N N 266 
PGM HO2  H N N 267 
PGM HC31 H N N 268 
PGM HC32 H N N 269 
PGM HC71 H N N 270 
PGM HC72 H N N 271 
PGM HC8  H N N 272 
PGM HO8  H N N 273 
PGM HC91 H N N 274 
PGM HC92 H N N 275 
PGM HCB1 H N N 276 
PGM HCB2 H N N 277 
PGM HCC1 H N N 278 
PGM HCC2 H N N 279 
PGM HCD1 H N N 280 
PGM HCD2 H N N 281 
PGM HCE1 H N N 282 
PGM HCE2 H N N 283 
PGM HCF1 H N N 284 
PGM HCF2 H N N 285 
PGM HCG1 H N N 286 
PGM HCG2 H N N 287 
PGM HCH1 H N N 288 
PGM HCH2 H N N 289 
PGM HCI1 H N N 290 
PGM HCI2 H N N 291 
PGM HCJ1 H N N 292 
PGM HCJ2 H N N 293 
PGM HCK1 H N N 294 
PGM HCK2 H N N 295 
PGM HCL1 H N N 296 
PGM HCL2 H N N 297 
PGM HCM1 H N N 298 
PGM HCM2 H N N 299 
PGM HCN1 H N N 300 
PGM HCN2 H N N 301 
PGM HCO1 H N N 302 
PGM HCO2 H N N 303 
PGM HCP1 H N N 304 
PGM HCP2 H N N 305 
PGM HCP3 H N N 306 
PHE N    N N N 307 
PHE CA   C N S 308 
PHE C    C N N 309 
PHE O    O N N 310 
PHE CB   C N N 311 
PHE CG   C Y N 312 
PHE CD1  C Y N 313 
PHE CD2  C Y N 314 
PHE CE1  C Y N 315 
PHE CE2  C Y N 316 
PHE CZ   C Y N 317 
PHE OXT  O N N 318 
PHE H    H N N 319 
PHE H2   H N N 320 
PHE HA   H N N 321 
PHE HB2  H N N 322 
PHE HB3  H N N 323 
PHE HD1  H N N 324 
PHE HD2  H N N 325 
PHE HE1  H N N 326 
PHE HE2  H N N 327 
PHE HZ   H N N 328 
PHE HXT  H N N 329 
PRO N    N N N 330 
PRO CA   C N S 331 
PRO C    C N N 332 
PRO O    O N N 333 
PRO CB   C N N 334 
PRO CG   C N N 335 
PRO CD   C N N 336 
PRO OXT  O N N 337 
PRO H    H N N 338 
PRO HA   H N N 339 
PRO HB2  H N N 340 
PRO HB3  H N N 341 
PRO HG2  H N N 342 
PRO HG3  H N N 343 
PRO HD2  H N N 344 
PRO HD3  H N N 345 
PRO HXT  H N N 346 
SER N    N N N 347 
SER CA   C N S 348 
SER C    C N N 349 
SER O    O N N 350 
SER CB   C N N 351 
SER OG   O N N 352 
SER OXT  O N N 353 
SER H    H N N 354 
SER H2   H N N 355 
SER HA   H N N 356 
SER HB2  H N N 357 
SER HB3  H N N 358 
SER HG   H N N 359 
SER HXT  H N N 360 
THR N    N N N 361 
THR CA   C N S 362 
THR C    C N N 363 
THR O    O N N 364 
THR CB   C N R 365 
THR OG1  O N N 366 
THR CG2  C N N 367 
THR OXT  O N N 368 
THR H    H N N 369 
THR H2   H N N 370 
THR HA   H N N 371 
THR HB   H N N 372 
THR HG1  H N N 373 
THR HG21 H N N 374 
THR HG22 H N N 375 
THR HG23 H N N 376 
THR HXT  H N N 377 
TYR N    N N N 378 
TYR CA   C N S 379 
TYR C    C N N 380 
TYR O    O N N 381 
TYR CB   C N N 382 
TYR CG   C Y N 383 
TYR CD1  C Y N 384 
TYR CD2  C Y N 385 
TYR CE1  C Y N 386 
TYR CE2  C Y N 387 
TYR CZ   C Y N 388 
TYR OH   O N N 389 
TYR OXT  O N N 390 
TYR H    H N N 391 
TYR H2   H N N 392 
TYR HA   H N N 393 
TYR HB2  H N N 394 
TYR HB3  H N N 395 
TYR HD1  H N N 396 
TYR HD2  H N N 397 
TYR HE1  H N N 398 
TYR HE2  H N N 399 
TYR HH   H N N 400 
TYR HXT  H N N 401 
VAL N    N N N 402 
VAL CA   C N S 403 
VAL C    C N N 404 
VAL O    O N N 405 
VAL CB   C N N 406 
VAL CG1  C N N 407 
VAL CG2  C N N 408 
VAL OXT  O N N 409 
VAL H    H N N 410 
VAL H2   H N N 411 
VAL HA   H N N 412 
VAL HB   H N N 413 
VAL HG11 H N N 414 
VAL HG12 H N N 415 
VAL HG13 H N N 416 
VAL HG21 H N N 417 
VAL HG22 H N N 418 
VAL HG23 H N N 419 
VAL HXT  H N N 420 
# 
loop_
_chem_comp_bond.comp_id 
_chem_comp_bond.atom_id_1 
_chem_comp_bond.atom_id_2 
_chem_comp_bond.value_order 
_chem_comp_bond.pdbx_aromatic_flag 
_chem_comp_bond.pdbx_stereo_config 
_chem_comp_bond.pdbx_ordinal 
ALA N   CA   sing N N 1   
ALA N   H    sing N N 2   
ALA N   H2   sing N N 3   
ALA CA  C    sing N N 4   
ALA CA  CB   sing N N 5   
ALA CA  HA   sing N N 6   
ALA C   O    doub N N 7   
ALA C   OXT  sing N N 8   
ALA CB  HB1  sing N N 9   
ALA CB  HB2  sing N N 10  
ALA CB  HB3  sing N N 11  
ALA OXT HXT  sing N N 12  
ARG N   CA   sing N N 13  
ARG N   H    sing N N 14  
ARG N   H2   sing N N 15  
ARG CA  C    sing N N 16  
ARG CA  CB   sing N N 17  
ARG CA  HA   sing N N 18  
ARG C   O    doub N N 19  
ARG C   OXT  sing N N 20  
ARG CB  CG   sing N N 21  
ARG CB  HB2  sing N N 22  
ARG CB  HB3  sing N N 23  
ARG CG  CD   sing N N 24  
ARG CG  HG2  sing N N 25  
ARG CG  HG3  sing N N 26  
ARG CD  NE   sing N N 27  
ARG CD  HD2  sing N N 28  
ARG CD  HD3  sing N N 29  
ARG NE  CZ   sing N N 30  
ARG NE  HE   sing N N 31  
ARG CZ  NH1  sing N N 32  
ARG CZ  NH2  doub N N 33  
ARG NH1 HH11 sing N N 34  
ARG NH1 HH12 sing N N 35  
ARG NH2 HH21 sing N N 36  
ARG NH2 HH22 sing N N 37  
ARG OXT HXT  sing N N 38  
ASN N   CA   sing N N 39  
ASN N   H    sing N N 40  
ASN N   H2   sing N N 41  
ASN CA  C    sing N N 42  
ASN CA  CB   sing N N 43  
ASN CA  HA   sing N N 44  
ASN C   O    doub N N 45  
ASN C   OXT  sing N N 46  
ASN CB  CG   sing N N 47  
ASN CB  HB2  sing N N 48  
ASN CB  HB3  sing N N 49  
ASN CG  OD1  doub N N 50  
ASN CG  ND2  sing N N 51  
ASN ND2 HD21 sing N N 52  
ASN ND2 HD22 sing N N 53  
ASN OXT HXT  sing N N 54  
ASP N   CA   sing N N 55  
ASP N   H    sing N N 56  
ASP N   H2   sing N N 57  
ASP CA  C    sing N N 58  
ASP CA  CB   sing N N 59  
ASP CA  HA   sing N N 60  
ASP C   O    doub N N 61  
ASP C   OXT  sing N N 62  
ASP CB  CG   sing N N 63  
ASP CB  HB2  sing N N 64  
ASP CB  HB3  sing N N 65  
ASP CG  OD1  doub N N 66  
ASP CG  OD2  sing N N 67  
ASP OD2 HD2  sing N N 68  
ASP OXT HXT  sing N N 69  
CYS N   CA   sing N N 70  
CYS N   H    sing N N 71  
CYS N   H2   sing N N 72  
CYS CA  C    sing N N 73  
CYS CA  CB   sing N N 74  
CYS CA  HA   sing N N 75  
CYS C   O    doub N N 76  
CYS C   OXT  sing N N 77  
CYS CB  SG   sing N N 78  
CYS CB  HB2  sing N N 79  
CYS CB  HB3  sing N N 80  
CYS SG  HG   sing N N 81  
CYS OXT HXT  sing N N 82  
GLN N   CA   sing N N 83  
GLN N   H    sing N N 84  
GLN N   H2   sing N N 85  
GLN CA  C    sing N N 86  
GLN CA  CB   sing N N 87  
GLN CA  HA   sing N N 88  
GLN C   O    doub N N 89  
GLN C   OXT  sing N N 90  
GLN CB  CG   sing N N 91  
GLN CB  HB2  sing N N 92  
GLN CB  HB3  sing N N 93  
GLN CG  CD   sing N N 94  
GLN CG  HG2  sing N N 95  
GLN CG  HG3  sing N N 96  
GLN CD  OE1  doub N N 97  
GLN CD  NE2  sing N N 98  
GLN NE2 HE21 sing N N 99  
GLN NE2 HE22 sing N N 100 
GLN OXT HXT  sing N N 101 
GLU N   CA   sing N N 102 
GLU N   H    sing N N 103 
GLU N   H2   sing N N 104 
GLU CA  C    sing N N 105 
GLU CA  CB   sing N N 106 
GLU CA  HA   sing N N 107 
GLU C   O    doub N N 108 
GLU C   OXT  sing N N 109 
GLU CB  CG   sing N N 110 
GLU CB  HB2  sing N N 111 
GLU CB  HB3  sing N N 112 
GLU CG  CD   sing N N 113 
GLU CG  HG2  sing N N 114 
GLU CG  HG3  sing N N 115 
GLU CD  OE1  doub N N 116 
GLU CD  OE2  sing N N 117 
GLU OE2 HE2  sing N N 118 
GLU OXT HXT  sing N N 119 
GLY N   CA   sing N N 120 
GLY N   H    sing N N 121 
GLY N   H2   sing N N 122 
GLY CA  C    sing N N 123 
GLY CA  HA2  sing N N 124 
GLY CA  HA3  sing N N 125 
GLY C   O    doub N N 126 
GLY C   OXT  sing N N 127 
GLY OXT HXT  sing N N 128 
HIS N   CA   sing N N 129 
HIS N   H    sing N N 130 
HIS N   H2   sing N N 131 
HIS CA  C    sing N N 132 
HIS CA  CB   sing N N 133 
HIS CA  HA   sing N N 134 
HIS C   O    doub N N 135 
HIS C   OXT  sing N N 136 
HIS CB  CG   sing N N 137 
HIS CB  HB2  sing N N 138 
HIS CB  HB3  sing N N 139 
HIS CG  ND1  sing Y N 140 
HIS CG  CD2  doub Y N 141 
HIS ND1 CE1  doub Y N 142 
HIS ND1 HD1  sing N N 143 
HIS CD2 NE2  sing Y N 144 
HIS CD2 HD2  sing N N 145 
HIS CE1 NE2  sing Y N 146 
HIS CE1 HE1  sing N N 147 
HIS NE2 HE2  sing N N 148 
HIS OXT HXT  sing N N 149 
HOH O   H1   sing N N 150 
HOH O   H2   sing N N 151 
ILE N   CA   sing N N 152 
ILE N   H    sing N N 153 
ILE N   H2   sing N N 154 
ILE CA  C    sing N N 155 
ILE CA  CB   sing N N 156 
ILE CA  HA   sing N N 157 
ILE C   O    doub N N 158 
ILE C   OXT  sing N N 159 
ILE CB  CG1  sing N N 160 
ILE CB  CG2  sing N N 161 
ILE CB  HB   sing N N 162 
ILE CG1 CD1  sing N N 163 
ILE CG1 HG12 sing N N 164 
ILE CG1 HG13 sing N N 165 
ILE CG2 HG21 sing N N 166 
ILE CG2 HG22 sing N N 167 
ILE CG2 HG23 sing N N 168 
ILE CD1 HD11 sing N N 169 
ILE CD1 HD12 sing N N 170 
ILE CD1 HD13 sing N N 171 
ILE OXT HXT  sing N N 172 
LEU N   CA   sing N N 173 
LEU N   H    sing N N 174 
LEU N   H2   sing N N 175 
LEU CA  C    sing N N 176 
LEU CA  CB   sing N N 177 
LEU CA  HA   sing N N 178 
LEU C   O    doub N N 179 
LEU C   OXT  sing N N 180 
LEU CB  CG   sing N N 181 
LEU CB  HB2  sing N N 182 
LEU CB  HB3  sing N N 183 
LEU CG  CD1  sing N N 184 
LEU CG  CD2  sing N N 185 
LEU CG  HG   sing N N 186 
LEU CD1 HD11 sing N N 187 
LEU CD1 HD12 sing N N 188 
LEU CD1 HD13 sing N N 189 
LEU CD2 HD21 sing N N 190 
LEU CD2 HD22 sing N N 191 
LEU CD2 HD23 sing N N 192 
LEU OXT HXT  sing N N 193 
LYS N   CA   sing N N 194 
LYS N   H    sing N N 195 
LYS N   H2   sing N N 196 
LYS CA  C    sing N N 197 
LYS CA  CB   sing N N 198 
LYS CA  HA   sing N N 199 
LYS C   O    doub N N 200 
LYS C   OXT  sing N N 201 
LYS CB  CG   sing N N 202 
LYS CB  HB2  sing N N 203 
LYS CB  HB3  sing N N 204 
LYS CG  CD   sing N N 205 
LYS CG  HG2  sing N N 206 
LYS CG  HG3  sing N N 207 
LYS CD  CE   sing N N 208 
LYS CD  HD2  sing N N 209 
LYS CD  HD3  sing N N 210 
LYS CE  NZ   sing N N 211 
LYS CE  HE2  sing N N 212 
LYS CE  HE3  sing N N 213 
LYS NZ  HZ1  sing N N 214 
LYS NZ  HZ2  sing N N 215 
LYS NZ  HZ3  sing N N 216 
LYS OXT HXT  sing N N 217 
PGM C1  O1   sing N N 218 
PGM C1  C2   sing N N 219 
PGM C1  HC11 sing N N 220 
PGM C1  HC12 sing N N 221 
PGM O1  HO1  sing N N 222 
PGM C2  O2   sing N N 223 
PGM C2  C3   sing N N 224 
PGM C2  HC2  sing N N 225 
PGM O2  HO2  sing N N 226 
PGM C3  O4   sing N N 227 
PGM C3  HC31 sing N N 228 
PGM C3  HC32 sing N N 229 
PGM O4  P5   sing N N 230 
PGM P5  O5A  doub N N 231 
PGM P5  O5B  sing N N 232 
PGM P5  O6   sing N N 233 
PGM O6  C7   sing N N 234 
PGM C7  C8   sing N N 235 
PGM C7  HC71 sing N N 236 
PGM C7  HC72 sing N N 237 
PGM C8  O8   sing N N 238 
PGM C8  C9   sing N N 239 
PGM C8  HC8  sing N N 240 
PGM O8  HO8  sing N N 241 
PGM C9  OQ2  sing N N 242 
PGM C9  HC91 sing N N 243 
PGM C9  HC92 sing N N 244 
PGM OQ1 CA   doub N N 245 
PGM OQ2 CA   sing N N 246 
PGM CA  CB   sing N N 247 
PGM CB  CC   sing N N 248 
PGM CB  HCB1 sing N N 249 
PGM CB  HCB2 sing N N 250 
PGM CC  CD   sing N N 251 
PGM CC  HCC1 sing N N 252 
PGM CC  HCC2 sing N N 253 
PGM CD  CE   sing N N 254 
PGM CD  HCD1 sing N N 255 
PGM CD  HCD2 sing N N 256 
PGM CE  CF   sing N N 257 
PGM CE  HCE1 sing N N 258 
PGM CE  HCE2 sing N N 259 
PGM CF  CG   sing N N 260 
PGM CF  HCF1 sing N N 261 
PGM CF  HCF2 sing N N 262 
PGM CG  CH   sing N N 263 
PGM CG  HCG1 sing N N 264 
PGM CG  HCG2 sing N N 265 
PGM CH  CI   sing N N 266 
PGM CH  HCH1 sing N N 267 
PGM CH  HCH2 sing N N 268 
PGM CI  CJ   sing N N 269 
PGM CI  HCI1 sing N N 270 
PGM CI  HCI2 sing N N 271 
PGM CJ  CK   sing N N 272 
PGM CJ  HCJ1 sing N N 273 
PGM CJ  HCJ2 sing N N 274 
PGM CK  CL   sing N N 275 
PGM CK  HCK1 sing N N 276 
PGM CK  HCK2 sing N N 277 
PGM CL  CM   sing N N 278 
PGM CL  HCL1 sing N N 279 
PGM CL  HCL2 sing N N 280 
PGM CM  CN   sing N N 281 
PGM CM  HCM1 sing N N 282 
PGM CM  HCM2 sing N N 283 
PGM CN  CO   sing N N 284 
PGM CN  HCN1 sing N N 285 
PGM CN  HCN2 sing N N 286 
PGM CO  CP   sing N N 287 
PGM CO  HCO1 sing N N 288 
PGM CO  HCO2 sing N N 289 
PGM CP  HCP1 sing N N 290 
PGM CP  HCP2 sing N N 291 
PGM CP  HCP3 sing N N 292 
PHE N   CA   sing N N 293 
PHE N   H    sing N N 294 
PHE N   H2   sing N N 295 
PHE CA  C    sing N N 296 
PHE CA  CB   sing N N 297 
PHE CA  HA   sing N N 298 
PHE C   O    doub N N 299 
PHE C   OXT  sing N N 300 
PHE CB  CG   sing N N 301 
PHE CB  HB2  sing N N 302 
PHE CB  HB3  sing N N 303 
PHE CG  CD1  doub Y N 304 
PHE CG  CD2  sing Y N 305 
PHE CD1 CE1  sing Y N 306 
PHE CD1 HD1  sing N N 307 
PHE CD2 CE2  doub Y N 308 
PHE CD2 HD2  sing N N 309 
PHE CE1 CZ   doub Y N 310 
PHE CE1 HE1  sing N N 311 
PHE CE2 CZ   sing Y N 312 
PHE CE2 HE2  sing N N 313 
PHE CZ  HZ   sing N N 314 
PHE OXT HXT  sing N N 315 
PRO N   CA   sing N N 316 
PRO N   CD   sing N N 317 
PRO N   H    sing N N 318 
PRO CA  C    sing N N 319 
PRO CA  CB   sing N N 320 
PRO CA  HA   sing N N 321 
PRO C   O    doub N N 322 
PRO C   OXT  sing N N 323 
PRO CB  CG   sing N N 324 
PRO CB  HB2  sing N N 325 
PRO CB  HB3  sing N N 326 
PRO CG  CD   sing N N 327 
PRO CG  HG2  sing N N 328 
PRO CG  HG3  sing N N 329 
PRO CD  HD2  sing N N 330 
PRO CD  HD3  sing N N 331 
PRO OXT HXT  sing N N 332 
SER N   CA   sing N N 333 
SER N   H    sing N N 334 
SER N   H2   sing N N 335 
SER CA  C    sing N N 336 
SER CA  CB   sing N N 337 
SER CA  HA   sing N N 338 
SER C   O    doub N N 339 
SER C   OXT  sing N N 340 
SER CB  OG   sing N N 341 
SER CB  HB2  sing N N 342 
SER CB  HB3  sing N N 343 
SER OG  HG   sing N N 344 
SER OXT HXT  sing N N 345 
THR N   CA   sing N N 346 
THR N   H    sing N N 347 
THR N   H2   sing N N 348 
THR CA  C    sing N N 349 
THR CA  CB   sing N N 350 
THR CA  HA   sing N N 351 
THR C   O    doub N N 352 
THR C   OXT  sing N N 353 
THR CB  OG1  sing N N 354 
THR CB  CG2  sing N N 355 
THR CB  HB   sing N N 356 
THR OG1 HG1  sing N N 357 
THR CG2 HG21 sing N N 358 
THR CG2 HG22 sing N N 359 
THR CG2 HG23 sing N N 360 
THR OXT HXT  sing N N 361 
TYR N   CA   sing N N 362 
TYR N   H    sing N N 363 
TYR N   H2   sing N N 364 
TYR CA  C    sing N N 365 
TYR CA  CB   sing N N 366 
TYR CA  HA   sing N N 367 
TYR C   O    doub N N 368 
TYR C   OXT  sing N N 369 
TYR CB  CG   sing N N 370 
TYR CB  HB2  sing N N 371 
TYR CB  HB3  sing N N 372 
TYR CG  CD1  doub Y N 373 
TYR CG  CD2  sing Y N 374 
TYR CD1 CE1  sing Y N 375 
TYR CD1 HD1  sing N N 376 
TYR CD2 CE2  doub Y N 377 
TYR CD2 HD2  sing N N 378 
TYR CE1 CZ   doub Y N 379 
TYR CE1 HE1  sing N N 380 
TYR CE2 CZ   sing Y N 381 
TYR CE2 HE2  sing N N 382 
TYR CZ  OH   sing N N 383 
TYR OH  HH   sing N N 384 
TYR OXT HXT  sing N N 385 
VAL N   CA   sing N N 386 
VAL N   H    sing N N 387 
VAL N   H2   sing N N 388 
VAL CA  C    sing N N 389 
VAL CA  CB   sing N N 390 
VAL CA  HA   sing N N 391 
VAL C   O    doub N N 392 
VAL C   OXT  sing N N 393 
VAL CB  CG1  sing N N 394 
VAL CB  CG2  sing N N 395 
VAL CB  HB   sing N N 396 
VAL CG1 HG11 sing N N 397 
VAL CG1 HG12 sing N N 398 
VAL CG1 HG13 sing N N 399 
VAL CG2 HG21 sing N N 400 
VAL CG2 HG22 sing N N 401 
VAL CG2 HG23 sing N N 402 
VAL OXT HXT  sing N N 403 
# 
_atom_sites.entry_id                    1TUK 
_atom_sites.fract_transf_matrix[1][1]   -0.01576090 
_atom_sites.fract_transf_matrix[1][2]   0.01205908 
_atom_sites.fract_transf_matrix[1][3]   -0.00532969 
_atom_sites.fract_transf_matrix[2][1]   0.01990559 
_atom_sites.fract_transf_matrix[2][2]   0.02749236 
_atom_sites.fract_transf_matrix[2][3]   0.00334024 
_atom_sites.fract_transf_matrix[3][1]   -0.00782701 
_atom_sites.fract_transf_matrix[3][2]   0.00906161 
_atom_sites.fract_transf_matrix[3][3]   -0.02793927 
_atom_sites.fract_transf_vector[1]      0.548911 
_atom_sites.fract_transf_vector[2]      0.599964 
_atom_sites.fract_transf_vector[3]      0.288046 
# 
loop_
_atom_type.symbol 
C 
I 
N 
O 
P 
S 
# 
loop_
_atom_site.group_PDB 
_atom_site.id 
_atom_site.type_symbol 
_atom_site.label_atom_id 
_atom_site.label_alt_id 
_atom_site.label_comp_id 
_atom_site.label_asym_id 
_atom_site.label_entity_id 
_atom_site.label_seq_id 
_atom_site.pdbx_PDB_ins_code 
_atom_site.Cartn_x 
_atom_site.Cartn_y 
_atom_site.Cartn_z 
_atom_site.occupancy 
_atom_site.B_iso_or_equiv 
_atom_site.pdbx_formal_charge 
_atom_site.auth_seq_id 
_atom_site.auth_comp_id 
_atom_site.auth_asym_id 
_atom_site.auth_atom_id 
_atom_site.pdbx_PDB_model_num 
ATOM   1   N N   . ALA A 1 1  ? 11.911  -2.243  10.022  1.00 29.39 ? 1   ALA A N   1 
ATOM   2   C CA  . ALA A 1 1  ? 11.697  -0.790  9.768   1.00 29.04 ? 1   ALA A CA  1 
ATOM   3   C C   . ALA A 1 1  ? 10.648  -0.573  8.670   1.00 27.10 ? 1   ALA A C   1 
ATOM   4   O O   . ALA A 1 1  ? 10.249  -1.568  8.034   1.00 28.36 ? 1   ALA A O   1 
ATOM   5   C CB  . ALA A 1 1  ? 12.993  -0.131  9.438   1.00 30.39 ? 1   ALA A CB  1 
ATOM   6   N N   . CYS A 1 2  ? 10.097  0.652   8.537   1.00 24.09 ? 2   CYS A N   1 
ATOM   7   C CA  . CYS A 1 2  ? 9.032   0.897   7.530   1.00 19.71 ? 2   CYS A CA  1 
ATOM   8   C C   . CYS A 1 2  ? 9.697   1.583   6.373   1.00 18.24 ? 2   CYS A C   1 
ATOM   9   O O   . CYS A 1 2  ? 10.101  2.755   6.472   1.00 22.24 ? 2   CYS A O   1 
ATOM   10  C CB  . CYS A 1 2  ? 7.877   1.768   8.007   1.00 16.79 ? 2   CYS A CB  1 
ATOM   11  S SG  . CYS A 1 2  ? 6.979   1.047   9.414   1.00 13.75 ? 2   CYS A SG  1 
ATOM   12  N N   . GLN A 1 3  ? 9.941   0.815   5.338   1.00 14.91 ? 3   GLN A N   1 
ATOM   13  C CA  . GLN A 1 3  ? 10.504  1.287   4.088   1.00 15.46 ? 3   GLN A CA  1 
ATOM   14  C C   . GLN A 1 3  ? 9.529   0.988   2.964   1.00 14.21 ? 3   GLN A C   1 
ATOM   15  O O   . GLN A 1 3  ? 9.162   -0.140  2.706   1.00 11.96 ? 3   GLN A O   1 
ATOM   16  C CB  . GLN A 1 3  ? 11.864  0.649   3.833   1.00 16.06 ? 3   GLN A CB  1 
ATOM   17  C CG  . GLN A 1 3  ? 12.970  1.113   4.780   1.00 22.10 ? 3   GLN A CG  1 
ATOM   18  C CD  . GLN A 1 3  ? 13.271  0.108   5.821   1.00 28.60 ? 3   GLN A CD  1 
ATOM   19  O OE1 . GLN A 1 3  ? 14.309  0.198   6.495   1.00 37.99 ? 3   GLN A OE1 1 
ATOM   20  N NE2 . GLN A 1 3  ? 12.414  -0.885  5.941   1.00 32.74 ? 3   GLN A NE2 1 
ATOM   21  N N   . ALA A 1 4  ? 9.138   2.050   2.293   1.00 15.34 ? 4   ALA A N   1 
ATOM   22  C CA  . ALA A 1 4  ? 8.231   1.947   1.160   1.00 16.90 ? 4   ALA A CA  1 
ATOM   23  C C   . ALA A 1 4  ? 8.589   0.958   0.105   1.00 14.32 ? 4   ALA A C   1 
ATOM   24  O O   . ALA A 1 4  ? 7.754   0.370   -0.594  1.00 15.05 ? 4   ALA A O   1 
ATOM   25  C CB  . ALA A 1 4  ? 8.197   3.277   0.482   1.00 19.45 ? 4   ALA A CB  1 
ATOM   26  N N   . SER A 1 5  ? 9.858   0.798   -0.051  1.00 15.69 ? 5   SER A N   1 
ATOM   27  C CA  . SER A 1 5  ? 10.394  -0.160  -0.993  1.00 17.51 ? 5   SER A CA  1 
ATOM   28  C C   . SER A 1 5  ? 9.898   -1.616  -0.790  1.00 16.63 ? 5   SER A C   1 
ATOM   29  O O   . SER A 1 5  ? 9.820   -2.394  -1.730  1.00 19.42 ? 5   SER A O   1 
ATOM   30  C CB  . SER A 1 5  ? 11.927  -0.054  -0.997  1.00 19.39 ? 5   SER A CB  1 
ATOM   31  O OG  . SER A 1 5  ? 12.447  -0.744  0.137   1.00 24.62 ? 5   SER A OG  1 
ATOM   32  N N   . GLN A 1 6  ? 9.479   -1.919  0.442   1.00 14.68 ? 6   GLN A N   1 
ATOM   33  C CA  . GLN A 1 6  ? 8.790   -3.134  0.841   1.00 16.80 ? 6   GLN A CA  1 
ATOM   34  C C   . GLN A 1 6  ? 7.499   -3.398  0.099   1.00 13.29 ? 6   GLN A C   1 
ATOM   35  O O   . GLN A 1 6  ? 7.015   -4.522  0.128   1.00 18.06 ? 6   GLN A O   1 
ATOM   36  C CB  . GLN A 1 6  ? 8.430   -3.089  2.374   1.00 17.28 ? 6   GLN A CB  1 
ATOM   37  C CG  . GLN A 1 6  ? 9.610   -3.109  3.309   1.00 20.78 ? 6   GLN A CG  1 
ATOM   38  C CD  . GLN A 1 6  ? 9.453   -2.692  4.804   1.00 19.62 ? 6   GLN A CD  1 
ATOM   39  O OE1 . GLN A 1 6  ? 8.434   -2.144  5.345   1.00 17.79 ? 6   GLN A OE1 1 
ATOM   40  N NE2 . GLN A 1 6  ? 10.554  -2.879  5.477   1.00 24.96 ? 6   GLN A NE2 1 
ATOM   41  N N   . LEU A 1 7  ? 6.958   -2.389  -0.554  1.00 10.17 ? 7   LEU A N   1 
ATOM   42  C CA  . LEU A 1 7  ? 5.741   -2.456  -1.306  1.00 10.55 ? 7   LEU A CA  1 
ATOM   43  C C   . LEU A 1 7  ? 5.951   -2.785  -2.779  1.00 9.57  ? 7   LEU A C   1 
ATOM   44  O O   . LEU A 1 7  ? 5.002   -2.773  -3.533  1.00 9.02  ? 7   LEU A O   1 
ATOM   45  C CB  . LEU A 1 7  ? 4.985   -1.101  -1.170  1.00 12.63 ? 7   LEU A CB  1 
ATOM   46  C CG  . LEU A 1 7  ? 4.503   -0.541  0.211   1.00 13.88 ? 7   LEU A CG  1 
ATOM   47  C CD1 . LEU A 1 7  ? 4.006   0.876   0.219   1.00 14.13 ? 7   LEU A CD1 1 
ATOM   48  C CD2 . LEU A 1 7  ? 3.410   -1.342  0.690   1.00 14.61 ? 7   LEU A CD2 1 
ATOM   49  N N   . ALA A 1 8  ? 7.185   -3.077  -3.175  1.00 9.13  ? 8   ALA A N   1 
ATOM   50  C CA  . ALA A 1 8  ? 7.446   -3.358  -4.585  1.00 9.16  ? 8   ALA A CA  1 
ATOM   51  C C   . ALA A 1 8  ? 6.562   -4.464  -5.154  1.00 7.85  ? 8   ALA A C   1 
ATOM   52  O O   . ALA A 1 8  ? 6.155   -4.408  -6.295  1.00 7.98  ? 8   ALA A O   1 
ATOM   53  C CB  . ALA A 1 8  ? 8.938   -3.735  -4.814  1.00 11.15 ? 8   ALA A CB  1 
ATOM   54  N N   . VAL A 1 9  ? 6.286   -5.490  -4.365  1.00 8.55  ? 9   VAL A N   1 
ATOM   55  C CA  . VAL A 1 9  ? 5.447   -6.637  -4.752  1.00 9.68  ? 9   VAL A CA  1 
ATOM   56  C C   . VAL A 1 9  ? 3.989   -6.203  -5.052  1.00 7.65  ? 9   VAL A C   1 
ATOM   57  O O   . VAL A 1 9  ? 3.263   -6.942  -5.704  1.00 8.30  ? 9   VAL A O   1 
ATOM   58  C CB  . VAL A 1 9  ? 5.482   -7.687  -3.686  1.00 12.36 ? 9   VAL A CB  1 
ATOM   59  C CG1 . VAL A 1 9  ? 4.832   -7.217  -2.484  1.00 14.14 ? 9   VAL A CG1 1 
ATOM   60  C CG2 . VAL A 1 9  ? 4.857   -8.985  -4.086  1.00 16.16 ? 9   VAL A CG2 1 
ATOM   61  N N   . CYS A 1 10 ? 3.609   -5.009  -4.643  1.00 7.15  ? 10  CYS A N   1 
ATOM   62  C CA  . CYS A 1 10 ? 2.281   -4.408  -4.869  1.00 6.33  ? 10  CYS A CA  1 
ATOM   63  C C   . CYS A 1 10 ? 2.320   -3.218  -5.818  1.00 7.21  ? 10  CYS A C   1 
ATOM   64  O O   . CYS A 1 10 ? 1.305   -2.510  -5.930  1.00 6.32  ? 10  CYS A O   1 
ATOM   65  C CB  . CYS A 1 10 ? 1.694   -3.929  -3.542  1.00 6.47  ? 10  CYS A CB  1 
ATOM   66  S SG  . CYS A 1 10 ? 1.314   -5.231  -2.382  1.00 7.71  ? 10  CYS A SG  1 
ATOM   67  N N   . ALA A 1 11 ? 3.453   -2.935  -6.442  1.00 5.97  ? 11  ALA A N   1 
ATOM   68  C CA  . ALA A 1 11 ? 3.585   -1.716  -7.192  1.00 6.77  ? 11  ALA A CA  1 
ATOM   69  C C   . ALA A 1 11 ? 2.584   -1.594  -8.322  1.00 6.25  ? 11  ALA A C   1 
ATOM   70  O O   . ALA A 1 11 ? 2.111   -0.500  -8.608  1.00 6.84  ? 11  ALA A O   1 
ATOM   71  C CB  . ALA A 1 11 ? 5.023   -1.543  -7.772  1.00 6.36  ? 11  ALA A CB  1 
ATOM   72  N N   . SER A 1 12 ? 2.276   -2.682  -9.033  1.00 6.38  ? 12  SER A N   1 
ATOM   73  C CA  . SER A 1 12 ? 1.304   -2.561  -10.122 1.00 6.14  ? 12  SER A CA  1 
ATOM   74  C C   . SER A 1 12 ? -0.053  -2.073  -9.584  1.00 6.36  ? 12  SER A C   1 
ATOM   75  O O   . SER A 1 12 ? -0.717  -1.258  -10.195 1.00 7.35  ? 12  SER A O   1 
ATOM   76  C CB  . SER A 1 12 ? 1.083   -3.829  -10.847 1.00 6.80  ? 12  SER A CB  1 
ATOM   77  O OG  . SER A 1 12 ? 2.332   -4.195  -11.425 1.00 6.95  ? 12  SER A OG  1 
ATOM   78  N N   . ALA A 1 13 ? -0.479  -2.649  -8.478  1.00 6.22  ? 13  ALA A N   1 
ATOM   79  C CA  . ALA A 1 13 ? -1.768  -2.274  -7.874  1.00 5.49  ? 13  ALA A CA  1 
ATOM   80  C C   . ALA A 1 13 ? -1.716  -0.823  -7.410  1.00 6.89  ? 13  ALA A C   1 
ATOM   81  O O   . ALA A 1 13 ? -2.649  -0.031  -7.644  1.00 7.63  ? 13  ALA A O   1 
ATOM   82  C CB  . ALA A 1 13 ? -2.096  -3.215  -6.721  1.00 6.82  ? 13  ALA A CB  1 
ATOM   83  N N   . ILE A 1 14 ? -0.686  -0.425  -6.710  1.00 6.62  ? 14  ILE A N   1 
ATOM   84  C CA  . ILE A 1 14 ? -0.552  0.934   -6.167  1.00 7.50  ? 14  ILE A CA  1 
ATOM   85  C C   . ILE A 1 14 ? -0.453  1.981   -7.239  1.00 8.94  ? 14  ILE A C   1 
ATOM   86  O O   . ILE A 1 14 ? -0.996  3.061   -7.107  1.00 9.73  ? 14  ILE A O   1 
ATOM   87  C CB  . ILE A 1 14 ? 0.625   0.986   -5.207  1.00 8.08  ? 14  ILE A CB  1 
ATOM   88  C CG1 . ILE A 1 14 ? 0.355   0.114   -3.972  1.00 8.52  ? 14  ILE A CG1 1 
ATOM   89  C CG2 . ILE A 1 14 ? 0.994   2.405   -4.829  1.00 9.92  ? 14  ILE A CG2 1 
ATOM   90  C CD1 . ILE A 1 14 ? 1.575   -0.153  -3.095  1.00 10.82 ? 14  ILE A CD1 1 
ATOM   91  N N   . LEU A 1 15 ? 0.275   1.683   -8.309  1.00 8.50  ? 15  LEU A N   1 
ATOM   92  C CA  . LEU A 1 15 ? 0.547   2.635   -9.378  1.00 9.42  ? 15  LEU A CA  1 
ATOM   93  C C   . LEU A 1 15 ? -0.512  2.698   -10.390 1.00 10.71 ? 15  LEU A C   1 
ATOM   94  O O   . LEU A 1 15 ? -0.695  3.747   -11.005 1.00 15.44 ? 15  LEU A O   1 
ATOM   95  C CB  . LEU A 1 15 ? 1.897   2.381   -10.057 1.00 10.38 ? 15  LEU A CB  1 
ATOM   96  C CG  . LEU A 1 15 ? 3.088   2.492   -9.107  1.00 10.71 ? 15  LEU A CG  1 
ATOM   97  C CD1 . LEU A 1 15 ? 4.365   1.983   -9.787  1.00 13.14 ? 15  LEU A CD1 1 
ATOM   98  C CD2 . LEU A 1 15 ? 3.300   3.877   -8.499  1.00 12.17 ? 15  LEU A CD2 1 
ATOM   99  N N   . SER A 1 16 ? -1.221  1.629   -10.636 1.00 11.18 ? 16  SER A N   1 
ATOM   100 C CA  . SER A 1 16 ? -2.140  1.540   -11.777 1.00 12.07 ? 16  SER A CA  1 
ATOM   101 C C   . SER A 1 16 ? -3.551  1.125   -11.428 1.00 11.81 ? 16  SER A C   1 
ATOM   102 O O   . SER A 1 16 ? -4.410  1.130   -12.320 1.00 15.44 ? 16  SER A O   1 
ATOM   103 C CB  . SER A 1 16 ? -1.582  0.660   -12.887 1.00 12.55 ? 16  SER A CB  1 
ATOM   104 O OG  . SER A 1 16 ? -1.763  -0.728  -12.602 1.00 12.80 ? 16  SER A OG  1 
ATOM   105 N N   . GLY A 1 17 ? -3.776  0.661   -10.204 1.00 10.87 ? 17  GLY A N   1 
ATOM   106 C CA  . GLY A 1 17 ? -5.116  0.145   -9.864  1.00 12.50 ? 17  GLY A CA  1 
ATOM   107 C C   . GLY A 1 17 ? -5.358  -1.302  -10.310 1.00 10.82 ? 17  GLY A C   1 
ATOM   108 O O   . GLY A 1 17 ? -6.506  -1.778  -10.271 1.00 13.10 ? 17  GLY A O   1 
ATOM   109 N N   . ALA A 1 18 ? -4.310  -1.986  -10.709 1.00 10.62 ? 18  ALA A N   1 
ATOM   110 C CA  . ALA A 1 18 ? -4.373  -3.417  -11.064 1.00 10.52 ? 18  ALA A CA  1 
ATOM   111 C C   . ALA A 1 18 ? -4.931  -4.197  -9.879  1.00 9.09  ? 18  ALA A C   1 
ATOM   112 O O   . ALA A 1 18 ? -4.677  -3.858  -8.707  1.00 8.74  ? 18  ALA A O   1 
ATOM   113 C CB  . ALA A 1 18 ? -2.986  -3.937  -11.375 1.00 10.72 ? 18  ALA A CB  1 
ATOM   114 N N   . LYS A 1 19 ? -5.663  -5.276  -10.164 1.00 9.66  ? 19  LYS A N   1 
ATOM   115 C CA  . LYS A 1 19 ? -6.079  -6.184  -9.072  1.00 10.30 ? 19  LYS A CA  1 
ATOM   116 C C   . LYS A 1 19 ? -4.813  -6.688  -8.366  1.00 9.09  ? 19  LYS A C   1 
ATOM   117 O O   . LYS A 1 19 ? -3.920  -7.238  -9.036  1.00 9.68  ? 19  LYS A O   1 
ATOM   118 C CB  . LYS A 1 19 ? -6.859  -7.383  -9.660  1.00 10.21 ? 19  LYS A CB  1 
ATOM   119 C CG  . LYS A 1 19 ? -7.206  -8.459  -8.677  1.00 13.37 ? 19  LYS A CG  1 
ATOM   120 C CD  . LYS A 1 19 ? -7.850  -9.697  -9.306  1.00 14.21 ? 19  LYS A CD  1 
ATOM   121 C CE  . LYS A 1 19 ? -8.231  -10.749 -8.268  1.00 16.39 ? 19  LYS A CE  1 
ATOM   122 N NZ  . LYS A 1 19 ? -8.673  -12.035 -8.988  1.00 17.56 ? 19  LYS A NZ  1 
ATOM   123 N N   . PRO A 1 20 ? -4.719  -6.605  -7.052  1.00 7.98  ? 20  PRO A N   1 
ATOM   124 C CA  . PRO A 1 20 ? -3.523  -7.070  -6.350  1.00 8.12  ? 20  PRO A CA  1 
ATOM   125 C C   . PRO A 1 20 ? -3.432  -8.578  -6.373  1.00 8.45  ? 20  PRO A C   1 
ATOM   126 O O   . PRO A 1 20 ? -4.430  -9.280  -6.214  1.00 9.41  ? 20  PRO A O   1 
ATOM   127 C CB  . PRO A 1 20 ? -3.669  -6.502  -4.965  1.00 7.88  ? 20  PRO A CB  1 
ATOM   128 C CG  . PRO A 1 20 ? -5.158  -6.373  -4.777  1.00 8.55  ? 20  PRO A CG  1 
ATOM   129 C CD  . PRO A 1 20 ? -5.647  -5.975  -6.132  1.00 8.26  ? 20  PRO A CD  1 
ATOM   130 N N   . SER A 1 21 ? -2.216  -9.050  -6.459  1.00 8.34  ? 21  SER A N   1 
ATOM   131 C CA  . SER A 1 21 ? -1.897  -10.483 -6.412  1.00 8.58  ? 21  SER A CA  1 
ATOM   132 C C   . SER A 1 21 ? -2.135  -10.966 -4.985  1.00 8.20  ? 21  SER A C   1 
ATOM   133 O O   . SER A 1 21 ? -2.121  -10.210 -3.988  1.00 8.45  ? 21  SER A O   1 
ATOM   134 C CB  . SER A 1 21 ? -0.475  -10.748 -6.842  1.00 8.71  ? 21  SER A CB  1 
ATOM   135 O OG  . SER A 1 21 ? 0.406   -10.241 -5.841  1.00 8.64  ? 21  SER A OG  1 
ATOM   136 N N   . GLY A 1 22 ? -2.242  -12.283 -4.866  1.00 9.16  ? 22  GLY A N   1 
ATOM   137 C CA  . GLY A 1 22 ? -2.333  -12.853 -3.537  1.00 9.81  ? 22  GLY A CA  1 
ATOM   138 C C   . GLY A 1 22 ? -1.117  -12.550 -2.670  1.00 8.93  ? 22  GLY A C   1 
ATOM   139 O O   . GLY A 1 22 ? -1.185  -12.306 -1.478  1.00 9.58  ? 22  GLY A O   1 
ATOM   140 N N   . GLU A 1 23 ? 0.076   -12.605 -3.298  1.00 9.60  ? 23  GLU A N   1 
ATOM   141 C CA  . GLU A 1 23 ? 1.296   -12.287 -2.552  1.00 9.54  ? 23  GLU A CA  1 
ATOM   142 C C   . GLU A 1 23 ? 1.348   -10.843 -2.113  1.00 8.33  ? 23  GLU A C   1 
ATOM   143 O O   . GLU A 1 23 ? 1.784   -10.534 -1.039  1.00 8.97  ? 23  GLU A O   1 
ATOM   144 C CB  . GLU A 1 23 ? 2.541   -12.581 -3.401  1.00 11.34 ? 23  GLU A CB  1 
ATOM   145 C CG  . GLU A 1 23 ? 3.823   -12.429 -2.601  1.00 16.68 ? 23  GLU A CG  1 
ATOM   146 C CD  . GLU A 1 23 ? 5.077   -12.862 -3.331  1.00 23.23 ? 23  GLU A CD  1 
ATOM   147 O OE1 . GLU A 1 23 ? 5.003   -13.215 -4.505  1.00 26.92 ? 23  GLU A OE1 1 
ATOM   148 O OE2 . GLU A 1 23 ? 6.184   -12.835 -2.740  1.00 26.65 ? 23  GLU A OE2 1 
ATOM   149 N N   . CYS A 1 24 ? 0.913   -9.959  -3.005  1.00 7.35  ? 24  CYS A N   1 
ATOM   150 C CA  . CYS A 1 24 ? 0.769   -8.572  -2.603  1.00 7.40  ? 24  CYS A CA  1 
ATOM   151 C C   . CYS A 1 24 ? -0.099  -8.442  -1.383  1.00 6.74  ? 24  CYS A C   1 
ATOM   152 O O   . CYS A 1 24 ? 0.264   -7.789  -0.418  1.00 7.31  ? 24  CYS A O   1 
ATOM   153 C CB  . CYS A 1 24 ? 0.272   -7.725  -3.782  1.00 6.75  ? 24  CYS A CB  1 
ATOM   154 S SG  . CYS A 1 24 ? -0.345  -6.089  -3.245  1.00 7.14  ? 24  CYS A SG  1 
ATOM   155 N N   . CYS A 1 25 ? -1.309  -9.003  -1.424  1.00 7.52  ? 25  CYS A N   1 
ATOM   156 C CA  . CYS A 1 25 ? -2.205  -8.866  -0.278  1.00 7.29  ? 25  CYS A CA  1 
ATOM   157 C C   . CYS A 1 25 ? -1.634  -9.466  0.992   1.00 8.33  ? 25  CYS A C   1 
ATOM   158 O O   . CYS A 1 25 ? -1.806  -8.925  2.053   1.00 8.67  ? 25  CYS A O   1 
ATOM   159 C CB  . CYS A 1 25 ? -3.542  -9.502  -0.583  1.00 8.11  ? 25  CYS A CB  1 
ATOM   160 S SG  . CYS A 1 25 ? -4.510  -8.607  -1.877  1.00 7.58  ? 25  CYS A SG  1 
ATOM   161 N N   . GLY A 1 26 ? -0.906  -10.581 0.896   1.00 8.21  ? 26  GLY A N   1 
ATOM   162 C CA  . GLY A 1 26 ? -0.290  -11.144 2.099   1.00 9.62  ? 26  GLY A CA  1 
ATOM   163 C C   . GLY A 1 26 ? 0.817   -10.279 2.677   1.00 9.35  ? 26  GLY A C   1 
ATOM   164 O O   . GLY A 1 26 ? 0.945   -10.154 3.909   1.00 11.35 ? 26  GLY A O   1 
ATOM   165 N N   . ASN A 1 27 ? 1.583   -9.639  1.826   1.00 9.41  ? 27  ASN A N   1 
ATOM   166 C CA  . ASN A 1 27 ? 2.559   -8.671  2.265   1.00 10.07 ? 27  ASN A CA  1 
ATOM   167 C C   . ASN A 1 27 ? 1.895   -7.456  2.914   1.00 8.75  ? 27  ASN A C   1 
ATOM   168 O O   . ASN A 1 27 ? 2.331   -7.017  3.977   1.00 9.69  ? 27  ASN A O   1 
ATOM   169 C CB  . ASN A 1 27 ? 3.485   -8.217  1.130   1.00 10.24 ? 27  ASN A CB  1 
ATOM   170 C CG  . ASN A 1 27 ? 4.605   -9.181  0.844   1.00 14.00 ? 27  ASN A CG  1 
ATOM   171 O OD1 . ASN A 1 27 ? 4.416   -10.222 0.217   1.00 16.97 ? 27  ASN A OD1 1 
ATOM   172 N ND2 . ASN A 1 27 ? 5.788   -8.822  1.269   1.00 15.40 ? 27  ASN A ND2 1 
ATOM   173 N N   . LEU A 1 28 ? 0.877   -6.911  2.275   1.00 8.16  ? 28  LEU A N   1 
ATOM   174 C CA  . LEU A 1 28 ? 0.162   -5.802  2.860   1.00 7.96  ? 28  LEU A CA  1 
ATOM   175 C C   . LEU A 1 28 ? -0.411  -6.174  4.205   1.00 8.12  ? 28  LEU A C   1 
ATOM   176 O O   . LEU A 1 28 ? -0.338  -5.380  5.166   1.00 9.12  ? 28  LEU A O   1 
ATOM   177 C CB  . LEU A 1 28 ? -0.947  -5.341  1.910   1.00 7.60  ? 28  LEU A CB  1 
ATOM   178 C CG  . LEU A 1 28 ? -0.421  -4.615  0.664   1.00 7.35  ? 28  LEU A CG  1 
ATOM   179 C CD1 . LEU A 1 28 ? -1.585  -4.354  -0.295  1.00 7.80  ? 28  LEU A CD1 1 
ATOM   180 C CD2 . LEU A 1 28 ? 0.320   -3.358  0.972   1.00 10.30 ? 28  LEU A CD2 1 
ATOM   181 N N   . ARG A 1 29 ? -0.984  -7.359  4.329   1.00 8.05  ? 29  ARG A N   1 
ATOM   182 C CA  . ARG A 1 29 ? -1.584  -7.763  5.602   1.00 9.60  ? 29  ARG A CA  1 
ATOM   183 C C   . ARG A 1 29 ? -0.567  -7.745  6.748   1.00 9.75  ? 29  ARG A C   1 
ATOM   184 O O   . ARG A 1 29 ? -0.830  -7.246  7.839   1.00 11.97 ? 29  ARG A O   1 
ATOM   185 C CB  . ARG A 1 29 ? -2.241  -9.115  5.446   1.00 10.95 ? 29  ARG A CB  1 
ATOM   186 C CG  . ARG A 1 29 ? -3.054  -9.532  6.689   1.00 13.58 ? 29  ARG A CG  1 
ATOM   187 C CD  . ARG A 1 29 ? -3.835  -10.823 6.485   1.00 18.88 ? 29  ARG A CD  1 
ATOM   188 N NE  . ARG A 1 29 ? -5.000  -10.656 5.615   1.00 27.09 ? 29  ARG A NE  1 
ATOM   189 C CZ  . ARG A 1 29 ? -6.243  -10.328 6.012   1.00 31.28 ? 29  ARG A CZ  1 
ATOM   190 N NH1 . ARG A 1 29 ? -6.518  -10.136 7.286   1.00 36.58 ? 29  ARG A NH1 1 
ATOM   191 N NH2 . ARG A 1 29 ? -7.215  -10.198 5.123   1.00 36.99 ? 29  ARG A NH2 1 
ATOM   192 N N   . ALA A 1 30 ? 0.624   -8.228  6.457   1.00 10.73 ? 30  ALA A N   1 
ATOM   193 C CA  . ALA A 1 30 ? 1.708   -8.284  7.450   1.00 10.61 ? 30  ALA A CA  1 
ATOM   194 C C   . ALA A 1 30 ? 2.229   -6.914  7.788   1.00 11.34 ? 30  ALA A C   1 
ATOM   195 O O   . ALA A 1 30 ? 2.623   -6.667  8.947   1.00 13.46 ? 30  ALA A O   1 
ATOM   196 C CB  . ALA A 1 30 ? 2.842   -9.146  6.945   1.00 12.52 ? 30  ALA A CB  1 
ATOM   197 N N   . GLN A 1 31 ? 2.202   -6.008  6.830   1.00 10.00 ? 31  GLN A N   1 
ATOM   198 C CA  . GLN A 1 31 ? 2.857   -4.713  6.937   1.00 9.98  ? 31  GLN A CA  1 
ATOM   199 C C   . GLN A 1 31 ? 1.906   -3.596  7.292   1.00 8.28  ? 31  GLN A C   1 
ATOM   200 O O   . GLN A 1 31 ? 2.306   -2.430  7.283   1.00 8.45  ? 31  GLN A O   1 
ATOM   201 C CB  . GLN A 1 31 ? 3.526   -4.340  5.597   1.00 11.94 ? 31  GLN A CB  1 
ATOM   202 C CG  A GLN A 1 31 ? 4.631   -5.280  5.382   0.50 15.21 ? 31  GLN A CG  1 
ATOM   203 C CG  B GLN A 1 31 ? 4.645   -5.259  5.016   0.50 10.64 ? 31  GLN A CG  1 
ATOM   204 C CD  A GLN A 1 31 ? 5.065   -5.294  4.000   0.50 18.08 ? 31  GLN A CD  1 
ATOM   205 C CD  B GLN A 1 31 ? 6.007   -4.921  5.565   0.50 12.49 ? 31  GLN A CD  1 
ATOM   206 O OE1 A GLN A 1 31 ? 5.112   -4.260  3.333   0.50 18.05 ? 31  GLN A OE1 1 
ATOM   207 O OE1 B GLN A 1 31 ? 6.119   -4.453  6.680   0.50 13.22 ? 31  GLN A OE1 1 
ATOM   208 N NE2 A GLN A 1 31 ? 5.449   -6.451  3.553   0.50 14.49 ? 31  GLN A NE2 1 
ATOM   209 N NE2 B GLN A 1 31 ? 7.036   -5.138  4.782   0.50 12.30 ? 31  GLN A NE2 1 
ATOM   210 N N   . GLN A 1 32 ? 0.670   -3.921  7.699   1.00 8.48  ? 32  GLN A N   1 
ATOM   211 C CA  . GLN A 1 32 ? -0.294  -2.895  7.972   1.00 8.35  ? 32  GLN A CA  1 
ATOM   212 C C   . GLN A 1 32 ? 0.226   -1.834  8.932   1.00 8.15  ? 32  GLN A C   1 
ATOM   213 O O   . GLN A 1 32 ? -0.071  -0.635  8.789   1.00 7.90  ? 32  GLN A O   1 
ATOM   214 C CB  . GLN A 1 32 ? -1.595  -3.491  8.528   1.00 8.60  ? 32  GLN A CB  1 
ATOM   215 C CG  . GLN A 1 32 ? -2.360  -4.252  7.461   1.00 8.95  ? 32  GLN A CG  1 
ATOM   216 C CD  . GLN A 1 32 ? -3.627  -4.868  7.981   1.00 8.62  ? 32  GLN A CD  1 
ATOM   217 O OE1 . GLN A 1 32 ? -4.640  -4.210  8.069   1.00 9.88  ? 32  GLN A OE1 1 
ATOM   218 N NE2 . GLN A 1 32 ? -3.581  -6.133  8.330   1.00 9.11  ? 32  GLN A NE2 1 
ATOM   219 N N   . GLY A 1 33 ? 0.930   -2.234  9.996   1.00 8.11  ? 33  GLY A N   1 
ATOM   220 C CA  . GLY A 1 33 ? 1.390   -1.271  10.999  1.00 8.16  ? 33  GLY A CA  1 
ATOM   221 C C   . GLY A 1 33 ? 2.277   -0.192  10.422  1.00 8.14  ? 33  GLY A C   1 
ATOM   222 O O   . GLY A 1 33 ? 2.420   0.839   11.047  1.00 8.93  ? 33  GLY A O   1 
ATOM   223 N N   . CYS A 1 34 ? 2.878   -0.421  9.247   1.00 8.12  ? 34  CYS A N   1 
ATOM   224 C CA  . CYS A 1 34 ? 3.663   0.606   8.587   1.00 8.57  ? 34  CYS A CA  1 
ATOM   225 C C   . CYS A 1 34 ? 2.882   1.548   7.711   1.00 8.06  ? 34  CYS A C   1 
ATOM   226 O O   . CYS A 1 34 ? 3.480   2.484   7.176   1.00 8.61  ? 34  CYS A O   1 
ATOM   227 C CB  . CYS A 1 34 ? 4.717   -0.069  7.717   1.00 9.49  ? 34  CYS A CB  1 
ATOM   228 S SG  . CYS A 1 34 ? 6.175   -0.679  8.661   1.00 11.41 ? 34  CYS A SG  1 
ATOM   229 N N   . PHE A 1 35 ? 1.602   1.318   7.480   1.00 7.36  ? 35  PHE A N   1 
ATOM   230 C CA  . PHE A 1 35 ? 0.926   2.035   6.385   1.00 7.03  ? 35  PHE A CA  1 
ATOM   231 C C   . PHE A 1 35 ? 0.985   3.558   6.513   1.00 7.61  ? 35  PHE A C   1 
ATOM   232 O O   . PHE A 1 35 ? 1.287   4.258   5.545   1.00 7.72  ? 35  PHE A O   1 
ATOM   233 C CB  . PHE A 1 35 ? -0.558  1.617   6.293   1.00 7.13  ? 35  PHE A CB  1 
ATOM   234 C CG  . PHE A 1 35 ? -0.807  0.267   5.686   1.00 7.11  ? 35  PHE A CG  1 
ATOM   235 C CD1 . PHE A 1 35 ? 0.204   -0.529  5.132   1.00 8.06  ? 35  PHE A CD1 1 
ATOM   236 C CD2 . PHE A 1 35 ? -2.106  -0.225  5.711   1.00 7.21  ? 35  PHE A CD2 1 
ATOM   237 C CE1 . PHE A 1 35 ? -0.101  -1.746  4.540   1.00 8.20  ? 35  PHE A CE1 1 
ATOM   238 C CE2 . PHE A 1 35 ? -2.390  -1.428  5.146   1.00 8.08  ? 35  PHE A CE2 1 
ATOM   239 C CZ  . PHE A 1 35 ? -1.412  -2.180  4.578   1.00 8.01  ? 35  PHE A CZ  1 
ATOM   240 N N   . CYS A 1 36 ? 0.720   4.119   7.696   1.00 7.92  ? 36  CYS A N   1 
ATOM   241 C CA  . CYS A 1 36 ? 0.727   5.568   7.875   1.00 8.79  ? 36  CYS A CA  1 
ATOM   242 C C   . CYS A 1 36 ? 2.134   6.120   7.780   1.00 8.76  ? 36  CYS A C   1 
ATOM   243 O O   . CYS A 1 36 ? 2.313   7.254   7.359   1.00 11.40 ? 36  CYS A O   1 
ATOM   244 C CB  . CYS A 1 36 ? -0.031  6.056   9.121   1.00 9.20  ? 36  CYS A CB  1 
ATOM   245 S SG  . CYS A 1 36 ? -1.792  5.660   9.089   1.00 9.14  ? 36  CYS A SG  1 
ATOM   246 N N   . GLN A 1 37 ? 3.141   5.306   8.092   1.00 9.14  ? 37  GLN A N   1 
ATOM   247 C CA  . GLN A 1 37 ? 4.520   5.718   7.826   1.00 10.29 ? 37  GLN A CA  1 
ATOM   248 C C   . GLN A 1 37 ? 4.882   5.684   6.340   1.00 9.36  ? 37  GLN A C   1 
ATOM   249 O O   . GLN A 1 37 ? 5.513   6.622   5.828   1.00 9.84  ? 37  GLN A O   1 
ATOM   250 C CB  . GLN A 1 37 ? 5.480   4.837   8.612   1.00 11.76 ? 37  GLN A CB  1 
ATOM   251 C CG  . GLN A 1 37 ? 5.408   5.087   10.113  1.00 15.82 ? 37  GLN A CG  1 
ATOM   252 C CD  . GLN A 1 37 ? 5.690   6.548   10.484  1.00 21.91 ? 37  GLN A CD  1 
ATOM   253 O OE1 . GLN A 1 37 ? 6.804   6.982   10.420  1.00 29.62 ? 37  GLN A OE1 1 
ATOM   254 N NE2 . GLN A 1 37 ? 4.639   7.292   10.874  0.50 22.06 ? 37  GLN A NE2 1 
ATOM   255 N N   . TYR A 1 38 ? 4.485   4.639   5.639   1.00 8.62  ? 38  TYR A N   1 
ATOM   256 C CA  . TYR A 1 38 ? 4.637   4.627   4.191   1.00 8.34  ? 38  TYR A CA  1 
ATOM   257 C C   . TYR A 1 38 ? 4.024   5.835   3.532   1.00 8.17  ? 38  TYR A C   1 
ATOM   258 O O   . TYR A 1 38 ? 4.577   6.429   2.577   1.00 9.24  ? 38  TYR A O   1 
ATOM   259 C CB  . TYR A 1 38 ? 3.978   3.420   3.576   1.00 8.03  ? 38  TYR A CB  1 
ATOM   260 C CG  . TYR A 1 38 ? 4.527   2.037   3.914   1.00 8.60  ? 38  TYR A CG  1 
ATOM   261 C CD1 . TYR A 1 38 ? 5.868   1.773   4.226   1.00 8.97  ? 38  TYR A CD1 1 
ATOM   262 C CD2 . TYR A 1 38 ? 3.669   0.951   3.925   1.00 9.52  ? 38  TYR A CD2 1 
ATOM   263 C CE1 . TYR A 1 38 ? 6.294   0.487   4.519   1.00 11.00 ? 38  TYR A CE1 1 
ATOM   264 C CE2 . TYR A 1 38 ? 4.117   -0.339  4.145   1.00 9.88  ? 38  TYR A CE2 1 
ATOM   265 C CZ  . TYR A 1 38 ? 5.420   -0.547  4.490   1.00 9.33  ? 38  TYR A CZ  1 
ATOM   266 O OH  . TYR A 1 38 ? 5.832   -1.854  4.683   1.00 11.32 ? 38  TYR A OH  1 
ATOM   267 N N   . ALA A 1 39 ? 2.900   6.270   4.073   1.00 8.63  ? 39  ALA A N   1 
ATOM   268 C CA  . ALA A 1 39 ? 2.188   7.427   3.488   1.00 10.04 ? 39  ALA A CA  1 
ATOM   269 C C   . ALA A 1 39 ? 2.949   8.736   3.641   1.00 10.62 ? 39  ALA A C   1 
ATOM   270 O O   . ALA A 1 39 ? 2.637   9.688   2.976   1.00 14.01 ? 39  ALA A O   1 
ATOM   271 C CB  . ALA A 1 39 ? 0.811   7.532   4.076   1.00 10.89 ? 39  ALA A CB  1 
ATOM   272 N N   . LYS A 1 40 ? 3.882   8.798   4.550   1.00 10.49 ? 40  LYS A N   1 
ATOM   273 C CA  . LYS A 1 40 ? 4.740   9.963   4.757   1.00 12.18 ? 40  LYS A CA  1 
ATOM   274 C C   . LYS A 1 40 ? 6.037   9.903   3.975   1.00 11.42 ? 40  LYS A C   1 
ATOM   275 O O   . LYS A 1 40 ? 6.832   10.822  4.052   1.00 12.60 ? 40  LYS A O   1 
ATOM   276 C CB  . LYS A 1 40 ? 5.081   10.101  6.258   1.00 14.39 ? 40  LYS A CB  1 
ATOM   277 C CG  . LYS A 1 40 ? 3.874   10.393  7.168   1.00 19.84 ? 40  LYS A CG  1 
ATOM   278 C CD  . LYS A 1 40 ? 4.228   10.510  8.668   1.00 22.44 ? 40  LYS A CD  1 
ATOM   279 C CE  . LYS A 1 40 ? 5.150   11.673  9.031   1.00 28.14 ? 40  LYS A CE  1 
ATOM   280 N NZ  . LYS A 1 40 ? 6.006   11.504  10.266  1.00 31.56 ? 40  LYS A NZ  1 
ATOM   281 N N   . ASP A 1 41 ? 6.302   8.825   3.240   1.00 9.87  ? 41  ASP A N   1 
ATOM   282 C CA  . ASP A 1 41 ? 7.532   8.758   2.515   1.00 9.78  ? 41  ASP A CA  1 
ATOM   283 C C   . ASP A 1 41 ? 7.572   9.918   1.519   1.00 10.20 ? 41  ASP A C   1 
ATOM   284 O O   . ASP A 1 41 ? 6.670   10.042  0.700   1.00 9.55  ? 41  ASP A O   1 
ATOM   285 C CB  . ASP A 1 41 ? 7.643   7.413   1.783   1.00 10.77 ? 41  ASP A CB  1 
ATOM   286 C CG  A ASP A 1 41 ? 9.005   7.274   1.228   0.50 13.03 ? 41  ASP A CG  1 
ATOM   287 C CG  B ASP A 1 41 ? 8.932   7.144   1.064   0.50 11.32 ? 41  ASP A CG  1 
ATOM   288 O OD1 A ASP A 1 41 ? 9.153   7.048   0.039   0.50 14.59 ? 41  ASP A OD1 1 
ATOM   289 O OD1 B ASP A 1 41 ? 9.172   7.750   0.017   0.50 9.78  ? 41  ASP A OD1 1 
ATOM   290 O OD2 A ASP A 1 41 ? 10.002  7.510   1.954   0.50 14.97 ? 41  ASP A OD2 1 
ATOM   291 O OD2 B ASP A 1 41 ? 9.658   6.172   1.407   0.50 12.27 ? 41  ASP A OD2 1 
ATOM   292 N N   . PRO A 1 42 ? 8.652   10.721  1.492   1.00 10.53 ? 42  PRO A N   1 
ATOM   293 C CA  . PRO A 1 42 ? 8.702   11.821  0.539   1.00 10.87 ? 42  PRO A CA  1 
ATOM   294 C C   . PRO A 1 42 ? 8.722   11.413  -0.883  1.00 10.23 ? 42  PRO A C   1 
ATOM   295 O O   . PRO A 1 42 ? 8.201   12.089  -1.741  1.00 13.03 ? 42  PRO A O   1 
ATOM   296 C CB  . PRO A 1 42 ? 9.981   12.593  0.937   1.00 11.54 ? 42  PRO A CB  1 
ATOM   297 C CG  . PRO A 1 42 ? 10.198  12.260  2.338   1.00 15.01 ? 42  PRO A CG  1 
ATOM   298 C CD  . PRO A 1 42 ? 9.723   10.887  2.490   1.00 12.08 ? 42  PRO A CD  1 
ATOM   299 N N   . THR A 1 43 ? 9.357   10.292  -1.186  1.00 10.09 ? 43  THR A N   1 
ATOM   300 C CA  . THR A 1 43 ? 9.489   9.876   -2.603  1.00 11.28 ? 43  THR A CA  1 
ATOM   301 C C   . THR A 1 43 ? 8.225   9.192   -3.146  1.00 10.63 ? 43  THR A C   1 
ATOM   302 O O   . THR A 1 43 ? 7.790   9.470   -4.243  1.00 12.36 ? 43  THR A O   1 
ATOM   303 C CB  . THR A 1 43 ? 10.708  8.913   -2.725  1.00 12.21 ? 43  THR A CB  1 
ATOM   304 O OG1 . THR A 1 43 ? 11.894  9.602   -2.253  1.00 13.70 ? 43  THR A OG1 1 
ATOM   305 C CG2 . THR A 1 43 ? 10.936  8.538   -4.220  1.00 14.82 ? 43  THR A CG2 1 
ATOM   306 N N   . TYR A 1 44 ? 7.667   8.273   -2.370  1.00 9.63  ? 44  TYR A N   1 
ATOM   307 C CA  . TYR A 1 44 ? 6.562   7.426   -2.830  1.00 10.04 ? 44  TYR A CA  1 
ATOM   308 C C   . TYR A 1 44 ? 5.247   7.694   -2.181  1.00 9.12  ? 44  TYR A C   1 
ATOM   309 O O   . TYR A 1 44 ? 4.227   7.119   -2.569  1.00 9.13  ? 44  TYR A O   1 
ATOM   310 C CB  . TYR A 1 44 ? 6.931   5.939   -2.608  1.00 11.32 ? 44  TYR A CB  1 
ATOM   311 C CG  . TYR A 1 44 ? 8.210   5.534   -3.311  1.00 12.25 ? 44  TYR A CG  1 
ATOM   312 C CD1 . TYR A 1 44 ? 8.291   5.560   -4.676  1.00 14.43 ? 44  TYR A CD1 1 
ATOM   313 C CD2 . TYR A 1 44 ? 9.340   5.227   -2.580  1.00 16.77 ? 44  TYR A CD2 1 
ATOM   314 C CE1 . TYR A 1 44 ? 9.500   5.223   -5.325  1.00 17.35 ? 44  TYR A CE1 1 
ATOM   315 C CE2 . TYR A 1 44 ? 10.520  4.864   -3.212  1.00 18.08 ? 44  TYR A CE2 1 
ATOM   316 C CZ  . TYR A 1 44 ? 10.588  4.886   -4.577  1.00 16.84 ? 44  TYR A CZ  1 
ATOM   317 O OH  . TYR A 1 44 ? 11.776  4.559   -5.160  1.00 20.61 ? 44  TYR A OH  1 
ATOM   318 N N   . GLY A 1 45 ? 5.261   8.569   -1.206  1.00 9.32  ? 45  GLY A N   1 
ATOM   319 C CA  . GLY A 1 45 ? 4.054   8.829   -0.489  1.00 9.41  ? 45  GLY A CA  1 
ATOM   320 C C   . GLY A 1 45 ? 2.897   9.269   -1.379  1.00 8.81  ? 45  GLY A C   1 
ATOM   321 O O   . GLY A 1 45 ? 1.728   8.923   -1.125  1.00 10.50 ? 45  GLY A O   1 
ATOM   322 N N   . GLN A 1 46 ? 3.145   10.042  -2.426  1.00 9.68  ? 46  GLN A N   1 
ATOM   323 C CA  . GLN A 1 46 ? 2.092   10.483  -3.353  1.00 9.92  ? 46  GLN A CA  1 
ATOM   324 C C   . GLN A 1 46 ? 1.302   9.287   -3.925  1.00 9.24  ? 46  GLN A C   1 
ATOM   325 O O   . GLN A 1 46 ? 0.092   9.350   -4.113  1.00 11.01 ? 46  GLN A O   1 
ATOM   326 C CB  . GLN A 1 46 ? 2.663   11.290  -4.513  1.00 10.01 ? 46  GLN A CB  1 
ATOM   327 C CG  . GLN A 1 46 ? 3.630   10.532  -5.392  1.00 13.49 ? 46  GLN A CG  1 
ATOM   328 C CD  . GLN A 1 46 ? 4.464   11.485  -6.199  1.00 15.99 ? 46  GLN A CD  1 
ATOM   329 O OE1 . GLN A 1 46 ? 5.421   12.087  -5.678  1.00 17.36 ? 46  GLN A OE1 1 
ATOM   330 N NE2 . GLN A 1 46 ? 4.147   11.624  -7.460  1.00 20.43 ? 46  GLN A NE2 1 
ATOM   331 N N   . TYR A 1 47 ? 1.989   8.171   -4.151  1.00 9.10  ? 47  TYR A N   1 
ATOM   332 C CA  . TYR A 1 47 ? 1.344   6.957   -4.695  1.00 8.61  ? 47  TYR A CA  1 
ATOM   333 C C   . TYR A 1 47 ? 0.637   6.213   -3.584  1.00 7.89  ? 47  TYR A C   1 
ATOM   334 O O   . TYR A 1 47 ? -0.471  5.671   -3.751  1.00 7.80  ? 47  TYR A O   1 
ATOM   335 C CB  . TYR A 1 47 ? 2.394   6.050   -5.331  1.00 9.83  ? 47  TYR A CB  1 
ATOM   336 C CG  . TYR A 1 47 ? 3.221   6.796   -6.315  1.00 10.98 ? 47  TYR A CG  1 
ATOM   337 C CD1 . TYR A 1 47 ? 2.684   7.236   -7.504  1.00 13.12 ? 47  TYR A CD1 1 
ATOM   338 C CD2 . TYR A 1 47 ? 4.547   7.131   -6.042  1.00 12.95 ? 47  TYR A CD2 1 
ATOM   339 C CE1 . TYR A 1 47 ? 3.459   7.950   -8.444  1.00 15.80 ? 47  TYR A CE1 1 
ATOM   340 C CE2 . TYR A 1 47 ? 5.348   7.808   -6.990  1.00 13.87 ? 47  TYR A CE2 1 
ATOM   341 C CZ  . TYR A 1 47 ? 4.782   8.223   -8.156  1.00 15.00 ? 47  TYR A CZ  1 
ATOM   342 O OH  . TYR A 1 47 ? 5.544   8.899   -9.065  1.00 19.00 ? 47  TYR A OH  1 
ATOM   343 N N   . ILE A 1 48 ? 1.267   6.158   -2.436  1.00 7.96  ? 48  ILE A N   1 
ATOM   344 C CA  . ILE A 1 48 ? 0.720   5.460   -1.280  1.00 8.65  ? 48  ILE A CA  1 
ATOM   345 C C   . ILE A 1 48 ? -0.580  6.081   -0.795  1.00 7.35  ? 48  ILE A C   1 
ATOM   346 O O   . ILE A 1 48 ? -1.443  5.399   -0.298  1.00 8.90  ? 48  ILE A O   1 
ATOM   347 C CB  . ILE A 1 48 ? 1.767   5.381   -0.160  1.00 10.52 ? 48  ILE A CB  1 
ATOM   348 C CG1 A ILE A 1 48 ? 2.928   4.591   -0.876  0.50 12.05 ? 48  ILE A CG1 1 
ATOM   349 C CG1 B ILE A 1 48 ? 2.981   4.556   -0.463  0.50 11.90 ? 48  ILE A CG1 1 
ATOM   350 C CG2 A ILE A 1 48 ? 1.350   4.542   0.956   0.50 9.86  ? 48  ILE A CG2 1 
ATOM   351 C CG2 B ILE A 1 48 ? 1.063   5.056   1.227   0.50 10.12 ? 48  ILE A CG2 1 
ATOM   352 C CD1 A ILE A 1 48 ? 4.388   4.619   -0.340  0.50 7.24  ? 48  ILE A CD1 1 
ATOM   353 C CD1 B ILE A 1 48 ? 2.671   3.187   -0.605  0.50 10.21 ? 48  ILE A CD1 1 
ATOM   354 N N   . ARG A 1 49 ? -0.698  7.399   -0.945  1.00 7.53  ? 49  ARG A N   1 
ATOM   355 C CA  . ARG A 1 49 ? -1.875  8.143   -0.534  1.00 8.02  ? 49  ARG A CA  1 
ATOM   356 C C   . ARG A 1 49 ? -2.985  8.155   -1.578  1.00 8.40  ? 49  ARG A C   1 
ATOM   357 O O   . ARG A 1 49 ? -4.070  8.678   -1.287  1.00 10.14 ? 49  ARG A O   1 
ATOM   358 C CB  . ARG A 1 49 ? -1.510  9.563   -0.146  1.00 8.12  ? 49  ARG A CB  1 
ATOM   359 C CG  . ARG A 1 49 ? -0.567  9.642   1.067   1.00 8.27  ? 49  ARG A CG  1 
ATOM   360 C CD  . ARG A 1 49 ? -0.338  10.989  1.595   1.00 12.38 ? 49  ARG A CD  1 
ATOM   361 N NE  . ARG A 1 49 ? 0.191   11.862  0.569   1.00 12.07 ? 49  ARG A NE  1 
ATOM   362 C CZ  . ARG A 1 49 ? 1.482   12.119  0.329   1.00 10.48 ? 49  ARG A CZ  1 
ATOM   363 N NH1 . ARG A 1 49 ? 2.449   11.579  1.062   1.00 12.85 ? 49  ARG A NH1 1 
ATOM   364 N NH2 . ARG A 1 49 ? 1.822   12.972  -0.622  1.00 12.70 ? 49  ARG A NH2 1 
ATOM   365 N N   . SER A 1 50 ? -2.779  7.597   -2.739  1.00 7.29  ? 50  SER A N   1 
ATOM   366 C CA  . SER A 1 50 ? -3.671  7.730   -3.867  1.00 7.94  ? 50  SER A CA  1 
ATOM   367 C C   . SER A 1 50 ? -4.868  6.841   -3.787  1.00 7.21  ? 50  SER A C   1 
ATOM   368 O O   . SER A 1 50 ? -4.868  5.840   -3.098  1.00 6.72  ? 50  SER A O   1 
ATOM   369 C CB  . SER A 1 50 ? -2.902  7.452   -5.147  1.00 9.06  ? 50  SER A CB  1 
ATOM   370 O OG  . SER A 1 50 ? -2.647  6.054   -5.324  1.00 9.11  ? 50  SER A OG  1 
ATOM   371 N N   . PRO A 1 51 ? -5.892  7.137   -4.615  1.00 6.53  ? 51  PRO A N   1 
ATOM   372 C CA  . PRO A 1 51 ? -7.025  6.222   -4.712  1.00 6.50  ? 51  PRO A CA  1 
ATOM   373 C C   . PRO A 1 51 ? -6.618  4.819   -5.107  1.00 7.04  ? 51  PRO A C   1 
ATOM   374 O O   . PRO A 1 51 ? -7.195  3.873   -4.583  1.00 6.88  ? 51  PRO A O   1 
ATOM   375 C CB  . PRO A 1 51 ? -7.913  6.879   -5.733  1.00 6.85  ? 51  PRO A CB  1 
ATOM   376 C CG  . PRO A 1 51 ? -7.638  8.351   -5.559  1.00 8.81  ? 51  PRO A CG  1 
ATOM   377 C CD  . PRO A 1 51 ? -6.156  8.412   -5.321  1.00 7.71  ? 51  PRO A CD  1 
ATOM   378 N N   . HIS A 1 52 ? -5.651  4.640   -6.012  1.00 6.37  ? 52  HIS A N   1 
ATOM   379 C CA  . HIS A 1 52 ? -5.277  3.289   -6.369  1.00 6.43  ? 52  HIS A CA  1 
ATOM   380 C C   . HIS A 1 52 ? -4.764  2.504   -5.176  1.00 5.75  ? 52  HIS A C   1 
ATOM   381 O O   . HIS A 1 52 ? -5.035  1.297   -5.047  1.00 6.02  ? 52  HIS A O   1 
ATOM   382 C CB  . HIS A 1 52 ? -4.149  3.287   -7.374  1.00 8.08  ? 52  HIS A CB  1 
ATOM   383 C CG  . HIS A 1 52 ? -4.511  3.731   -8.769  1.00 10.52 ? 52  HIS A CG  1 
ATOM   384 N ND1 . HIS A 1 52 ? -5.729  3.508   -9.346  1.00 13.94 ? 52  HIS A ND1 1 
ATOM   385 C CD2 . HIS A 1 52 ? -3.782  4.426   -9.685  1.00 12.72 ? 52  HIS A CD2 1 
ATOM   386 C CE1 . HIS A 1 52 ? -5.743  4.058   -10.557 1.00 14.76 ? 52  HIS A CE1 1 
ATOM   387 N NE2 . HIS A 1 52 ? -4.565  4.591   -10.793 1.00 16.85 ? 52  HIS A NE2 1 
ATOM   388 N N   . ALA A 1 53 ? -3.997  3.135   -4.299  1.00 6.10  ? 53  ALA A N   1 
ATOM   389 C CA  . ALA A 1 53 ? -3.475  2.454   -3.101  1.00 6.28  ? 53  ALA A CA  1 
ATOM   390 C C   . ALA A 1 53 ? -4.597  2.094   -2.153  1.00 5.96  ? 53  ALA A C   1 
ATOM   391 O O   . ALA A 1 53 ? -4.629  0.991   -1.615  1.00 6.05  ? 53  ALA A O   1 
ATOM   392 C CB  . ALA A 1 53 ? -2.470  3.333   -2.411  1.00 7.51  ? 53  ALA A CB  1 
ATOM   393 N N   . ARG A 1 54 ? -5.510  3.011   -1.933  1.00 6.34  ? 54  ARG A N   1 
ATOM   394 C CA  . ARG A 1 54 ? -6.696  2.724   -1.104  1.00 7.66  ? 54  ARG A CA  1 
ATOM   395 C C   . ARG A 1 54 ? -7.521  1.579   -1.675  1.00 7.38  ? 54  ARG A C   1 
ATOM   396 O O   . ARG A 1 54 ? -7.957  0.691   -0.912  1.00 7.88  ? 54  ARG A O   1 
ATOM   397 C CB  . ARG A 1 54 ? -7.495  4.031   -1.011  1.00 9.71  ? 54  ARG A CB  1 
ATOM   398 C CG  . ARG A 1 54 ? -6.755  5.062   -0.162  1.00 14.96 ? 54  ARG A CG  1 
ATOM   399 C CD  . ARG A 1 54 ? -7.423  6.400   -0.129  1.00 17.73 ? 54  ARG A CD  1 
ATOM   400 N NE  A ARG A 1 54 ? -6.521  7.475   0.259   0.50 15.95 ? 54  ARG A NE  1 
ATOM   401 N NE  B ARG A 1 54 ? -6.725  7.492   -0.802  0.50 15.71 ? 54  ARG A NE  1 
ATOM   402 C CZ  A ARG A 1 54 ? -6.381  8.623   -0.399  0.50 23.02 ? 54  ARG A CZ  1 
ATOM   403 C CZ  B ARG A 1 54 ? -7.362  8.455   -1.511  0.50 14.88 ? 54  ARG A CZ  1 
ATOM   404 N NH1 A ARG A 1 54 ? -5.547  9.537   0.079   0.50 25.41 ? 54  ARG A NH1 1 
ATOM   405 N NH1 B ARG A 1 54 ? -6.723  9.433   -2.208  0.50 7.65  ? 54  ARG A NH1 1 
ATOM   406 N NH2 A ARG A 1 54 ? -7.048  8.873   -1.529  0.50 24.58 ? 54  ARG A NH2 1 
ATOM   407 N NH2 B ARG A 1 54 ? -8.676  8.455   -1.517  0.50 19.99 ? 54  ARG A NH2 1 
ATOM   408 N N   . ASP A 1 55 ? -7.754  1.585   -2.962  1.00 6.91  ? 55  ASP A N   1 
ATOM   409 C CA  . ASP A 1 55 ? -8.479  0.521   -3.603  1.00 8.25  ? 55  ASP A CA  1 
ATOM   410 C C   . ASP A 1 55 ? -7.785  -0.833  -3.464  1.00 7.74  ? 55  ASP A C   1 
ATOM   411 O O   . ASP A 1 55 ? -8.452  -1.858  -3.314  1.00 9.00  ? 55  ASP A O   1 
ATOM   412 C CB  . ASP A 1 55 ? -8.597  0.784   -5.131  1.00 9.60  ? 55  ASP A CB  1 
ATOM   413 C CG  . ASP A 1 55 ? -9.443  1.940   -5.511  1.00 10.95 ? 55  ASP A CG  1 
ATOM   414 O OD1 . ASP A 1 55 ? -10.258 2.432   -4.745  1.00 11.69 ? 55  ASP A OD1 1 
ATOM   415 O OD2 . ASP A 1 55 ? -9.315  2.433   -6.668  1.00 16.51 ? 55  ASP A OD2 1 
ATOM   416 N N   . THR A 1 56 ? -6.476  -0.817  -3.444  1.00 6.23  ? 56  THR A N   1 
ATOM   417 C CA  . THR A 1 56 ? -5.678  -2.013  -3.295  1.00 6.00  ? 56  THR A CA  1 
ATOM   418 C C   . THR A 1 56 ? -5.965  -2.598  -1.896  1.00 5.82  ? 56  THR A C   1 
ATOM   419 O O   . THR A 1 56 ? -6.178  -3.812  -1.760  1.00 6.73  ? 56  THR A O   1 
ATOM   420 C CB  . THR A 1 56 ? -4.206  -1.701  -3.466  1.00 5.86  ? 56  THR A CB  1 
ATOM   421 O OG1 . THR A 1 56 ? -3.989  -1.250  -4.810  1.00 6.85  ? 56  THR A OG1 1 
ATOM   422 C CG2 . THR A 1 56 ? -3.343  -2.923  -3.281  1.00 6.86  ? 56  THR A CG2 1 
ATOM   423 N N   . LEU A 1 57 ? -5.923  -1.768  -0.844  1.00 5.67  ? 57  LEU A N   1 
ATOM   424 C CA  . LEU A 1 57 ? -6.259  -2.264  0.484   1.00 6.07  ? 57  LEU A CA  1 
ATOM   425 C C   . LEU A 1 57 ? -7.618  -2.921  0.470   1.00 7.17  ? 57  LEU A C   1 
ATOM   426 O O   . LEU A 1 57 ? -7.793  -4.019  1.024   1.00 7.57  ? 57  LEU A O   1 
ATOM   427 C CB  . LEU A 1 57 ? -6.180  -1.113  1.467   1.00 6.92  ? 57  LEU A CB  1 
ATOM   428 C CG  . LEU A 1 57 ? -4.831  -0.486  1.694   1.00 7.10  ? 57  LEU A CG  1 
ATOM   429 C CD1 . LEU A 1 57 ? -4.895  0.467   2.867   1.00 7.88  ? 57  LEU A CD1 1 
ATOM   430 C CD2 . LEU A 1 57 ? -3.734  -1.493  1.888   1.00 9.96  ? 57  LEU A CD2 1 
ATOM   431 N N   . THR A 1 58 ? -8.608  -2.222  -0.041  1.00 7.36  ? 58  THR A N   1 
ATOM   432 C CA  . THR A 1 58 ? -9.988  -2.737  -0.036  1.00 8.40  ? 58  THR A CA  1 
ATOM   433 C C   . THR A 1 58 ? -10.103 -4.046  -0.845  1.00 8.41  ? 58  THR A C   1 
ATOM   434 O O   . THR A 1 58 ? -10.758 -4.970  -0.380  1.00 9.37  ? 58  THR A O   1 
ATOM   435 C CB  . THR A 1 58 ? -10.922 -1.648  -0.530  1.00 10.01 ? 58  THR A CB  1 
ATOM   436 O OG1 . THR A 1 58 ? -10.798 -0.530  0.378   1.00 11.29 ? 58  THR A OG1 1 
ATOM   437 C CG2 . THR A 1 58 ? -12.383 -2.059  -0.544  1.00 11.73 ? 58  THR A CG2 1 
ATOM   438 N N   . SER A 1 59 ? -9.400  -4.148  -1.956  1.00 7.06  ? 59  SER A N   1 
ATOM   439 C CA  . SER A 1 59 ? -9.407  -5.383  -2.732  1.00 7.99  ? 59  SER A CA  1 
ATOM   440 C C   . SER A 1 59 ? -8.771  -6.524  -1.950  1.00 8.48  ? 59  SER A C   1 
ATOM   441 O O   . SER A 1 59 ? -9.178  -7.679  -2.080  1.00 9.28  ? 59  SER A O   1 
ATOM   442 C CB  . SER A 1 59 ? -8.720  -5.165  -4.040  1.00 8.44  ? 59  SER A CB  1 
ATOM   443 O OG  A SER A 1 59 ? -8.709  -6.279  -4.919  0.50 14.81 ? 59  SER A OG  1 
ATOM   444 O OG  B SER A 1 59 ? -9.560  -4.350  -4.807  0.50 6.45  ? 59  SER A OG  1 
ATOM   445 N N   . CYS A 1 60 ? -7.810  -6.216  -1.103  1.00 7.52  ? 60  CYS A N   1 
ATOM   446 C CA  . CYS A 1 60 ? -7.168  -7.199  -0.240  1.00 8.46  ? 60  CYS A CA  1 
ATOM   447 C C   . CYS A 1 60 ? -7.950  -7.499  1.021   1.00 9.44  ? 60  CYS A C   1 
ATOM   448 O O   . CYS A 1 60 ? -7.525  -8.353  1.785   1.00 11.86 ? 60  CYS A O   1 
ATOM   449 C CB  . CYS A 1 60 ? -5.775  -6.727  0.172   1.00 7.55  ? 60  CYS A CB  1 
ATOM   450 S SG  . CYS A 1 60 ? -4.568  -6.694  -1.205  1.00 7.13  ? 60  CYS A SG  1 
ATOM   451 N N   . GLY A 1 61 ? -9.080  -6.845  1.236   1.00 8.68  ? 61  GLY A N   1 
ATOM   452 C CA  . GLY A 1 61 ? -9.885  -7.070  2.454   1.00 10.34 ? 61  GLY A CA  1 
ATOM   453 C C   . GLY A 1 61 ? -9.316  -6.428  3.671   1.00 10.27 ? 61  GLY A C   1 
ATOM   454 O O   . GLY A 1 61 ? -9.643  -6.861  4.798   1.00 12.64 ? 61  GLY A O   1 
ATOM   455 N N   . LEU A 1 62 ? -8.496  -5.396  3.521   1.00 8.47  ? 62  LEU A N   1 
ATOM   456 C CA  . LEU A 1 62 ? -7.856  -4.731  4.673   1.00 9.24  ? 62  LEU A CA  1 
ATOM   457 C C   . LEU A 1 62 ? -8.516  -3.393  4.917   1.00 10.71 ? 62  LEU A C   1 
ATOM   458 O O   . LEU A 1 62 ? -8.976  -2.740  3.996   1.00 9.97  ? 62  LEU A O   1 
ATOM   459 C CB  . LEU A 1 62 ? -6.391  -4.506  4.349   1.00 9.13  ? 62  LEU A CB  1 
ATOM   460 C CG  . LEU A 1 62 ? -5.600  -5.769  4.038   1.00 9.19  ? 62  LEU A CG  1 
ATOM   461 C CD1 . LEU A 1 62 ? -4.195  -5.419  3.646   1.00 10.58 ? 62  LEU A CD1 1 
ATOM   462 C CD2 . LEU A 1 62 ? -5.669  -6.746  5.222   1.00 10.94 ? 62  LEU A CD2 1 
ATOM   463 N N   . ALA A 1 63 ? -8.513  -2.988  6.176   1.00 11.23 ? 63  ALA A N   1 
ATOM   464 C CA  . ALA A 1 63 ? -8.970  -1.671  6.528   1.00 11.18 ? 63  ALA A CA  1 
ATOM   465 C C   . ALA A 1 63 ? -8.086  -0.598  5.905   1.00 10.59 ? 63  ALA A C   1 
ATOM   466 O O   . ALA A 1 63 ? -6.908  -0.758  5.793   1.00 10.28 ? 63  ALA A O   1 
ATOM   467 C CB  . ALA A 1 63 ? -8.991  -1.496  8.073   1.00 13.61 ? 63  ALA A CB  1 
ATOM   468 N N   . VAL A 1 64 ? -8.720  0.518   5.546   1.00 12.18 ? 64  VAL A N   1 
ATOM   469 C CA  . VAL A 1 64 ? -8.003  1.701   5.155   1.00 11.62 ? 64  VAL A CA  1 
ATOM   470 C C   . VAL A 1 64 ? -7.825  2.573   6.410   1.00 11.92 ? 64  VAL A C   1 
ATOM   471 O O   . VAL A 1 64 ? -8.809  2.971   7.057   1.00 12.60 ? 64  VAL A O   1 
ATOM   472 C CB  . VAL A 1 64 ? -8.757  2.497   4.097   1.00 12.37 ? 64  VAL A CB  1 
ATOM   473 C CG1 . VAL A 1 64 ? -8.078  3.756   3.789   1.00 15.09 ? 64  VAL A CG1 1 
ATOM   474 C CG2 . VAL A 1 64 ? -8.971  1.625   2.836   1.00 13.73 ? 64  VAL A CG2 1 
ATOM   475 N N   . PRO A 1 65 ? -6.599  2.864   6.797   1.00 11.68 ? 65  PRO A N   1 
ATOM   476 C CA  . PRO A 1 65 ? -6.367  3.648   7.988   1.00 11.23 ? 65  PRO A CA  1 
ATOM   477 C C   . PRO A 1 65 ? -6.746  5.090   7.806   1.00 12.35 ? 65  PRO A C   1 
ATOM   478 O O   . PRO A 1 65 ? -6.632  5.619   6.697   1.00 13.36 ? 65  PRO A O   1 
ATOM   479 C CB  . PRO A 1 65 ? -4.875  3.487   8.267   1.00 12.40 ? 65  PRO A CB  1 
ATOM   480 C CG  . PRO A 1 65 ? -4.305  3.200   6.978   1.00 12.28 ? 65  PRO A CG  1 
ATOM   481 C CD  . PRO A 1 65 ? -5.339  2.462   6.164   1.00 11.37 ? 65  PRO A CD  1 
ATOM   482 N N   . HIS A 1 66 ? -7.086  5.708   8.935   1.00 12.59 ? 66  HIS A N   1 
ATOM   483 C CA  . HIS A 1 66 ? -7.216  7.140   9.080   1.00 15.77 ? 66  HIS A CA  1 
ATOM   484 C C   . HIS A 1 66 ? -5.907  7.651   9.661   1.00 17.30 ? 66  HIS A C   1 
ATOM   485 O O   . HIS A 1 66 ? -5.690  7.755   10.887  1.00 21.74 ? 66  HIS A O   1 
ATOM   486 C CB  . HIS A 1 66 ? -8.393  7.497   10.017  1.00 17.75 ? 66  HIS A CB  1 
ATOM   487 C CG  . HIS A 1 66 ? -9.740  7.124   9.471   1.00 23.47 ? 66  HIS A CG  1 
ATOM   488 N ND1 . HIS A 1 66 ? -10.298 7.734   8.359   1.00 29.10 ? 66  HIS A ND1 1 
ATOM   489 C CD2 . HIS A 1 66 ? -10.657 6.227   9.901   1.00 29.46 ? 66  HIS A CD2 1 
ATOM   490 C CE1 . HIS A 1 66 ? -11.487 7.204   8.119   1.00 30.03 ? 66  HIS A CE1 1 
ATOM   491 N NE2 . HIS A 1 66 ? -11.726 6.287   9.036   1.00 30.03 ? 66  HIS A NE2 1 
ATOM   492 N N   . CYS A 1 67 ? -5.026  7.979   8.767   1.00 15.29 ? 67  CYS A N   1 
ATOM   493 C CA  . CYS A 1 67 ? -3.702  8.504   9.116   1.00 15.99 ? 67  CYS A CA  1 
ATOM   494 C C   . CYS A 1 67 ? -3.730  9.970   9.514   1.00 19.06 ? 67  CYS A C   1 
ATOM   495 O O   . CYS A 1 67 ? -4.786  10.640  9.461   1.00 24.37 ? 67  CYS A O   1 
ATOM   496 C CB  . CYS A 1 67 ? -2.735  8.333   7.937   1.00 14.16 ? 67  CYS A CB  1 
ATOM   497 S SG  . CYS A 1 67 ? -2.487  6.613   7.429   1.00 11.50 ? 67  CYS A SG  1 
ATOM   498 O OXT . CYS A 1 67 ? -2.690  10.499  9.866   1.00 21.02 ? 67  CYS A OXT 1 
HETATM 499 I I   . IOD B 2 .  ? -6.591  -7.994  9.331   0.50 12.74 ? 101 IOD A I   1 
HETATM 500 I I   . IOD C 2 .  ? 0.130   -6.400  -7.711  0.90 7.91  ? 102 IOD A I   1 
HETATM 501 C C1  . PGM D 3 .  ? 7.933   14.709  -1.458  1.00 60.81 ? 103 PGM A C1  1 
HETATM 502 O O1  . PGM D 3 .  ? 8.274   14.265  -2.770  1.00 61.35 ? 103 PGM A O1  1 
HETATM 503 C C2  . PGM D 3 .  ? 6.445   14.934  -1.452  1.00 59.91 ? 103 PGM A C2  1 
HETATM 504 O O2  . PGM D 3 .  ? 6.184   16.327  -1.598  1.00 61.92 ? 103 PGM A O2  1 
HETATM 505 C C3  . PGM D 3 .  ? 5.756   14.428  -0.197  1.00 59.83 ? 103 PGM A C3  1 
HETATM 506 O O4  . PGM D 3 .  ? 6.507   14.465  1.016   1.00 58.75 ? 103 PGM A O4  1 
HETATM 507 P P5  . PGM D 3 .  ? 5.711   14.494  2.405   1.00 55.36 ? 103 PGM A P5  1 
HETATM 508 O O5A . PGM D 3 .  ? 5.623   15.931  2.853   1.00 57.57 ? 103 PGM A O5A 1 
HETATM 509 O O5B . PGM D 3 .  ? 4.447   13.708  2.157   1.00 58.05 ? 103 PGM A O5B 1 
HETATM 510 O O6  . PGM D 3 .  ? 6.591   13.652  3.480   1.00 53.70 ? 103 PGM A O6  1 
HETATM 511 C C7  . PGM D 3 .  ? 6.251   13.362  4.841   1.00 50.15 ? 103 PGM A C7  1 
HETATM 512 C C8  . PGM D 3 .  ? 4.948   13.934  5.368   1.00 49.82 ? 103 PGM A C8  1 
HETATM 513 O O8  . PGM D 3 .  ? 4.935   14.806  6.370   1.00 51.49 ? 103 PGM A O8  1 
HETATM 514 C C9  . PGM D 3 .  ? 3.783   13.553  4.859   1.00 47.47 ? 103 PGM A C9  1 
HETATM 515 O OQ1 . PGM D 3 .  ? 1.287   14.606  3.489   1.00 44.40 ? 103 PGM A OQ1 1 
HETATM 516 O OQ2 . PGM D 3 .  ? 2.544   14.116  5.355   1.00 46.75 ? 103 PGM A OQ2 1 
HETATM 517 C CA  . PGM D 3 .  ? 1.516   13.820  4.378   1.00 44.24 ? 103 PGM A CA  1 
HETATM 518 C CB  . PGM D 3 .  ? 0.770   12.523  4.428   1.00 43.07 ? 103 PGM A CB  1 
HETATM 519 C CC  . PGM D 3 .  ? 0.064   12.286  5.748   1.00 41.06 ? 103 PGM A CC  1 
HETATM 520 C CD  . PGM D 3 .  ? -0.671  10.952  5.657   1.00 34.15 ? 103 PGM A CD  1 
HETATM 521 C CE  . PGM D 3 .  ? -2.051  11.075  5.014   1.00 29.44 ? 103 PGM A CE  1 
HETATM 522 C CF  . PGM D 3 .  ? -2.414  9.701   4.540   1.00 26.33 ? 103 PGM A CF  1 
HETATM 523 C CG  . PGM D 3 .  ? -3.812  9.495   4.026   1.00 28.80 ? 103 PGM A CG  1 
HETATM 524 C CH  . PGM D 3 .  ? -4.263  8.042   4.117   1.00 25.92 ? 103 PGM A CH  1 
HETATM 525 C CI  . PGM D 3 .  ? -3.200  7.055   3.717   1.00 26.31 ? 103 PGM A CI  1 
HETATM 526 C CJ  . PGM D 3 .  ? -3.788  5.694   3.895   1.00 22.79 ? 103 PGM A CJ  1 
HETATM 527 C CK  . PGM D 3 .  ? -2.641  4.707   4.039   1.00 20.74 ? 103 PGM A CK  1 
HETATM 528 C CL  . PGM D 3 .  ? -2.594  3.851   2.803   1.00 16.07 ? 103 PGM A CL  1 
HETATM 529 C CM  . PGM D 3 .  ? -1.594  2.715   2.781   1.00 14.21 ? 103 PGM A CM  1 
HETATM 530 C CN  . PGM D 3 .  ? -1.550  2.171   1.399   1.00 12.06 ? 103 PGM A CN  1 
HETATM 531 C CO  . PGM D 3 .  ? -0.554  1.013   1.244   1.00 12.61 ? 103 PGM A CO  1 
HETATM 532 C CP  . PGM D 3 .  ? -0.565  0.358   -0.126  1.00 16.14 ? 103 PGM A CP  1 
HETATM 533 C CG  . PGM E 3 .  ? 14.878  0.931   -5.040  1.00 21.63 ? 104 PGM A CG  1 
HETATM 534 C CH  . PGM E 3 .  ? 13.390  0.733   -4.684  1.00 21.21 ? 104 PGM A CH  1 
HETATM 535 C CI  . PGM E 3 .  ? 12.565  0.211   -5.832  1.00 23.07 ? 104 PGM A CI  1 
HETATM 536 C CJ  . PGM E 3 .  ? 11.241  -0.277  -5.280  1.00 23.24 ? 104 PGM A CJ  1 
HETATM 537 C CK  . PGM E 3 .  ? 10.279  0.858   -4.920  1.00 22.87 ? 104 PGM A CK  1 
HETATM 538 C CL  . PGM E 3 .  ? 8.893   0.296   -4.680  1.00 20.84 ? 104 PGM A CL  1 
HETATM 539 C CM  . PGM E 3 .  ? 7.854   1.363   -4.403  1.00 21.17 ? 104 PGM A CM  1 
HETATM 540 C CN  . PGM E 3 .  ? 6.442   0.834   -4.195  1.00 24.05 ? 104 PGM A CN  1 
HETATM 541 C CO  . PGM E 3 .  ? 5.526   1.909   -3.595  1.00 24.92 ? 104 PGM A CO  1 
HETATM 542 C CP  . PGM E 3 .  ? 4.882   2.844   -4.604  1.00 24.91 ? 104 PGM A CP  1 
HETATM 543 O O   . HOH F 4 .  ? -4.392  5.790   -0.188  1.00 17.17 ? 105 HOH A O   1 
HETATM 544 O O   . HOH F 4 .  ? -5.739  9.101   6.268   1.00 35.39 ? 106 HOH A O   1 
HETATM 545 O O   . HOH F 4 .  ? 0.570   9.303   7.552   1.00 22.88 ? 107 HOH A O   1 
HETATM 546 O O   . HOH F 4 .  ? 5.195   12.262  0.688   1.00 25.36 ? 108 HOH A O   1 
HETATM 547 O O   . HOH F 4 .  ? 6.453   -12.437 -0.204  1.00 31.11 ? 109 HOH A O   1 
HETATM 548 O O   . HOH F 4 .  ? 6.713   -6.365  1.919   1.00 27.27 ? 110 HOH A O   1 
HETATM 549 O O   . HOH F 4 .  ? -0.082  -11.474 8.602   1.00 23.02 ? 111 HOH A O   1 
HETATM 550 O O   . HOH F 4 .  ? -2.264  -10.979 9.876   1.00 33.66 ? 112 HOH A O   1 
HETATM 551 O O   . HOH F 4 .  ? 0.052   -12.018 5.770   1.00 21.91 ? 113 HOH A O   1 
HETATM 552 O O   . HOH F 4 .  ? 1.516   -4.891  10.802  1.00 9.86  ? 114 HOH A O   1 
HETATM 553 O O   . HOH F 4 .  ? 4.085   -8.337  10.537  1.00 23.88 ? 115 HOH A O   1 
HETATM 554 O O   . HOH F 4 .  ? 6.141   -4.050  9.008   1.00 16.57 ? 116 HOH A O   1 
HETATM 555 O O   . HOH F 4 .  ? 8.375   -3.426  8.047   1.00 21.35 ? 117 HOH A O   1 
HETATM 556 O O   . HOH F 4 .  ? -4.218  -12.238 2.437   1.00 16.48 ? 118 HOH A O   1 
HETATM 557 O O   . HOH F 4 .  ? 2.341   -14.030 1.161   1.00 16.20 ? 119 HOH A O   1 
HETATM 558 O O   . HOH F 4 .  ? -3.678  -13.096 -0.362  1.00 18.87 ? 120 HOH A O   1 
HETATM 559 O O   . HOH F 4 .  ? 11.893  9.029   0.496   1.00 19.77 ? 121 HOH A O   1 
HETATM 560 O O   . HOH F 4 .  ? 0.555   -14.047 -5.809  1.00 19.29 ? 122 HOH A O   1 
HETATM 561 O O   . HOH F 4 .  ? -2.314  -14.108 -7.247  1.00 26.98 ? 123 HOH A O   1 
HETATM 562 O O   . HOH F 4 .  ? 11.956  11.777  -3.906  1.00 19.32 ? 124 HOH A O   1 
HETATM 563 O O   . HOH F 4 .  ? 2.723   -9.393  -6.978  1.00 11.05 ? 125 HOH A O   1 
HETATM 564 O O   . HOH F 4 .  ? -1.086  -6.985  -10.995 1.00 21.95 ? 126 HOH A O   1 
HETATM 565 O O   . HOH F 4 .  ? -8.276  -3.018  -6.742  1.00 15.03 ? 127 HOH A O   1 
HETATM 566 O O   . HOH F 4 .  ? -5.752  -2.051  -6.958  1.00 11.13 ? 128 HOH A O   1 
HETATM 567 O O   . HOH F 4 .  ? -0.787  5.700   -7.703  1.00 21.46 ? 129 HOH A O   1 
HETATM 568 O O   . HOH F 4 .  ? -4.884  6.800   -7.839  1.00 11.32 ? 130 HOH A O   1 
HETATM 569 O O   . HOH F 4 .  ? -11.316 -1.844  -4.339  1.00 15.34 ? 131 HOH A O   1 
HETATM 570 O O   . HOH F 4 .  ? -12.075 0.717   -3.586  1.00 13.30 ? 132 HOH A O   1 
HETATM 571 O O   . HOH F 4 .  ? -7.899  1.885   -8.466  1.00 26.60 ? 133 HOH A O   1 
HETATM 572 O O   . HOH F 4 .  ? -11.211 -1.367  3.085   1.00 21.35 ? 134 HOH A O   1 
HETATM 573 O O   . HOH F 4 .  ? -11.723 0.636   5.381   1.00 23.83 ? 135 HOH A O   1 
HETATM 574 O O   . HOH F 4 .  ? 5.183   5.615   -9.461  1.00 20.30 ? 136 HOH A O   1 
HETATM 575 O O   . HOH F 4 .  ? 4.229   13.899  -1.985  1.00 19.58 ? 137 HOH A O   1 
HETATM 576 O O   . HOH F 4 .  ? 12.099  2.636   0.997   1.00 30.85 ? 138 HOH A O   1 
HETATM 577 O O   . HOH F 4 .  ? 11.685  5.519   0.183   1.00 27.78 ? 139 HOH A O   1 
HETATM 578 O O   . HOH F 4 .  ? 8.688   4.765   3.693   1.00 53.68 ? 140 HOH A O   1 
HETATM 579 O O   . HOH F 4 .  ? 7.127   4.864   -8.891  1.00 54.59 ? 141 HOH A O   1 
HETATM 580 O O   . HOH F 4 .  ? 4.398   -11.535 -6.219  1.00 22.87 ? 142 HOH A O   1 
HETATM 581 O O   . HOH F 4 .  ? -6.268  -5.906  -12.805 1.00 24.43 ? 143 HOH A O   1 
HETATM 582 O O   . HOH F 4 .  ? 0.315   9.927   10.907  1.00 20.30 ? 144 HOH A O   1 
HETATM 583 O O   . HOH F 4 .  ? -11.298 8.252   -0.346  1.00 28.93 ? 145 HOH A O   1 
HETATM 584 O O   . HOH F 4 .  ? -5.025  -1.518  7.629   1.00 11.87 ? 146 HOH A O   1 
HETATM 585 O O   . HOH F 4 .  ? 5.635   11.584  -2.854  1.00 13.49 ? 147 HOH A O   1 
HETATM 586 O O   . HOH F 4 .  ? 0.444   6.155   -10.316 1.00 31.08 ? 148 HOH A O   1 
HETATM 587 O O   . HOH F 4 .  ? -3.915  -1.768  -14.139 1.00 23.77 ? 149 HOH A O   1 
HETATM 588 O O   . HOH F 4 .  ? -8.579  -0.320  -9.495  1.00 35.31 ? 150 HOH A O   1 
HETATM 589 O O   . HOH F 4 .  ? -8.444  4.378   -8.155  1.00 34.01 ? 151 HOH A O   1 
HETATM 590 O O   . HOH F 4 .  ? -7.378  11.162  1.097   1.00 45.76 ? 152 HOH A O   1 
HETATM 591 O O   . HOH F 4 .  ? -9.052  -5.383  -7.940  1.00 23.66 ? 153 HOH A O   1 
HETATM 592 O O   . HOH F 4 .  ? 7.330   16.059  -3.790  1.00 33.45 ? 154 HOH A O   1 
HETATM 593 O O   . HOH F 4 .  ? 8.195   9.682   -8.482  1.00 25.95 ? 155 HOH A O   1 
HETATM 594 O O   . HOH F 4 .  ? 13.144  11.344  -6.302  1.00 38.11 ? 156 HOH A O   1 
HETATM 595 O O   . HOH F 4 .  ? -12.532 -4.990  1.721   1.00 24.87 ? 157 HOH A O   1 
HETATM 596 O O   . HOH F 4 .  ? -11.560 1.764   -0.628  1.00 19.41 ? 158 HOH A O   1 
HETATM 597 O O   . HOH F 4 .  ? 8.168   -6.106  -2.172  1.00 16.95 ? 159 HOH A O   1 
HETATM 598 O O   . HOH F 4 .  ? 8.046   6.931   -8.555  1.00 41.28 ? 160 HOH A O   1 
HETATM 599 O O   . HOH F 4 .  ? -10.111 4.785   -2.878  1.00 25.28 ? 161 HOH A O   1 
HETATM 600 O O   . HOH F 4 .  ? 13.893  3.062   -3.066  1.00 39.84 ? 162 HOH A O   1 
HETATM 601 O O   . HOH F 4 .  ? -13.976 6.569   5.419   1.00 47.47 ? 163 HOH A O   1 
HETATM 602 O O   . HOH F 4 .  ? -4.949  2.770   -14.404 1.00 39.93 ? 164 HOH A O   1 
HETATM 603 O O   . HOH F 4 .  ? 12.763  -4.592  11.071  1.00 46.15 ? 165 HOH A O   1 
HETATM 604 O O   . HOH F 4 .  ? -7.322  -4.712  8.184   1.00 18.97 ? 166 HOH A O   1 
HETATM 605 O O   . HOH F 4 .  ? -2.554  -13.255 4.395   1.00 38.28 ? 167 HOH A O   1 
HETATM 606 O O   . HOH F 4 .  ? 6.935   -14.046 -6.028  1.00 35.00 ? 168 HOH A O   1 
HETATM 607 O O   . HOH F 4 .  ? -3.504  -8.032  -11.389 1.00 29.63 ? 169 HOH A O   1 
HETATM 608 O O   . HOH F 4 .  ? -6.414  -12.944 -10.298 1.00 35.47 ? 170 HOH A O   1 
HETATM 609 O O   . HOH F 4 .  ? 3.360   15.361  2.679   1.00 34.66 ? 171 HOH A O   1 
HETATM 610 O O   . HOH F 4 .  ? 2.095   17.016  3.795   1.00 34.97 ? 172 HOH A O   1 
HETATM 611 O O   . HOH F 4 .  ? -1.584  -10.347 -10.179 0.50 20.48 ? 173 HOH A O   1 
HETATM 612 O O   . HOH F 4 .  ? 1.961   3.715   11.095  0.50 9.15  ? 174 HOH A O   1 
HETATM 613 O O   . HOH F 4 .  ? 8.499   2.619   -8.316  0.50 27.03 ? 175 HOH A O   1 
HETATM 614 O O   . HOH F 4 .  ? -8.201  -7.819  -13.111 1.00 44.27 ? 176 HOH A O   1 
HETATM 615 O O   . HOH F 4 .  ? -2.633  -16.570 -5.681  1.00 50.14 ? 177 HOH A O   1 
HETATM 616 O O   . HOH F 4 .  ? 10.629  9.532   -9.251  1.00 32.64 ? 178 HOH A O   1 
HETATM 617 O O   . HOH F 4 .  ? -2.327  7.742   -8.473  1.00 33.96 ? 179 HOH A O   1 
# 
loop_
_atom_site_anisotrop.id 
_atom_site_anisotrop.type_symbol 
_atom_site_anisotrop.pdbx_label_atom_id 
_atom_site_anisotrop.pdbx_label_alt_id 
_atom_site_anisotrop.pdbx_label_comp_id 
_atom_site_anisotrop.pdbx_label_asym_id 
_atom_site_anisotrop.pdbx_label_seq_id 
_atom_site_anisotrop.pdbx_PDB_ins_code 
_atom_site_anisotrop.U[1][1] 
_atom_site_anisotrop.U[2][2] 
_atom_site_anisotrop.U[3][3] 
_atom_site_anisotrop.U[1][2] 
_atom_site_anisotrop.U[1][3] 
_atom_site_anisotrop.U[2][3] 
_atom_site_anisotrop.pdbx_auth_seq_id 
_atom_site_anisotrop.pdbx_auth_comp_id 
_atom_site_anisotrop.pdbx_auth_asym_id 
_atom_site_anisotrop.pdbx_auth_atom_id 
1   N N   . ALA A 1  ? 0.3724 0.3778 0.3665 -0.0011 0.0016  -0.0013 1   ALA A N   
2   C CA  . ALA A 1  ? 0.3677 0.3683 0.3674 -0.0002 -0.0017 -0.0035 1   ALA A CA  
3   C C   . ALA A 1  ? 0.3551 0.3458 0.3285 0.0031  -0.0077 -0.0069 1   ALA A C   
4   O O   . ALA A 1  ? 0.3735 0.3589 0.3449 0.0170  -0.0108 -0.0225 1   ALA A O   
5   C CB  . ALA A 1  ? 0.3753 0.3904 0.3889 -0.0036 -0.0012 0.0014  1   ALA A CB  
6   N N   . CYS A 2  ? 0.2912 0.3280 0.2958 0.0086  -0.0007 -0.0026 2   CYS A N   
7   C CA  . CYS A 2  ? 0.2487 0.2733 0.2270 -0.0098 0.0020  0.0020  2   CYS A CA  
8   C C   . CYS A 2  ? 0.2255 0.2426 0.2248 -0.0147 0.0155  0.0035  2   CYS A C   
9   O O   . CYS A 2  ? 0.3061 0.2852 0.2535 -0.0300 0.0308  -0.0188 2   CYS A O   
10  C CB  . CYS A 2  ? 0.2120 0.2361 0.1895 -0.0083 -0.0184 0.0255  2   CYS A CB  
11  S SG  . CYS A 2  ? 0.1482 0.2454 0.1287 -0.0200 -0.0330 0.0117  2   CYS A SG  
12  N N   . GLN A 3  ? 0.1920 0.2095 0.1648 -0.0168 -0.0133 0.0019  3   GLN A N   
13  C CA  . GLN A 3  ? 0.1865 0.2195 0.1811 -0.0137 -0.0120 0.0086  3   GLN A CA  
14  C C   . GLN A 3  ? 0.1755 0.1951 0.1693 -0.0078 -0.0210 0.0065  3   GLN A C   
15  O O   . GLN A 3  ? 0.1346 0.2013 0.1182 -0.0067 0.0082  0.0125  3   GLN A O   
16  C CB  . GLN A 3  ? 0.1950 0.2457 0.1695 0.0018  -0.0196 -0.0082 3   GLN A CB  
17  C CG  . GLN A 3  ? 0.2735 0.3282 0.2377 0.0121  -0.0319 -0.0067 3   GLN A CG  
18  C CD  . GLN A 3  ? 0.3570 0.4100 0.3196 0.0027  -0.0019 0.0042  3   GLN A CD  
19  O OE1 . GLN A 3  ? 0.4329 0.5775 0.4328 0.0045  -0.0329 -0.0181 3   GLN A OE1 
20  N NE2 . GLN A 3  ? 0.4012 0.4891 0.3535 0.0126  0.0127  -0.0280 3   GLN A NE2 
21  N N   . ALA A 4  ? 0.2090 0.2051 0.1684 -0.0163 -0.0427 0.0033  4   ALA A N   
22  C CA  . ALA A 4  ? 0.2272 0.2211 0.1937 -0.0148 -0.0353 -0.0020 4   ALA A CA  
23  C C   . ALA A 4  ? 0.2193 0.2177 0.1069 -0.0223 -0.0176 0.0184  4   ALA A C   
24  O O   . ALA A 4  ? 0.2122 0.2177 0.1419 -0.0711 -0.0407 0.0308  4   ALA A O   
25  C CB  . ALA A 4  ? 0.2753 0.2298 0.2336 -0.0105 -0.0384 0.0052  4   ALA A CB  
26  N N   . SER A 5  ? 0.1996 0.2390 0.1575 -0.0437 -0.0132 0.0064  5   SER A N   
27  C CA  . SER A 5  ? 0.1720 0.2806 0.2125 -0.0172 0.0097  -0.0085 5   SER A CA  
28  C C   . SER A 5  ? 0.1583 0.2745 0.1990 -0.0003 -0.0115 -0.0294 5   SER A C   
29  O O   . SER A 5  ? 0.1432 0.3332 0.2613 0.0255  -0.0219 -0.0745 5   SER A O   
30  C CB  . SER A 5  ? 0.1871 0.3104 0.2391 -0.0197 0.0233  0.0027  5   SER A CB  
31  O OG  . SER A 5  ? 0.1605 0.4331 0.3417 -0.0067 -0.0010 -0.0062 5   SER A OG  
32  N N   . GLN A 6  ? 0.1342 0.2584 0.1652 0.0003  -0.0215 -0.0070 6   GLN A N   
33  C CA  . GLN A 6  ? 0.2253 0.2223 0.1905 0.0059  -0.0410 -0.0034 6   GLN A CA  
34  C C   . GLN A 6  ? 0.1905 0.1808 0.1338 -0.0202 -0.0451 -0.0082 6   GLN A C   
35  O O   . GLN A 6  ? 0.3137 0.1951 0.1770 -0.0451 -0.0715 0.0299  6   GLN A O   
36  C CB  . GLN A 6  ? 0.2404 0.2245 0.1914 -0.0098 -0.0515 0.0047  6   GLN A CB  
37  C CG  . GLN A 6  ? 0.2617 0.2812 0.2464 0.0288  -0.0198 0.0312  6   GLN A CG  
38  C CD  . GLN A 6  ? 0.2485 0.2941 0.2027 0.0180  -0.0314 0.0152  6   GLN A CD  
39  O OE1 . GLN A 6  ? 0.1922 0.2839 0.1996 0.0344  -0.0017 0.0961  6   GLN A OE1 
40  N NE2 . GLN A 6  ? 0.2492 0.3513 0.3478 0.0760  -0.0066 0.1156  6   GLN A NE2 
41  N N   . LEU A 7  ? 0.1181 0.1559 0.1120 -0.0057 -0.0036 -0.0013 7   LEU A N   
42  C CA  . LEU A 7  ? 0.1254 0.1742 0.1010 -0.0192 -0.0157 -0.0068 7   LEU A CA  
43  C C   . LEU A 7  ? 0.1072 0.1449 0.1114 -0.0291 -0.0045 0.0097  7   LEU A C   
44  O O   . LEU A 7  ? 0.1089 0.1306 0.1034 -0.0069 -0.0060 -0.0296 7   LEU A O   
45  C CB  . LEU A 7  ? 0.1466 0.2315 0.1015 -0.0198 -0.0098 -0.0133 7   LEU A CB  
46  C CG  . LEU A 7  ? 0.1930 0.1967 0.1375 -0.0301 -0.0217 -0.0038 7   LEU A CG  
47  C CD1 . LEU A 7  ? 0.1850 0.2239 0.1276 -0.0079 0.0150  -0.0425 7   LEU A CD1 
48  C CD2 . LEU A 7  ? 0.2113 0.2433 0.1004 -0.0639 0.0342  -0.0308 7   LEU A CD2 
49  N N   . ALA A 8  ? 0.1037 0.1589 0.0842 -0.0056 -0.0067 0.0007  8   ALA A N   
50  C CA  . ALA A 8  ? 0.0911 0.1536 0.1031 -0.0107 0.0111  -0.0064 8   ALA A CA  
51  C C   . ALA A 8  ? 0.0762 0.1266 0.0955 0.0081  0.0309  -0.0050 8   ALA A C   
52  O O   . ALA A 8  ? 0.0866 0.1318 0.0849 0.0037  0.0232  -0.0127 8   ALA A O   
53  C CB  . ALA A 8  ? 0.1016 0.1910 0.1308 -0.0178 0.0023  -0.0143 8   ALA A CB  
54  N N   . VAL A 9  ? 0.0967 0.1263 0.1018 0.0011  -0.0027 0.0085  9   VAL A N   
55  C CA  . VAL A 9  ? 0.1191 0.1154 0.1332 0.0000  -0.0003 0.0216  9   VAL A CA  
56  C C   . VAL A 9  ? 0.0869 0.1045 0.0991 0.0015  0.0261  0.0010  9   VAL A C   
57  O O   . VAL A 9  ? 0.1011 0.1009 0.1130 0.0092  0.0145  -0.0062 9   VAL A O   
58  C CB  . VAL A 9  ? 0.1400 0.1359 0.1937 0.0191  -0.0163 0.0127  9   VAL A CB  
59  C CG1 . VAL A 9  ? 0.1760 0.2000 0.1613 0.0015  -0.0038 0.0774  9   VAL A CG1 
60  C CG2 . VAL A 9  ? 0.1993 0.1572 0.2574 0.0036  -0.0388 0.0510  9   VAL A CG2 
61  N N   . CYS A 10 ? 0.0703 0.1113 0.0899 -0.0112 0.0292  -0.0034 10  CYS A N   
62  C CA  . CYS A 10 ? 0.0712 0.1019 0.0672 0.0040  0.0220  -0.0075 10  CYS A CA  
63  C C   . CYS A 10 ? 0.0870 0.0965 0.0901 -0.0221 0.0112  -0.0037 10  CYS A C   
64  O O   . CYS A 10 ? 0.0900 0.0965 0.0533 -0.0035 0.0283  -0.0107 10  CYS A O   
65  C CB  . CYS A 10 ? 0.0888 0.1002 0.0566 -0.0066 0.0345  0.0022  10  CYS A CB  
66  S SG  . CYS A 10 ? 0.1031 0.1013 0.0883 -0.0144 0.0093  0.0028  10  CYS A SG  
67  N N   . ALA A 11 ? 0.0809 0.0769 0.0689 -0.0002 0.0089  -0.0180 11  ALA A N   
68  C CA  . ALA A 11 ? 0.0928 0.0830 0.0811 -0.0061 0.0261  -0.0175 11  ALA A CA  
69  C C   . ALA A 11 ? 0.0836 0.0786 0.0752 -0.0096 0.0196  -0.0040 11  ALA A C   
70  O O   . ALA A 11 ? 0.0893 0.0894 0.0813 -0.0098 0.0133  -0.0062 11  ALA A O   
71  C CB  . ALA A 11 ? 0.0722 0.0944 0.0749 -0.0008 0.0325  -0.0124 11  ALA A CB  
72  N N   . SER A 12 ? 0.0629 0.0864 0.0930 -0.0048 0.0262  0.0014  12  SER A N   
73  C CA  . SER A 12 ? 0.0824 0.0711 0.0797 0.0022  0.0197  -0.0099 12  SER A CA  
74  C C   . SER A 12 ? 0.0775 0.0868 0.0772 0.0058  0.0057  -0.0078 12  SER A C   
75  O O   . SER A 12 ? 0.0938 0.0960 0.0894 0.0163  0.0103  -0.0034 12  SER A O   
76  C CB  . SER A 12 ? 0.0591 0.1088 0.0904 0.0025  0.0204  -0.0035 12  SER A CB  
77  O OG  . SER A 12 ? 0.0776 0.1073 0.0790 -0.0020 0.0121  -0.0180 12  SER A OG  
78  N N   . ALA A 13 ? 0.0738 0.0761 0.0862 0.0053  0.0123  -0.0051 13  ALA A N   
79  C CA  . ALA A 13 ? 0.0535 0.0856 0.0693 0.0133  0.0200  -0.0145 13  ALA A CA  
80  C C   . ALA A 13 ? 0.0775 0.1059 0.0782 0.0072  0.0184  -0.0132 13  ALA A C   
81  O O   . ALA A 13 ? 0.0934 0.0978 0.0988 0.0118  0.0186  -0.0018 13  ALA A O   
82  C CB  . ALA A 13 ? 0.0827 0.0845 0.0919 -0.0082 0.0110  -0.0072 13  ALA A CB  
83  N N   . ILE A 14 ? 0.0759 0.0764 0.0990 0.0181  0.0104  -0.0069 14  ILE A N   
84  C CA  . ILE A 14 ? 0.1026 0.0940 0.0882 -0.0084 0.0155  -0.0309 14  ILE A CA  
85  C C   . ILE A 14 ? 0.1161 0.1044 0.1191 -0.0071 0.0192  -0.0170 14  ILE A C   
86  O O   . ILE A 14 ? 0.1455 0.0897 0.1342 0.0340  0.0194  -0.0140 14  ILE A O   
87  C CB  . ILE A 14 ? 0.1013 0.0935 0.1122 -0.0023 0.0230  -0.0309 14  ILE A CB  
88  C CG1 . ILE A 14 ? 0.0988 0.1128 0.1119 0.0129  -0.0052 -0.0513 14  ILE A CG1 
89  C CG2 . ILE A 14 ? 0.1322 0.1390 0.1057 0.0008  0.0177  -0.0340 14  ILE A CG2 
90  C CD1 . ILE A 14 ? 0.1370 0.1069 0.1670 -0.0121 -0.0025 -0.0233 14  ILE A CD1 
91  N N   . LEU A 15 ? 0.1322 0.0862 0.1046 0.0018  0.0234  -0.0062 15  LEU A N   
92  C CA  . LEU A 15 ? 0.1434 0.0844 0.1299 -0.0022 0.0153  -0.0083 15  LEU A CA  
93  C C   . LEU A 15 ? 0.1768 0.1054 0.1246 -0.0026 0.0098  0.0127  15  LEU A C   
94  O O   . LEU A 15 ? 0.2350 0.1257 0.2257 -0.0112 -0.0271 0.0533  15  LEU A O   
95  C CB  . LEU A 15 ? 0.1709 0.0774 0.1457 0.0080  0.0306  -0.0046 15  LEU A CB  
96  C CG  . LEU A 15 ? 0.1477 0.0870 0.1722 -0.0090 0.0496  -0.0239 15  LEU A CG  
97  C CD1 . LEU A 15 ? 0.1963 0.1370 0.1657 -0.0272 0.0654  -0.0286 15  LEU A CD1 
98  C CD2 . LEU A 15 ? 0.1579 0.1250 0.1794 -0.0052 0.0382  -0.0331 15  LEU A CD2 
99  N N   . SER A 16 ? 0.1784 0.1102 0.1360 0.0087  -0.0154 0.0100  16  SER A N   
100 C CA  . SER A 16 ? 0.1903 0.1344 0.1339 0.0150  -0.0124 0.0037  16  SER A CA  
101 C C   . SER A 16 ? 0.1689 0.1406 0.1391 0.0250  -0.0260 0.0150  16  SER A C   
102 O O   . SER A 16 ? 0.1992 0.1976 0.1898 0.0173  -0.0643 0.0334  16  SER A O   
103 C CB  . SER A 16 ? 0.2011 0.1428 0.1329 0.0116  -0.0133 0.0108  16  SER A CB  
104 O OG  . SER A 16 ? 0.2059 0.1287 0.1517 0.0158  -0.0370 0.0176  16  SER A OG  
105 N N   . GLY A 17 ? 0.1464 0.1226 0.1440 0.0213  -0.0118 -0.0114 17  GLY A N   
106 C CA  . GLY A 17 ? 0.1668 0.1513 0.1565 0.0225  -0.0003 -0.0016 17  GLY A CA  
107 C C   . GLY A 17 ? 0.1360 0.1538 0.1211 0.0071  -0.0130 -0.0021 17  GLY A C   
108 O O   . GLY A 17 ? 0.1418 0.1893 0.1666 0.0098  -0.0258 0.0021  17  GLY A O   
109 N N   . ALA A 18 ? 0.1508 0.1397 0.1128 -0.0039 0.0118  -0.0151 18  ALA A N   
110 C CA  . ALA A 18 ? 0.1582 0.1251 0.1161 -0.0086 -0.0027 -0.0119 18  ALA A CA  
111 C C   . ALA A 18 ? 0.1110 0.1355 0.0986 0.0060  -0.0052 -0.0111 18  ALA A C   
112 O O   . ALA A 18 ? 0.0919 0.1447 0.0954 -0.0008 -0.0030 -0.0152 18  ALA A O   
113 C CB  . ALA A 18 ? 0.1605 0.1265 0.1203 -0.0038 0.0323  -0.0253 18  ALA A CB  
114 N N   . LYS A 19 ? 0.1129 0.1463 0.1078 -0.0055 -0.0058 -0.0156 19  LYS A N   
115 C CA  . LYS A 19 ? 0.1032 0.1589 0.1293 -0.0107 0.0096  -0.0009 19  LYS A CA  
116 C C   . LYS A 19 ? 0.0939 0.1361 0.1154 -0.0028 0.0028  -0.0046 19  LYS A C   
117 O O   . LYS A 19 ? 0.1056 0.1580 0.1040 0.0038  0.0145  -0.0207 19  LYS A O   
118 C CB  . LYS A 19 ? 0.1227 0.1584 0.1066 -0.0155 0.0066  -0.0021 19  LYS A CB  
119 C CG  . LYS A 19 ? 0.1484 0.1836 0.1758 -0.0175 -0.0052 -0.0123 19  LYS A CG  
120 C CD  . LYS A 19 ? 0.1744 0.1970 0.1683 -0.0398 -0.0246 0.0277  19  LYS A CD  
121 C CE  . LYS A 19 ? 0.1964 0.2063 0.2200 -0.0529 -0.0280 -0.0008 19  LYS A CE  
122 N NZ  . LYS A 19 ? 0.2116 0.2721 0.1834 -0.0484 0.0509  -0.0679 19  LYS A NZ  
123 N N   . PRO A 20 ? 0.0886 0.1233 0.0912 0.0122  0.0136  -0.0066 20  PRO A N   
124 C CA  . PRO A 20 ? 0.0984 0.1047 0.1050 0.0008  -0.0055 -0.0024 20  PRO A CA  
125 C C   . PRO A 20 ? 0.0864 0.1064 0.1279 -0.0094 0.0034  -0.0090 20  PRO A C   
126 O O   . PRO A 20 ? 0.1067 0.1035 0.1472 -0.0152 0.0095  -0.0092 20  PRO A O   
127 C CB  . PRO A 20 ? 0.0985 0.1067 0.0939 0.0006  -0.0028 -0.0148 20  PRO A CB  
128 C CG  . PRO A 20 ? 0.0958 0.1341 0.0950 0.0214  -0.0125 0.0120  20  PRO A CG  
129 C CD  . PRO A 20 ? 0.0922 0.1316 0.0900 0.0196  0.0199  -0.0105 20  PRO A CD  
130 N N   . SER A 21 ? 0.1030 0.0953 0.1183 0.0032  0.0060  -0.0259 21  SER A N   
131 C CA  . SER A 21 ? 0.1165 0.0988 0.1106 -0.0104 -0.0076 -0.0152 21  SER A CA  
132 C C   . SER A 21 ? 0.0955 0.0940 0.1220 -0.0092 0.0130  -0.0133 21  SER A C   
133 O O   . SER A 21 ? 0.0917 0.0996 0.1297 -0.0110 -0.0002 -0.0036 21  SER A O   
134 C CB  . SER A 21 ? 0.1078 0.1023 0.1208 0.0145  0.0209  -0.0176 21  SER A CB  
135 O OG  . SER A 21 ? 0.0975 0.1128 0.1180 -0.0027 0.0051  -0.0027 21  SER A OG  
136 N N   . GLY A 22 ? 0.1360 0.0846 0.1273 -0.0065 0.0168  -0.0119 22  GLY A N   
137 C CA  . GLY A 22 ? 0.1304 0.0916 0.1506 -0.0084 0.0278  0.0006  22  GLY A CA  
138 C C   . GLY A 22 ? 0.1195 0.0963 0.1236 -0.0010 0.0250  -0.0056 22  GLY A C   
139 O O   . GLY A 22 ? 0.1438 0.0941 0.1260 -0.0049 0.0123  0.0068  22  GLY A O   
140 N N   . GLU A 23 ? 0.1367 0.0915 0.1363 0.0078  0.0276  -0.0047 23  GLU A N   
141 C CA  . GLU A 23 ? 0.1211 0.1070 0.1344 0.0142  0.0135  -0.0048 23  GLU A CA  
142 C C   . GLU A 23 ? 0.1032 0.1014 0.1118 0.0187  0.0023  0.0157  23  GLU A C   
143 O O   . GLU A 23 ? 0.1096 0.1201 0.1108 0.0169  0.0016  0.0057  23  GLU A O   
144 C CB  . GLU A 23 ? 0.1560 0.1184 0.1565 0.0122  0.0212  -0.0115 23  GLU A CB  
145 C CG  . GLU A 23 ? 0.1837 0.2064 0.2435 0.0235  -0.0157 -0.0020 23  GLU A CG  
146 C CD  . GLU A 23 ? 0.2774 0.3223 0.2826 0.0220  -0.0035 -0.0240 23  GLU A CD  
147 O OE1 . GLU A 23 ? 0.2923 0.4300 0.3005 0.0488  0.0311  -0.0554 23  GLU A OE1 
148 O OE2 . GLU A 23 ? 0.2397 0.3671 0.4054 0.0052  -0.0131 -0.0229 23  GLU A OE2 
149 N N   . CYS A 24 ? 0.0966 0.0987 0.0837 -0.0045 0.0023  0.0010  24  CYS A N   
150 C CA  . CYS A 24 ? 0.0907 0.0934 0.0971 -0.0057 0.0221  -0.0059 24  CYS A CA  
151 C C   . CYS A 24 ? 0.0857 0.0735 0.0967 -0.0077 0.0182  0.0007  24  CYS A C   
152 O O   . CYS A 24 ? 0.1013 0.0858 0.0906 -0.0084 0.0147  0.0067  24  CYS A O   
153 C CB  . CYS A 24 ? 0.0846 0.0974 0.0744 -0.0138 0.0170  -0.0184 24  CYS A CB  
154 S SG  . CYS A 24 ? 0.0853 0.0860 0.0997 -0.0031 0.0198  0.0009  24  CYS A SG  
155 N N   . CYS A 25 ? 0.1018 0.0888 0.0952 -0.0050 0.0127  -0.0031 25  CYS A N   
156 C CA  . CYS A 25 ? 0.0956 0.0833 0.0980 -0.0007 0.0173  0.0098  25  CYS A CA  
157 C C   . CYS A 25 ? 0.1212 0.0838 0.1112 -0.0157 0.0003  0.0036  25  CYS A C   
158 O O   . CYS A 25 ? 0.1225 0.1028 0.1040 -0.0080 0.0014  0.0146  25  CYS A O   
159 C CB  . CYS A 25 ? 0.0974 0.0866 0.1239 -0.0043 0.0117  0.0220  25  CYS A CB  
160 S SG  . CYS A 25 ? 0.0935 0.0891 0.1052 -0.0096 0.0077  -0.0048 25  CYS A SG  
161 N N   . GLY A 26 ? 0.1179 0.0993 0.0943 -0.0029 0.0087  0.0093  26  GLY A N   
162 C CA  . GLY A 26 ? 0.1353 0.1194 0.1106 0.0130  0.0049  0.0128  26  GLY A CA  
163 C C   . GLY A 26 ? 0.1338 0.1031 0.1183 0.0211  0.0051  0.0078  26  GLY A C   
164 O O   . GLY A 26 ? 0.1568 0.1495 0.1247 0.0111  -0.0087 0.0379  26  GLY A O   
165 N N   . ASN A 27 ? 0.1187 0.1132 0.1253 0.0244  0.0021  0.0093  27  ASN A N   
166 C CA  . ASN A 27 ? 0.1159 0.1433 0.1234 0.0085  -0.0088 0.0141  27  ASN A CA  
167 C C   . ASN A 27 ? 0.1042 0.1289 0.0992 0.0009  0.0038  0.0113  27  ASN A C   
168 O O   . ASN A 27 ? 0.1108 0.1489 0.1083 0.0168  -0.0280 0.0001  27  ASN A O   
169 C CB  . ASN A 27 ? 0.1215 0.1599 0.1076 0.0122  0.0072  -0.0155 27  ASN A CB  
170 C CG  . ASN A 27 ? 0.1612 0.1923 0.1782 0.0176  -0.0212 0.0261  27  ASN A CG  
171 O OD1 . ASN A 27 ? 0.1522 0.1730 0.3193 0.0433  0.0057  -0.0162 27  ASN A OD1 
172 N ND2 . ASN A 27 ? 0.1209 0.2392 0.2249 0.0285  0.0167  0.0263  27  ASN A ND2 
173 N N   . LEU A 28 ? 0.1030 0.1090 0.0978 0.0027  -0.0025 0.0002  28  LEU A N   
174 C CA  . LEU A 28 ? 0.0915 0.1118 0.0992 -0.0046 0.0045  0.0126  28  LEU A CA  
175 C C   . LEU A 28 ? 0.1069 0.0927 0.1087 -0.0040 0.0053  0.0024  28  LEU A C   
176 O O   . LEU A 28 ? 0.1219 0.1114 0.1129 -0.0002 -0.0038 0.0197  28  LEU A O   
177 C CB  . LEU A 28 ? 0.1018 0.0924 0.0946 -0.0106 0.0073  0.0067  28  LEU A CB  
178 C CG  . LEU A 28 ? 0.1111 0.0895 0.0786 0.0058  0.0105  0.0007  28  LEU A CG  
179 C CD1 . LEU A 28 ? 0.1122 0.0839 0.1002 -0.0014 0.0054  0.0212  28  LEU A CD1 
180 C CD2 . LEU A 28 ? 0.1492 0.1227 0.1192 -0.0395 -0.0013 0.0216  28  LEU A CD2 
181 N N   . ARG A 29 ? 0.1223 0.1047 0.0786 -0.0043 0.0029  0.0150  29  ARG A N   
182 C CA  . ARG A 29 ? 0.1324 0.1044 0.1280 -0.0061 -0.0067 0.0216  29  ARG A CA  
183 C C   . ARG A 29 ? 0.1588 0.1112 0.1005 0.0029  -0.0031 0.0204  29  ARG A C   
184 O O   . ARG A 29 ? 0.1992 0.1617 0.0936 0.0362  0.0033  0.0054  29  ARG A O   
185 C CB  . ARG A 29 ? 0.1535 0.1313 0.1310 -0.0025 -0.0033 0.0162  29  ARG A CB  
186 C CG  . ARG A 29 ? 0.2058 0.1475 0.1624 0.0087  0.0222  0.0341  29  ARG A CG  
187 C CD  . ARG A 29 ? 0.2762 0.2196 0.2213 -0.0375 0.0527  0.0564  29  ARG A CD  
188 N NE  . ARG A 29 ? 0.3606 0.3381 0.3303 -0.0230 0.0392  0.0201  29  ARG A NE  
189 C CZ  . ARG A 29 ? 0.3997 0.4057 0.3831 -0.0149 -0.0004 0.0095  29  ARG A CZ  
190 N NH1 . ARG A 29 ? 0.4654 0.4620 0.4624 -0.0137 0.0332  0.0101  29  ARG A NH1 
191 N NH2 . ARG A 29 ? 0.4595 0.4547 0.4909 -0.0036 0.0261  0.0011  29  ARG A NH2 
192 N N   . ALA A 30 ? 0.1628 0.1281 0.1165 0.0075  -0.0146 0.0271  30  ALA A N   
193 C CA  . ALA A 30 ? 0.1645 0.1329 0.1054 0.0281  -0.0138 0.0092  30  ALA A CA  
194 C C   . ALA A 30 ? 0.1562 0.1482 0.1265 0.0262  -0.0437 0.0151  30  ALA A C   
195 O O   . ALA A 30 ? 0.1792 0.1837 0.1484 0.0569  -0.0397 0.0069  30  ALA A O   
196 C CB  . ALA A 30 ? 0.1886 0.1238 0.1634 0.0160  -0.0216 -0.0039 30  ALA A CB  
197 N N   . GLN A 31 ? 0.1235 0.1420 0.1142 0.0178  -0.0267 0.0100  31  GLN A N   
198 C CA  . GLN A 31 ? 0.1268 0.1513 0.1011 0.0049  -0.0264 0.0015  31  GLN A CA  
199 C C   . GLN A 31 ? 0.1228 0.1379 0.0539 -0.0013 -0.0099 0.0106  31  GLN A C   
200 O O   . GLN A 31 ? 0.1224 0.1437 0.0547 -0.0052 -0.0094 0.0080  31  GLN A O   
201 C CB  . GLN A 31 ? 0.1338 0.1672 0.1524 0.0117  0.0098  -0.0149 31  GLN A CB  
202 C CG  A GLN A 31 ? 0.1812 0.2011 0.1956 0.0145  -0.0039 -0.0074 31  GLN A CG  
203 C CG  B GLN A 31 ? 0.1377 0.1524 0.1139 0.0198  0.0036  -0.0319 31  GLN A CG  
204 C CD  A GLN A 31 ? 0.2003 0.2845 0.2021 0.0103  0.0108  0.0139  31  GLN A CD  
205 C CD  B GLN A 31 ? 0.1261 0.1894 0.1590 -0.0044 -0.0084 0.0135  31  GLN A CD  
206 O OE1 A GLN A 31 ? 0.2367 0.3467 0.1023 0.0175  0.1057  0.0407  31  GLN A OE1 
207 O OE1 B GLN A 31 ? 0.1351 0.2014 0.1655 0.0056  -0.0053 0.0334  31  GLN A OE1 
208 N NE2 A GLN A 31 ? 0.1079 0.2726 0.1700 0.0723  0.0683  -0.0191 31  GLN A NE2 
209 N NE2 B GLN A 31 ? 0.1280 0.2175 0.1217 0.0472  0.0386  0.0351  31  GLN A NE2 
210 N N   . GLN A 32 ? 0.1391 0.1157 0.0674 -0.0058 -0.0154 0.0078  32  GLN A N   
211 C CA  . GLN A 32 ? 0.1205 0.1427 0.0540 0.0000  0.0076  0.0119  32  GLN A CA  
212 C C   . GLN A 32 ? 0.1166 0.1273 0.0656 -0.0027 -0.0069 0.0092  32  GLN A C   
213 O O   . GLN A 32 ? 0.1389 0.1211 0.0401 0.0047  -0.0094 0.0085  32  GLN A O   
214 C CB  . GLN A 32 ? 0.1269 0.1280 0.0719 -0.0023 0.0128  0.0159  32  GLN A CB  
215 C CG  . GLN A 32 ? 0.1273 0.1461 0.0664 -0.0129 0.0009  0.0260  32  GLN A CG  
216 C CD  . GLN A 32 ? 0.1364 0.1429 0.0483 0.0047  0.0060  -0.0069 32  GLN A CD  
217 O OE1 . GLN A 32 ? 0.1223 0.1694 0.0834 -0.0140 0.0103  -0.0080 32  GLN A OE1 
218 N NE2 . GLN A 32 ? 0.1445 0.1447 0.0569 0.0033  0.0027  0.0113  32  GLN A NE2 
219 N N   . GLY A 33 ? 0.1226 0.1078 0.0776 0.0111  0.0007  0.0058  33  GLY A N   
220 C CA  . GLY A 33 ? 0.1197 0.1204 0.0697 0.0147  -0.0039 0.0215  33  GLY A CA  
221 C C   . GLY A 33 ? 0.1258 0.1202 0.0633 0.0107  -0.0242 0.0267  33  GLY A C   
222 O O   . GLY A 33 ? 0.1241 0.1282 0.0869 -0.0037 -0.0228 0.0152  33  GLY A O   
223 N N   . CYS A 34 ? 0.1115 0.1220 0.0748 0.0076  -0.0183 0.0185  34  CYS A N   
224 C CA  . CYS A 34 ? 0.1214 0.1261 0.0779 0.0048  -0.0205 0.0206  34  CYS A CA  
225 C C   . CYS A 34 ? 0.1137 0.1222 0.0702 -0.0082 -0.0122 0.0167  34  CYS A C   
226 O O   . CYS A 34 ? 0.1219 0.1260 0.0790 -0.0060 -0.0092 0.0262  34  CYS A O   
227 C CB  . CYS A 34 ? 0.1245 0.1318 0.1041 0.0130  -0.0578 0.0398  34  CYS A CB  
228 S SG  . CYS A 34 ? 0.1217 0.1939 0.1175 0.0269  -0.0192 0.0282  34  CYS A SG  
229 N N   . PHE A 35 ? 0.1148 0.1162 0.0487 -0.0044 0.0024  0.0235  35  PHE A N   
230 C CA  . PHE A 35 ? 0.1098 0.1168 0.0404 0.0040  0.0039  0.0043  35  PHE A CA  
231 C C   . PHE A 35 ? 0.1160 0.1142 0.0590 -0.0154 -0.0100 0.0123  35  PHE A C   
232 O O   . PHE A 35 ? 0.1058 0.1133 0.0742 -0.0104 -0.0005 0.0156  35  PHE A O   
233 C CB  . PHE A 35 ? 0.1224 0.0948 0.0533 -0.0062 -0.0041 0.0157  35  PHE A CB  
234 C CG  . PHE A 35 ? 0.1087 0.1193 0.0418 0.0030  -0.0130 0.0285  35  PHE A CG  
235 C CD1 . PHE A 35 ? 0.1377 0.1115 0.0569 0.0030  -0.0479 0.0113  35  PHE A CD1 
236 C CD2 . PHE A 35 ? 0.1255 0.0970 0.0515 0.0160  -0.0136 0.0257  35  PHE A CD2 
237 C CE1 . PHE A 35 ? 0.1212 0.1443 0.0457 0.0044  -0.0089 0.0210  35  PHE A CE1 
238 C CE2 . PHE A 35 ? 0.1366 0.1110 0.0594 0.0008  -0.0177 0.0031  35  PHE A CE2 
239 C CZ  . PHE A 35 ? 0.1560 0.1110 0.0372 0.0088  -0.0109 0.0000  35  PHE A CZ  
240 N N   . CYS A 36 ? 0.1295 0.1116 0.0598 0.0002  -0.0011 0.0066  36  CYS A N   
241 C CA  . CYS A 36 ? 0.1382 0.1137 0.0820 -0.0068 -0.0100 0.0184  36  CYS A CA  
242 C C   . CYS A 36 ? 0.1272 0.1097 0.0959 -0.0034 -0.0212 0.0179  36  CYS A C   
243 O O   . CYS A 36 ? 0.1589 0.1173 0.1568 -0.0008 -0.0104 0.0338  36  CYS A O   
244 C CB  . CYS A 36 ? 0.1433 0.1284 0.0779 -0.0062 -0.0165 0.0166  36  CYS A CB  
245 S SG  . CYS A 36 ? 0.1399 0.1156 0.0915 0.0109  -0.0096 0.0147  36  CYS A SG  
246 N N   . GLN A 37 ? 0.1378 0.1163 0.0929 -0.0153 -0.0255 0.0207  37  GLN A N   
247 C CA  . GLN A 37 ? 0.1413 0.1321 0.1174 -0.0172 -0.0232 0.0183  37  GLN A CA  
248 C C   . GLN A 37 ? 0.1232 0.1361 0.0961 -0.0044 -0.0283 0.0195  37  GLN A C   
249 O O   . GLN A 37 ? 0.1320 0.1323 0.1093 -0.0279 -0.0221 0.0157  37  GLN A O   
250 C CB  . GLN A 37 ? 0.1452 0.1649 0.1365 -0.0236 -0.0408 0.0084  37  GLN A CB  
251 C CG  . GLN A 37 ? 0.1675 0.2568 0.1764 -0.0049 -0.0132 0.0239  37  GLN A CG  
252 C CD  . GLN A 37 ? 0.2763 0.3846 0.1714 -0.0084 -0.0338 -0.0848 37  GLN A CD  
253 O OE1 . GLN A 37 ? 0.3678 0.4687 0.2887 -0.0037 0.0567  -0.0716 37  GLN A OE1 
254 N NE2 . GLN A 37 ? 0.2984 0.3699 0.1699 0.0209  0.0074  -0.1124 37  GLN A NE2 
255 N N   . TYR A 38 ? 0.1307 0.1172 0.0793 -0.0116 -0.0277 0.0252  38  TYR A N   
256 C CA  . TYR A 38 ? 0.1087 0.1091 0.0989 -0.0112 -0.0223 0.0271  38  TYR A CA  
257 C C   . TYR A 38 ? 0.1188 0.1069 0.0843 -0.0166 -0.0232 0.0060  38  TYR A C   
258 O O   . TYR A 38 ? 0.1470 0.1085 0.0953 -0.0334 0.0106  0.0225  38  TYR A O   
259 C CB  . TYR A 38 ? 0.1117 0.1050 0.0883 -0.0042 -0.0078 0.0135  38  TYR A CB  
260 C CG  . TYR A 38 ? 0.1229 0.1425 0.0611 -0.0175 -0.0260 0.0194  38  TYR A CG  
261 C CD1 . TYR A 38 ? 0.0968 0.1525 0.0911 -0.0006 0.0130  0.0083  38  TYR A CD1 
262 C CD2 . TYR A 38 ? 0.1188 0.1395 0.1033 -0.0113 -0.0288 -0.0008 38  TYR A CD2 
263 C CE1 . TYR A 38 ? 0.1137 0.1539 0.1504 0.0302  0.0191  0.0260  38  TYR A CE1 
264 C CE2 . TYR A 38 ? 0.1481 0.1317 0.0955 0.0021  -0.0094 0.0226  38  TYR A CE2 
265 C CZ  . TYR A 38 ? 0.1234 0.1413 0.0897 0.0185  0.0115  -0.0049 38  TYR A CZ  
266 O OH  . TYR A 38 ? 0.1572 0.1369 0.1360 0.0287  -0.0106 0.0190  38  TYR A OH  
267 N N   . ALA A 39 ? 0.1103 0.1138 0.1036 -0.0007 0.0020  0.0195  39  ALA A N   
268 C CA  . ALA A 39 ? 0.1286 0.1323 0.1202 -0.0039 -0.0116 0.0115  39  ALA A CA  
269 C C   . ALA A 39 ? 0.1360 0.1416 0.1260 -0.0056 0.0010  0.0243  39  ALA A C   
270 O O   . ALA A 39 ? 0.2140 0.1430 0.1753 0.0001  -0.0145 0.0589  39  ALA A O   
271 C CB  . ALA A 39 ? 0.1293 0.1706 0.1137 0.0087  -0.0120 0.0333  39  ALA A CB  
272 N N   . LYS A 40 ? 0.1665 0.1116 0.1202 -0.0245 0.0001  0.0177  40  LYS A N   
273 C CA  . LYS A 40 ? 0.1842 0.1429 0.1354 -0.0345 0.0022  0.0107  40  LYS A CA  
274 C C   . LYS A 40 ? 0.1670 0.1249 0.1421 -0.0390 -0.0122 0.0095  40  LYS A C   
275 O O   . LYS A 40 ? 0.1873 0.1445 0.1468 -0.0596 0.0007  -0.0019 40  LYS A O   
276 C CB  . LYS A 40 ? 0.2290 0.1596 0.1580 -0.0402 -0.0035 -0.0167 40  LYS A CB  
277 C CG  . LYS A 40 ? 0.2596 0.2465 0.2474 -0.0230 -0.0083 -0.0141 40  LYS A CG  
278 C CD  . LYS A 40 ? 0.2943 0.2870 0.2713 -0.0146 0.0111  -0.0134 40  LYS A CD  
279 C CE  . LYS A 40 ? 0.3798 0.3708 0.3183 -0.0017 0.0005  0.0032  40  LYS A CE  
280 N NZ  . LYS A 40 ? 0.4227 0.4253 0.3510 0.0335  -0.0123 -0.0103 40  LYS A NZ  
281 N N   . ASP A 41 ? 0.1524 0.1089 0.1135 -0.0333 -0.0028 0.0183  41  ASP A N   
282 C CA  . ASP A 41 ? 0.1233 0.1025 0.1457 -0.0259 -0.0070 0.0160  41  ASP A CA  
283 C C   . ASP A 41 ? 0.1291 0.1216 0.1367 -0.0329 0.0075  0.0243  41  ASP A C   
284 O O   . ASP A 41 ? 0.1220 0.0914 0.1495 -0.0202 0.0061  0.0044  41  ASP A O   
285 C CB  . ASP A 41 ? 0.1310 0.1197 0.1581 -0.0206 0.0084  0.0200  41  ASP A CB  
286 C CG  A ASP A 41 ? 0.1540 0.1423 0.1985 -0.0143 -0.0202 0.0182  41  ASP A CG  
287 C CG  B ASP A 41 ? 0.1475 0.1391 0.1433 -0.0017 -0.0060 -0.0021 41  ASP A CG  
288 O OD1 A ASP A 41 ? 0.1795 0.1948 0.1797 -0.0162 -0.0064 -0.0277 41  ASP A OD1 
289 O OD1 B ASP A 41 ? 0.0947 0.1215 0.1550 0.0036  -0.0140 -0.0393 41  ASP A OD1 
290 O OD2 A ASP A 41 ? 0.1432 0.2243 0.2009 -0.0220 -0.0487 0.0250  41  ASP A OD2 
291 O OD2 B ASP A 41 ? 0.1754 0.1542 0.1363 0.0478  0.0349  -0.0205 41  ASP A OD2 
292 N N   . PRO A 42 ? 0.1447 0.1100 0.1451 -0.0357 -0.0058 0.0052  42  PRO A N   
293 C CA  . PRO A 42 ? 0.1452 0.1259 0.1418 -0.0445 -0.0084 -0.0039 42  PRO A CA  
294 C C   . PRO A 42 ? 0.1282 0.1158 0.1445 -0.0325 0.0039  0.0068  42  PRO A C   
295 O O   . PRO A 42 ? 0.1858 0.1495 0.1596 -0.0100 -0.0096 -0.0022 42  PRO A O   
296 C CB  . PRO A 42 ? 0.1521 0.1425 0.1437 -0.0497 0.0079  -0.0214 42  PRO A CB  
297 C CG  . PRO A 42 ? 0.1805 0.1981 0.1915 -0.0493 0.0013  0.0136  42  PRO A CG  
298 C CD  . PRO A 42 ? 0.1432 0.1389 0.1769 -0.0591 -0.0034 0.0092  42  PRO A CD  
299 N N   . THR A 43 ? 0.1186 0.1366 0.1283 -0.0357 0.0196  -0.0036 43  THR A N   
300 C CA  . THR A 43 ? 0.1337 0.1423 0.1525 -0.0303 0.0005  -0.0090 43  THR A CA  
301 C C   . THR A 43 ? 0.1222 0.1255 0.1558 -0.0229 0.0098  -0.0021 43  THR A C   
302 O O   . THR A 43 ? 0.1570 0.1664 0.1463 -0.0343 0.0032  0.0090  43  THR A O   
303 C CB  . THR A 43 ? 0.1164 0.1707 0.1767 -0.0273 0.0140  -0.0239 43  THR A CB  
304 O OG1 . THR A 43 ? 0.1276 0.1739 0.2188 -0.0560 0.0330  -0.0451 43  THR A OG1 
305 C CG2 . THR A 43 ? 0.1305 0.1954 0.2369 -0.0271 0.0067  -0.0465 43  THR A CG2 
306 N N   . TYR A 44 ? 0.1116 0.1240 0.1303 -0.0249 0.0119  -0.0205 44  TYR A N   
307 C CA  . TYR A 44 ? 0.0979 0.1305 0.1532 -0.0240 0.0019  -0.0194 44  TYR A CA  
308 C C   . TYR A 44 ? 0.1097 0.0944 0.1422 -0.0256 -0.0007 -0.0087 44  TYR A C   
309 O O   . TYR A 44 ? 0.1034 0.1090 0.1345 -0.0206 0.0068  -0.0196 44  TYR A O   
310 C CB  . TYR A 44 ? 0.1063 0.1452 0.1785 -0.0066 0.0059  -0.0390 44  TYR A CB  
311 C CG  . TYR A 44 ? 0.1101 0.1610 0.1940 -0.0166 -0.0010 -0.0437 44  TYR A CG  
312 C CD1 . TYR A 44 ? 0.1370 0.1735 0.2376 0.0156  -0.0043 -0.0390 44  TYR A CD1 
313 C CD2 . TYR A 44 ? 0.1415 0.2426 0.2531 0.0159  -0.0062 -0.0338 44  TYR A CD2 
314 C CE1 . TYR A 44 ? 0.1746 0.2433 0.2412 0.0187  -0.0052 -0.0677 44  TYR A CE1 
315 C CE2 . TYR A 44 ? 0.1333 0.2865 0.2671 0.0441  0.0087  -0.0607 44  TYR A CE2 
316 C CZ  . TYR A 44 ? 0.1338 0.2540 0.2519 0.0260  0.0263  -0.0468 44  TYR A CZ  
317 O OH  . TYR A 44 ? 0.1584 0.3287 0.2957 0.0280  0.0533  -0.0633 44  TYR A OH  
318 N N   . GLY A 45 ? 0.1022 0.1105 0.1412 -0.0277 0.0039  -0.0132 45  GLY A N   
319 C CA  . GLY A 45 ? 0.1146 0.1154 0.1274 -0.0315 0.0040  -0.0092 45  GLY A CA  
320 C C   . GLY A 45 ? 0.1193 0.0792 0.1361 -0.0127 0.0056  -0.0392 45  GLY A C   
321 O O   . GLY A 45 ? 0.1011 0.1245 0.1731 -0.0293 0.0198  -0.0445 45  GLY A O   
322 N N   . GLN A 46 ? 0.1241 0.0891 0.1546 -0.0185 -0.0054 -0.0268 46  GLN A N   
323 C CA  . GLN A 46 ? 0.1304 0.0864 0.1601 -0.0133 0.0057  -0.0182 46  GLN A CA  
324 C C   . GLN A 46 ? 0.1172 0.0871 0.1465 -0.0050 0.0075  -0.0280 46  GLN A C   
325 O O   . GLN A 46 ? 0.1173 0.0974 0.2032 0.0073  -0.0084 -0.0439 46  GLN A O   
326 C CB  . GLN A 46 ? 0.1502 0.0806 0.1494 -0.0009 -0.0114 -0.0082 46  GLN A CB  
327 C CG  . GLN A 46 ? 0.1678 0.1462 0.1984 -0.0095 0.0015  -0.0194 46  GLN A CG  
328 C CD  . GLN A 46 ? 0.2217 0.1803 0.2055 -0.0248 -0.0275 -0.0004 46  GLN A CD  
329 O OE1 . GLN A 46 ? 0.2165 0.2099 0.2329 -0.0369 -0.0397 -0.0113 46  GLN A OE1 
330 N NE2 . GLN A 46 ? 0.3163 0.2654 0.1943 0.0044  -0.0029 0.0193  46  GLN A NE2 
331 N N   . TYR A 47 ? 0.1094 0.0874 0.1489 -0.0130 0.0103  -0.0228 47  TYR A N   
332 C CA  . TYR A 47 ? 0.1178 0.0756 0.1335 -0.0156 -0.0139 -0.0211 47  TYR A CA  
333 C C   . TYR A 47 ? 0.1084 0.0544 0.1369 0.0078  -0.0011 -0.0127 47  TYR A C   
334 O O   . TYR A 47 ? 0.0847 0.0842 0.1275 0.0037  -0.0055 -0.0072 47  TYR A O   
335 C CB  . TYR A 47 ? 0.1215 0.0958 0.1563 -0.0081 -0.0016 -0.0201 47  TYR A CB  
336 C CG  . TYR A 47 ? 0.1453 0.1326 0.1392 0.0013  0.0207  -0.0664 47  TYR A CG  
337 C CD1 . TYR A 47 ? 0.1952 0.1378 0.1653 -0.0145 0.0165  -0.0465 47  TYR A CD1 
338 C CD2 . TYR A 47 ? 0.1237 0.1995 0.1687 -0.0256 0.0215  -0.0380 47  TYR A CD2 
339 C CE1 . TYR A 47 ? 0.2294 0.2185 0.1523 -0.0119 -0.0084 -0.0004 47  TYR A CE1 
340 C CE2 . TYR A 47 ? 0.1510 0.2119 0.1640 -0.0082 0.0414  -0.0126 47  TYR A CE2 
341 C CZ  . TYR A 47 ? 0.1878 0.2431 0.1388 -0.0193 0.0353  -0.0008 47  TYR A CZ  
342 O OH  . TYR A 47 ? 0.2565 0.2762 0.1891 -0.0207 0.0680  0.0075  47  TYR A OH  
343 N N   . ILE A 48 ? 0.0995 0.0691 0.1336 -0.0026 -0.0092 -0.0090 48  ILE A N   
344 C CA  . ILE A 48 ? 0.1127 0.0803 0.1355 -0.0141 -0.0413 0.0078  48  ILE A CA  
345 C C   . ILE A 48 ? 0.0958 0.0917 0.0917 -0.0105 -0.0241 0.0137  48  ILE A C   
346 O O   . ILE A 48 ? 0.1241 0.1102 0.1038 -0.0293 -0.0127 0.0145  48  ILE A O   
347 C CB  . ILE A 48 ? 0.1180 0.1162 0.1654 -0.0143 -0.0342 0.0059  48  ILE A CB  
348 C CG1 A ILE A 48 ? 0.1486 0.1378 0.1711 -0.0240 -0.0152 0.0297  48  ILE A CG1 
349 C CG1 B ILE A 48 ? 0.1296 0.1275 0.1950 -0.0052 -0.0321 0.0224  48  ILE A CG1 
350 C CG2 A ILE A 48 ? 0.1222 0.1162 0.1361 -0.0068 -0.0665 0.0015  48  ILE A CG2 
351 C CG2 B ILE A 48 ? 0.1358 0.1004 0.1483 -0.0323 -0.0467 -0.0143 48  ILE A CG2 
352 C CD1 A ILE A 48 ? 0.0785 0.1319 0.0644 0.0023  -0.0085 0.0319  48  ILE A CD1 
353 C CD1 B ILE A 48 ? 0.1181 0.1150 0.1546 -0.0007 0.0126  -0.0052 48  ILE A CD1 
354 N N   . ARG A 49 ? 0.0956 0.0826 0.1078 -0.0002 -0.0054 0.0135  49  ARG A N   
355 C CA  . ARG A 49 ? 0.1111 0.0989 0.0946 -0.0066 -0.0066 0.0010  49  ARG A CA  
356 C C   . ARG A 49 ? 0.1005 0.1132 0.1054 0.0046  -0.0112 -0.0128 49  ARG A C   
357 O O   . ARG A 49 ? 0.1089 0.1736 0.1025 0.0233  -0.0014 -0.0206 49  ARG A O   
358 C CB  . ARG A 49 ? 0.1160 0.0960 0.0964 -0.0067 0.0103  -0.0008 49  ARG A CB  
359 C CG  . ARG A 49 ? 0.1189 0.0930 0.1023 -0.0004 -0.0114 -0.0065 49  ARG A CG  
360 C CD  . ARG A 49 ? 0.1340 0.1627 0.1737 0.0122  -0.0234 0.0136  49  ARG A CD  
361 N NE  . ARG A 49 ? 0.1522 0.1695 0.1368 0.0250  -0.0412 0.0102  49  ARG A NE  
362 C CZ  . ARG A 49 ? 0.1450 0.0983 0.1549 -0.0045 0.0036  0.0204  49  ARG A CZ  
363 N NH1 . ARG A 49 ? 0.2105 0.1202 0.1575 -0.0004 -0.0264 0.0024  49  ARG A NH1 
364 N NH2 . ARG A 49 ? 0.1847 0.1065 0.1912 0.0022  -0.0104 0.0008  49  ARG A NH2 
365 N N   . SER A 50 ? 0.0985 0.0896 0.0886 0.0063  -0.0068 -0.0037 50  SER A N   
366 C CA  . SER A 50 ? 0.0976 0.0973 0.1067 -0.0023 0.0016  0.0034  50  SER A CA  
367 C C   . SER A 50 ? 0.1076 0.0809 0.0852 -0.0077 0.0045  -0.0044 50  SER A C   
368 O O   . SER A 50 ? 0.0997 0.0807 0.0749 -0.0041 -0.0062 0.0056  50  SER A O   
369 C CB  . SER A 50 ? 0.1104 0.1123 0.1215 -0.0101 0.0005  0.0235  50  SER A CB  
370 O OG  . SER A 50 ? 0.1229 0.1255 0.0977 0.0076  0.0171  0.0084  50  SER A OG  
371 N N   . PRO A 51 ? 0.0907 0.0665 0.0906 0.0047  -0.0011 0.0096  51  PRO A N   
372 C CA  . PRO A 51 ? 0.0947 0.0716 0.0805 -0.0006 0.0061  0.0052  51  PRO A CA  
373 C C   . PRO A 51 ? 0.0769 0.0773 0.1132 0.0003  -0.0008 0.0253  51  PRO A C   
374 O O   . PRO A 51 ? 0.0799 0.0842 0.0971 -0.0012 -0.0007 0.0189  51  PRO A O   
375 C CB  . PRO A 51 ? 0.0859 0.0756 0.0986 0.0139  -0.0064 0.0072  51  PRO A CB  
376 C CG  . PRO A 51 ? 0.1162 0.0772 0.1412 0.0115  -0.0291 -0.0022 51  PRO A CG  
377 C CD  . PRO A 51 ? 0.1100 0.0701 0.1126 -0.0057 -0.0192 0.0007  51  PRO A CD  
378 N N   . HIS A 52 ? 0.0849 0.0772 0.0799 -0.0050 -0.0006 0.0058  52  HIS A N   
379 C CA  . HIS A 52 ? 0.0877 0.0736 0.0827 0.0027  -0.0076 0.0025  52  HIS A CA  
380 C C   . HIS A 52 ? 0.0854 0.0838 0.0492 0.0086  -0.0041 -0.0043 52  HIS A C   
381 O O   . HIS A 52 ? 0.0831 0.0594 0.0862 0.0066  -0.0035 0.0053  52  HIS A O   
382 C CB  . HIS A 52 ? 0.1240 0.1085 0.0743 -0.0042 0.0063  0.0078  52  HIS A CB  
383 C CG  . HIS A 52 ? 0.1689 0.1121 0.1185 0.0064  0.0186  0.0031  52  HIS A CG  
384 N ND1 . HIS A 52 ? 0.2265 0.1980 0.1049 0.0045  -0.0286 0.0416  52  HIS A ND1 
385 C CD2 . HIS A 52 ? 0.1962 0.1297 0.1573 0.0116  0.0328  0.0183  52  HIS A CD2 
386 C CE1 . HIS A 52 ? 0.2213 0.2233 0.1161 0.0348  0.0010  0.0265  52  HIS A CE1 
387 N NE2 . HIS A 52 ? 0.2673 0.2334 0.1394 0.0190  0.0043  0.0281  52  HIS A NE2 
388 N N   . ALA A 53 ? 0.0795 0.0627 0.0895 0.0039  -0.0046 -0.0019 53  ALA A N   
389 C CA  . ALA A 53 ? 0.0927 0.0767 0.0688 0.0040  -0.0041 0.0030  53  ALA A CA  
390 C C   . ALA A 53 ? 0.0952 0.0672 0.0638 0.0018  -0.0008 -0.0010 53  ALA A C   
391 O O   . ALA A 53 ? 0.0843 0.0756 0.0695 -0.0055 -0.0044 0.0112  53  ALA A O   
392 C CB  . ALA A 53 ? 0.0923 0.0853 0.1077 -0.0097 -0.0078 -0.0056 53  ALA A CB  
393 N N   . ARG A 54 ? 0.1004 0.0634 0.0770 -0.0013 0.0149  0.0082  54  ARG A N   
394 C CA  . ARG A 54 ? 0.1179 0.0814 0.0915 0.0090  0.0160  0.0052  54  ARG A CA  
395 C C   . ARG A 54 ? 0.0833 0.0850 0.1118 0.0226  0.0281  0.0038  54  ARG A C   
396 O O   . ARG A 54 ? 0.0996 0.0932 0.1066 0.0060  0.0319  0.0180  54  ARG A O   
397 C CB  . ARG A 54 ? 0.1287 0.1122 0.1278 0.0071  0.0341  -0.0081 54  ARG A CB  
398 C CG  . ARG A 54 ? 0.2285 0.1429 0.1968 0.0031  0.0261  -0.0124 54  ARG A CG  
399 C CD  . ARG A 54 ? 0.2273 0.2131 0.2332 -0.0032 0.0217  -0.0138 54  ARG A CD  
400 N NE  A ARG A 54 ? 0.1539 0.2046 0.2473 0.0011  -0.0034 -0.0249 54  ARG A NE  
401 N NE  B ARG A 54 ? 0.2068 0.1963 0.1939 -0.0128 0.0282  -0.0027 54  ARG A NE  
402 C CZ  A ARG A 54 ? 0.2846 0.2972 0.2925 -0.0156 -0.0005 -0.0222 54  ARG A CZ  
403 C CZ  B ARG A 54 ? 0.1876 0.2241 0.1535 0.0152  0.0008  -0.0240 54  ARG A CZ  
404 N NH1 A ARG A 54 ? 0.3031 0.3182 0.3439 -0.0018 0.0008  -0.0154 54  ARG A NH1 
405 N NH1 B ARG A 54 ? 0.0752 0.1018 0.1132 0.0058  -0.0159 -0.0080 54  ARG A NH1 
406 N NH2 A ARG A 54 ? 0.3033 0.3265 0.3038 -0.0077 -0.0081 -0.0292 54  ARG A NH2 
407 N NH2 B ARG A 54 ? 0.2205 0.3006 0.2383 -0.0133 0.0272  -0.0417 54  ARG A NH2 
408 N N   . ASP A 55 ? 0.0784 0.0906 0.0936 0.0117  0.0100  0.0123  55  ASP A N   
409 C CA  . ASP A 55 ? 0.0870 0.0966 0.1295 -0.0011 0.0030  0.0087  55  ASP A CA  
410 C C   . ASP A 55 ? 0.0805 0.1035 0.1100 -0.0117 -0.0114 0.0219  55  ASP A C   
411 O O   . ASP A 55 ? 0.0759 0.0977 0.1680 -0.0127 -0.0178 0.0227  55  ASP A O   
412 C CB  . ASP A 55 ? 0.0998 0.1098 0.1551 -0.0013 -0.0029 0.0262  55  ASP A CB  
413 C CG  . ASP A 55 ? 0.0830 0.1801 0.1527 -0.0025 -0.0127 0.0452  55  ASP A CG  
414 O OD1 . ASP A 55 ? 0.0885 0.1524 0.2030 0.0094  -0.0151 0.0644  55  ASP A OD1 
415 O OD2 . ASP A 55 ? 0.1286 0.2985 0.2001 -0.0133 -0.0435 0.1019  55  ASP A OD2 
416 N N   . THR A 56 ? 0.0739 0.0646 0.0981 -0.0033 0.0034  -0.0100 56  THR A N   
417 C CA  . THR A 56 ? 0.0856 0.0782 0.0639 -0.0032 0.0065  -0.0101 56  THR A CA  
418 C C   . THR A 56 ? 0.0576 0.0745 0.0888 0.0020  -0.0015 -0.0138 56  THR A C   
419 O O   . THR A 56 ? 0.0773 0.0778 0.1002 -0.0117 -0.0124 0.0070  56  THR A O   
420 C CB  . THR A 56 ? 0.0911 0.0636 0.0678 0.0067  0.0036  -0.0005 56  THR A CB  
421 O OG1 . THR A 56 ? 0.1045 0.0858 0.0697 0.0114  0.0033  -0.0019 56  THR A OG1 
422 C CG2 . THR A 56 ? 0.0759 0.0945 0.0903 -0.0079 0.0082  0.0217  56  THR A CG2 
423 N N   . LEU A 57 ? 0.0711 0.0680 0.0762 -0.0071 0.0022  -0.0018 57  LEU A N   
424 C CA  . LEU A 57 ? 0.0753 0.0798 0.0753 -0.0057 0.0227  0.0010  57  LEU A CA  
425 C C   . LEU A 57 ? 0.0962 0.0849 0.0913 -0.0042 0.0062  -0.0066 57  LEU A C   
426 O O   . LEU A 57 ? 0.1022 0.0850 0.1004 -0.0122 0.0128  0.0006  57  LEU A O   
427 C CB  . LEU A 57 ? 0.0896 0.0985 0.0747 -0.0049 0.0042  -0.0034 57  LEU A CB  
428 C CG  . LEU A 57 ? 0.0826 0.1067 0.0804 0.0068  0.0240  -0.0224 57  LEU A CG  
429 C CD1 . LEU A 57 ? 0.1184 0.1152 0.0657 -0.0104 0.0089  -0.0097 57  LEU A CD1 
430 C CD2 . LEU A 57 ? 0.1203 0.1499 0.1080 -0.0114 -0.0095 -0.0341 57  LEU A CD2 
431 N N   . THR A 58 ? 0.0853 0.0838 0.1103 -0.0111 0.0198  0.0006  58  THR A N   
432 C CA  . THR A 58 ? 0.0750 0.1169 0.1272 -0.0119 0.0272  -0.0164 58  THR A CA  
433 C C   . THR A 58 ? 0.0744 0.1096 0.1354 -0.0039 0.0145  -0.0064 58  THR A C   
434 O O   . THR A 58 ? 0.0839 0.1092 0.1628 -0.0231 0.0405  -0.0170 58  THR A O   
435 C CB  . THR A 58 ? 0.0909 0.1243 0.1650 -0.0085 0.0047  -0.0157 58  THR A CB  
436 O OG1 . THR A 58 ? 0.0898 0.1405 0.1987 0.0079  0.0086  -0.0614 58  THR A OG1 
437 C CG2 . THR A 58 ? 0.1221 0.1491 0.1743 -0.0073 -0.0138 -0.0537 58  THR A CG2 
438 N N   . SER A 59 ? 0.0594 0.0911 0.1176 -0.0092 0.0085  -0.0108 59  SER A N   
439 C CA  . SER A 59 ? 0.0974 0.0967 0.1092 -0.0214 0.0019  -0.0086 59  SER A CA  
440 C C   . SER A 59 ? 0.1023 0.0906 0.1290 -0.0230 -0.0053 -0.0129 59  SER A C   
441 O O   . SER A 59 ? 0.1470 0.1059 0.0997 -0.0413 -0.0006 -0.0093 59  SER A O   
442 C CB  . SER A 59 ? 0.1012 0.0896 0.1298 -0.0195 0.0029  -0.0134 59  SER A CB  
443 O OG  A SER A 59 ? 0.1593 0.1950 0.2081 -0.0146 0.0383  0.0171  59  SER A OG  
444 O OG  B SER A 59 ? 0.0670 0.0976 0.0803 0.0024  -0.0106 0.0129  59  SER A OG  
445 N N   . CYS A 60 ? 0.0886 0.0759 0.1212 -0.0109 -0.0040 0.0020  60  CYS A N   
446 C CA  . CYS A 60 ? 0.1137 0.0803 0.1274 -0.0138 0.0115  -0.0033 60  CYS A CA  
447 C C   . CYS A 60 ? 0.1319 0.0814 0.1452 -0.0193 0.0280  0.0083  60  CYS A C   
448 O O   . CYS A 60 ? 0.1619 0.1127 0.1760 0.0026  0.0500  0.0247  60  CYS A O   
449 C CB  . CYS A 60 ? 0.1075 0.0920 0.0872 -0.0029 0.0210  0.0090  60  CYS A CB  
450 S SG  . CYS A 60 ? 0.0911 0.0820 0.0977 -0.0053 0.0023  0.0049  60  CYS A SG  
451 N N   . GLY A 61 ? 0.1217 0.0946 0.1131 -0.0224 0.0455  0.0014  61  GLY A N   
452 C CA  . GLY A 61 ? 0.1213 0.1440 0.1274 -0.0409 0.0269  0.0248  61  GLY A CA  
453 C C   . GLY A 61 ? 0.1144 0.1447 0.1309 -0.0214 0.0385  0.0054  61  GLY A C   
454 O O   . GLY A 61 ? 0.1775 0.1820 0.1207 -0.0552 0.0464  0.0029  61  GLY A O   
455 N N   . LEU A 62 ? 0.1028 0.1335 0.0853 -0.0235 0.0225  0.0114  62  LEU A N   
456 C CA  . LEU A 62 ? 0.1264 0.1438 0.0806 -0.0109 0.0150  0.0154  62  LEU A CA  
457 C C   . LEU A 62 ? 0.1509 0.1574 0.0987 -0.0133 0.0258  0.0150  62  LEU A C   
458 O O   . LEU A 62 ? 0.1578 0.1344 0.0866 0.0092  0.0179  -0.0267 62  LEU A O   
459 C CB  . LEU A 62 ? 0.1140 0.1328 0.0998 -0.0188 0.0097  0.0145  62  LEU A CB  
460 C CG  . LEU A 62 ? 0.1100 0.1420 0.0968 -0.0231 0.0160  0.0028  62  LEU A CG  
461 C CD1 . LEU A 62 ? 0.1059 0.1577 0.1382 -0.0299 0.0049  0.0319  62  LEU A CD1 
462 C CD2 . LEU A 62 ? 0.1588 0.1399 0.1169 -0.0113 0.0229  0.0299  62  LEU A CD2 
463 N N   . ALA A 63 ? 0.1290 0.1665 0.1309 -0.0104 0.0337  -0.0077 63  ALA A N   
464 C CA  . ALA A 63 ? 0.1404 0.1581 0.1263 -0.0115 0.0226  -0.0159 63  ALA A CA  
465 C C   . ALA A 63 ? 0.1342 0.1598 0.1083 0.0017  0.0131  -0.0430 63  ALA A C   
466 O O   . ALA A 63 ? 0.1119 0.1815 0.0971 -0.0156 0.0079  0.0089  63  ALA A O   
467 C CB  . ALA A 63 ? 0.1868 0.1985 0.1318 -0.0114 0.0522  -0.0185 63  ALA A CB  
468 N N   . VAL A 64 ? 0.1200 0.1837 0.1589 0.0045  0.0005  -0.0301 64  VAL A N   
469 C CA  . VAL A 64 ? 0.1416 0.1565 0.1433 0.0190  -0.0015 -0.0239 64  VAL A CA  
470 C C   . VAL A 64 ? 0.1337 0.1508 0.1683 0.0279  0.0025  -0.0339 64  VAL A C   
471 O O   . VAL A 64 ? 0.1335 0.1919 0.1532 0.0168  0.0027  -0.0415 64  VAL A O   
472 C CB  . VAL A 64 ? 0.1531 0.1744 0.1426 0.0237  -0.0086 -0.0371 64  VAL A CB  
473 C CG1 . VAL A 64 ? 0.2243 0.1994 0.1493 0.0438  -0.0118 -0.0074 64  VAL A CG1 
474 C CG2 . VAL A 64 ? 0.1751 0.1954 0.1511 0.0326  0.0008  -0.0465 64  VAL A CG2 
475 N N   . PRO A 65 ? 0.1290 0.1475 0.1671 0.0092  0.0016  -0.0115 65  PRO A N   
476 C CA  . PRO A 65 ? 0.1358 0.1512 0.1397 0.0093  0.0002  -0.0016 65  PRO A CA  
477 C C   . PRO A 65 ? 0.1590 0.1646 0.1457 0.0190  0.0115  -0.0183 65  PRO A C   
478 O O   . PRO A 65 ? 0.2093 0.1356 0.1625 0.0274  -0.0081 -0.0183 65  PRO A O   
479 C CB  . PRO A 65 ? 0.1432 0.1450 0.1830 0.0065  -0.0191 -0.0031 65  PRO A CB  
480 C CG  . PRO A 65 ? 0.1539 0.1673 0.1450 0.0064  -0.0044 0.0103  65  PRO A CG  
481 C CD  . PRO A 65 ? 0.1482 0.1341 0.1497 -0.0003 0.0114  0.0125  65  PRO A CD  
482 N N   . HIS A 66 ? 0.1746 0.1487 0.1553 0.0181  -0.0028 -0.0127 66  HIS A N   
483 C CA  . HIS A 66 ? 0.1856 0.2013 0.2122 0.0130  0.0061  -0.0212 66  HIS A CA  
484 C C   . HIS A 66 ? 0.2194 0.2243 0.2133 -0.0033 -0.0179 -0.0208 66  HIS A C   
485 O O   . HIS A 66 ? 0.2627 0.3111 0.2519 -0.0233 0.0011  -0.0597 66  HIS A O   
486 C CB  . HIS A 66 ? 0.2080 0.2331 0.2331 0.0106  0.0130  -0.0205 66  HIS A CB  
487 C CG  . HIS A 66 ? 0.2727 0.2952 0.3236 0.0176  -0.0200 0.0170  66  HIS A CG  
488 N ND1 . HIS A 66 ? 0.3226 0.3795 0.4035 -0.0090 -0.0432 0.0175  66  HIS A ND1 
489 C CD2 . HIS A 66 ? 0.3492 0.3785 0.3917 0.0109  -0.0227 0.0240  66  HIS A CD2 
490 C CE1 . HIS A 66 ? 0.3239 0.4024 0.4144 -0.0100 -0.0316 0.0284  66  HIS A CE1 
491 N NE2 . HIS A 66 ? 0.3462 0.3905 0.4041 0.0097  -0.0268 0.0214  66  HIS A NE2 
492 N N   . CYS A 67 ? 0.1965 0.1807 0.2034 0.0266  -0.0164 -0.0307 67  CYS A N   
493 C CA  . CYS A 67 ? 0.2111 0.1723 0.2241 0.0144  -0.0297 -0.0151 67  CYS A CA  
494 C C   . CYS A 67 ? 0.2279 0.2083 0.2876 0.0361  -0.0384 -0.0172 67  CYS A C   
495 O O   . CYS A 67 ? 0.2840 0.2373 0.4046 0.0371  -0.0358 -0.0234 67  CYS A O   
496 C CB  . CYS A 67 ? 0.1984 0.1493 0.1901 0.0214  -0.0439 0.0220  67  CYS A CB  
497 S SG  . CYS A 67 ? 0.1650 0.1598 0.1122 0.0115  -0.0251 0.0250  67  CYS A SG  
498 O OXT . CYS A 67 ? 0.2695 0.2072 0.3218 0.0269  -0.0365 -0.0390 67  CYS A OXT 
499 I I   . IOD B .  ? 0.1694 0.1629 0.1517 0.0029  0.0049  0.0046  101 IOD A I   
500 I I   . IOD C .  ? 0.0905 0.0963 0.1138 0.0002  0.0306  0.0034  102 IOD A I   
501 C C1  . PGM D .  ? 0.7725 0.7674 0.7707 0.0006  -0.0039 -0.0004 103 PGM A C1  
502 O O1  . PGM D .  ? 0.7713 0.7770 0.7825 -0.0048 -0.0069 0.0111  103 PGM A O1  
503 C C2  . PGM D .  ? 0.7603 0.7560 0.7600 -0.0032 -0.0051 0.0017  103 PGM A C2  
504 O O2  . PGM D .  ? 0.7826 0.7914 0.7783 -0.0049 -0.0099 -0.0003 103 PGM A O2  
505 C C3  . PGM D .  ? 0.7599 0.7482 0.7647 -0.0057 -0.0113 0.0010  103 PGM A C3  
506 O O4  . PGM D .  ? 0.7644 0.7175 0.7502 -0.0122 -0.0061 -0.0032 103 PGM A O4  
507 P P5  . PGM D .  ? 0.7158 0.6649 0.7226 -0.0217 0.0014  -0.0029 103 PGM A P5  
508 O O5A . PGM D .  ? 0.7527 0.6952 0.7394 -0.0055 0.0076  0.0104  103 PGM A O5A 
509 O O5B . PGM D .  ? 0.7437 0.7148 0.7468 -0.0050 -0.0112 0.0017  103 PGM A O5B 
510 O O6  . PGM D .  ? 0.6895 0.6506 0.7000 -0.0084 -0.0083 -0.0091 103 PGM A O6  
511 C C7  . PGM D .  ? 0.6469 0.6126 0.6459 -0.0052 -0.0023 -0.0060 103 PGM A C7  
512 C C8  . PGM D .  ? 0.6381 0.6120 0.6427 -0.0008 -0.0098 -0.0039 103 PGM A C8  
513 O O8  . PGM D .  ? 0.6596 0.6509 0.6456 0.0349  0.0015  -0.0068 103 PGM A O8  
514 C C9  . PGM D .  ? 0.5970 0.5970 0.6095 0.0074  0.0038  -0.0052 103 PGM A C9  
515 O OQ1 . PGM D .  ? 0.5684 0.5507 0.5678 0.0099  0.0125  -0.0046 103 PGM A OQ1 
516 O OQ2 . PGM D .  ? 0.5898 0.5893 0.5971 0.0041  0.0092  -0.0096 103 PGM A OQ2 
517 C CA  . PGM D .  ? 0.5610 0.5610 0.5589 0.0046  0.0061  -0.0048 103 PGM A CA  
518 C CB  . PGM D .  ? 0.5519 0.5477 0.5369 0.0035  0.0072  -0.0060 103 PGM A CB  
519 C CC  . PGM D .  ? 0.5177 0.5226 0.5197 -0.0013 0.0040  -0.0001 103 PGM A CC  
520 C CD  . PGM D .  ? 0.4436 0.4248 0.4291 0.0019  0.0019  0.0186  103 PGM A CD  
521 C CE  . PGM D .  ? 0.3843 0.3937 0.3404 0.0108  0.0149  0.0149  103 PGM A CE  
522 C CF  . PGM D .  ? 0.3532 0.3535 0.2933 0.0115  -0.0009 0.0481  103 PGM A CF  
523 C CG  . PGM D .  ? 0.3583 0.3577 0.3781 0.0059  0.0002  0.0159  103 PGM A CG  
524 C CH  . PGM D .  ? 0.3240 0.3234 0.3372 0.0159  0.0185  0.0073  103 PGM A CH  
525 C CI  . PGM D .  ? 0.3298 0.3417 0.3280 -0.0071 0.0005  0.0248  103 PGM A CI  
526 C CJ  . PGM D .  ? 0.2954 0.2806 0.2898 -0.0064 0.0057  -0.0023 103 PGM A CJ  
527 C CK  . PGM D .  ? 0.2578 0.2568 0.2732 0.0138  0.0014  0.0035  103 PGM A CK  
528 C CL  . PGM D .  ? 0.2005 0.2356 0.1742 -0.0297 0.0329  -0.0258 103 PGM A CL  
529 C CM  . PGM D .  ? 0.2040 0.1947 0.1412 -0.0159 -0.0262 0.0185  103 PGM A CM  
530 C CN  . PGM D .  ? 0.1566 0.1700 0.1313 -0.0322 -0.0166 0.0302  103 PGM A CN  
531 C CO  . PGM D .  ? 0.1777 0.1412 0.1600 -0.0167 0.0336  0.0285  103 PGM A CO  
532 C CP  . PGM D .  ? 0.2453 0.1895 0.1783 0.0342  0.0137  0.0213  103 PGM A CP  
533 C CG  . PGM E .  ? 0.2807 0.2808 0.2603 -0.0233 0.0045  0.0024  104 PGM A CG  
534 C CH  . PGM E .  ? 0.2629 0.2741 0.2686 0.0128  0.0043  0.0015  104 PGM A CH  
535 C CI  . PGM E .  ? 0.2890 0.3022 0.2854 -0.0026 0.0262  0.0054  104 PGM A CI  
536 C CJ  . PGM E .  ? 0.2828 0.3111 0.2891 -0.0191 0.0224  0.0133  104 PGM A CJ  
537 C CK  . PGM E .  ? 0.3181 0.2628 0.2881 -0.0044 -0.0060 0.0209  104 PGM A CK  
538 C CL  . PGM E .  ? 0.2851 0.2481 0.2583 -0.0123 -0.0186 0.0112  104 PGM A CL  
539 C CM  . PGM E .  ? 0.2992 0.2370 0.2678 -0.0089 0.0021  0.0043  104 PGM A CM  
540 C CN  . PGM E .  ? 0.3392 0.2563 0.3181 -0.0028 0.0029  -0.0084 104 PGM A CN  
541 C CO  . PGM E .  ? 0.3371 0.3074 0.3024 0.0018  0.0059  0.0085  104 PGM A CO  
542 C CP  . PGM E .  ? 0.3171 0.3081 0.3212 0.0041  0.0158  0.0059  104 PGM A CP  
# 
